data_8IJM
#
_entry.id   8IJM
#
_cell.length_a   1.00
_cell.length_b   1.00
_cell.length_c   1.00
_cell.angle_alpha   90.00
_cell.angle_beta   90.00
_cell.angle_gamma   90.00
#
_symmetry.space_group_name_H-M   'P 1'
#
loop_
_entity.id
_entity.type
_entity.pdbx_description
1 polymer 'Sodium/potassium-transporting ATPase subunit alpha'
2 polymer 'Sodium/potassium-transporting ATPase subunit beta-1'
3 non-polymer 'PHOSPHOMETHYLPHOSPHONIC ACID ADENYLATE ESTER'
4 non-polymer 1,2-DIOLEOYL-SN-GLYCERO-3-PHOSPHOCHOLINE
5 non-polymer CHOLESTEROL
6 non-polymer 'SODIUM ION'
7 non-polymer 2-acetamido-2-deoxy-beta-D-glucopyranose
#
loop_
_entity_poly.entity_id
_entity_poly.type
_entity_poly.pdbx_seq_one_letter_code
_entity_poly.pdbx_strand_id
1 'polypeptide(L)'
;GMDLDDHRLSNTELEQKYGTNIIQGLSSVRATELLARDGPNTLTPPKQTPEIIKFLKQMVGGFSILLWIGAALCWIAFVI
QYVNNSASLDNVYLGAILVLVVILTGIFAYYQEAKSTNIMASFSKMIPQQALVIRDAEKKVISAEQLVVGDVVEIKGGDQ
IPADIRLVFSQGCKVDNSSLTGESEPQARSTEFTHENPLETKNIGFYSTTCLEGTATGIVINTGDRTIIGRIASLASGVG
SEKTPIAIEIEHFVHIVAGVAVSIDIIFFITAVCMKYYVLDAIIFLISIIVANVPEGLLATVTVTLSLTAKRMAKKNCLV
KNLEAVETLGSTSIICSDKTGTLTQNRMTVAHLWFDNQIFVADTSENQTKQAFDQSSGTWASLSKIITLCNRAEFRPGQE
SVPIMKRTVVGDASETALLKFSEVILGDVMGIRKRNHKVAEIPFNSTNKFQLSIHETEDPNNKRFLVVMKGAPERILEKC
STIMINGQEQPLDKSSADSFHTAYMELGGLGERVLGFCHLYLPAEQFPQSYIFDVDSVNFPTSNFCFVGLLSMIDPPRST
VPDAVSKCRSAGIKVIMVTGDHPITAKAIAKSVGIISANNETVEDIAKRRNIAVEQVNKREAKAAVVTGMELKDMTPEQL
DELLTNYQEIVFARTSPQQKLIIVEGCQRQDAIVAVTGDGVNDSPALKKADIGIAMGIAGSDAAKNAADMVLLDDNFASI
VTGVEEGRLIFDNLKKTIAYTLTANIAELCPFLIYIVAGLPLPIGTITILFIDLGTDIIPSIALAYEKAESDIMNRKPRH
KKKDRLVNTQLAIYSYLHIGLMQALGGFLVYFTVYAQQGFWPTSLINLRVAWETDDINDLEDSYGQEWTRYQRKYLEWTG
STAFFVAIMIQQIADLIIRKTRRNSIFQQGLFRNKVIWVGIASQVIVALILSYGLGSVPALSFTMLRVQYWFVAVPHAIL
IWVYDEMRKLFIRLYPGSWWDKNMYY
;
A
2 'polypeptide(L)'
;MGDYKDDDDKSSGENLYFQGMARGKAKEEGSWKKFIWNSEKKEFLGRTGGSWFKILLFYVIFYGCLAGIFIGTIQVMLLT
ISELKPTYQDRVAPPGLTQIPQIQKTEISFRPNDPKSYEAYVLNIIRFLEKYKDSAQKDDMIFEDCGSMPSEPKERGEFN
HERGERKVCRFKLDWLGNCSGLNDESYGYKEGKPCIIIKLNRVLGFKPKPPKNESLETYPLTMKYNPNVLPVQCTGKRDE
DKDKVGNIEYFGMGGFYGFPLQYYPYYGKLLQPKYLQPLLAVQFTNLTLDTEIRIECKAYGENIGYSEKDRFQGRFDVKI
EVKS
;
B
#
loop_
_chem_comp.id
_chem_comp.type
_chem_comp.name
_chem_comp.formula
ACP non-polymer 'PHOSPHOMETHYLPHOSPHONIC ACID ADENYLATE ESTER' 'C11 H18 N5 O12 P3'
CLR non-polymer CHOLESTEROL 'C27 H46 O'
NA non-polymer 'SODIUM ION' 'Na 1'
NAG D-saccharide, beta linking 2-acetamido-2-deoxy-beta-D-glucopyranose 'C8 H15 N O6'
PCW non-polymer 1,2-DIOLEOYL-SN-GLYCERO-3-PHOSPHOCHOLINE 'C44 H85 N O8 P 1'
#
# COMPACT_ATOMS: atom_id res chain seq x y z
N GLY A 1 -21.09 -21.80 -26.88
CA GLY A 1 -21.55 -22.65 -27.96
C GLY A 1 -21.39 -24.13 -27.67
N MET A 2 -20.30 -24.71 -28.17
CA MET A 2 -20.01 -26.12 -27.97
C MET A 2 -18.56 -26.30 -27.51
N ASP A 3 -18.32 -27.35 -26.75
CA ASP A 3 -16.99 -27.65 -26.22
C ASP A 3 -16.17 -28.53 -27.14
N LEU A 4 -16.72 -28.94 -28.28
CA LEU A 4 -16.04 -29.86 -29.19
C LEU A 4 -15.84 -29.21 -30.55
N ASP A 5 -14.73 -29.54 -31.19
CA ASP A 5 -14.42 -29.10 -32.54
C ASP A 5 -14.44 -30.30 -33.49
N ASP A 6 -15.01 -30.11 -34.67
CA ASP A 6 -15.16 -31.19 -35.64
C ASP A 6 -13.88 -31.26 -36.47
N HIS A 7 -13.01 -32.20 -36.09
CA HIS A 7 -11.74 -32.40 -36.78
C HIS A 7 -11.43 -33.86 -37.10
N ARG A 8 -12.07 -34.82 -36.43
CA ARG A 8 -11.81 -36.23 -36.71
C ARG A 8 -12.27 -36.63 -38.11
N LEU A 9 -13.30 -35.97 -38.62
CA LEU A 9 -13.88 -36.34 -39.90
C LEU A 9 -12.92 -36.04 -41.05
N SER A 10 -13.03 -36.83 -42.11
CA SER A 10 -12.22 -36.62 -43.31
C SER A 10 -12.83 -35.52 -44.16
N ASN A 11 -12.16 -35.21 -45.29
CA ASN A 11 -12.56 -34.07 -46.10
C ASN A 11 -13.98 -34.24 -46.65
N THR A 12 -14.33 -35.46 -47.07
CA THR A 12 -15.65 -35.69 -47.69
C THR A 12 -16.78 -35.35 -46.72
N GLU A 13 -16.65 -35.79 -45.47
CA GLU A 13 -17.68 -35.49 -44.47
C GLU A 13 -17.42 -34.18 -43.73
N LEU A 14 -16.18 -33.68 -43.72
CA LEU A 14 -15.96 -32.31 -43.26
C LEU A 14 -16.61 -31.30 -44.18
N GLU A 15 -16.81 -31.66 -45.45
CA GLU A 15 -17.60 -30.81 -46.33
C GLU A 15 -19.08 -30.83 -45.96
N GLN A 16 -19.58 -31.98 -45.52
CA GLN A 16 -21.00 -32.10 -45.19
C GLN A 16 -21.33 -31.50 -43.83
N LYS A 17 -20.40 -31.55 -42.87
CA LYS A 17 -20.73 -31.14 -41.51
C LYS A 17 -21.09 -29.65 -41.45
N TYR A 18 -20.36 -28.80 -42.16
CA TYR A 18 -20.64 -27.36 -42.18
C TYR A 18 -20.98 -26.84 -43.56
N GLY A 19 -21.18 -27.72 -44.54
CA GLY A 19 -21.54 -27.28 -45.87
C GLY A 19 -20.47 -26.46 -46.56
N THR A 20 -19.33 -27.08 -46.87
CA THR A 20 -18.21 -26.40 -47.51
C THR A 20 -17.69 -27.25 -48.67
N ASN A 21 -16.68 -26.72 -49.35
CA ASN A 21 -15.99 -27.42 -50.42
C ASN A 21 -14.49 -27.21 -50.27
N ILE A 22 -13.72 -28.25 -50.59
CA ILE A 22 -12.27 -28.19 -50.38
C ILE A 22 -11.62 -27.23 -51.37
N ILE A 23 -12.03 -27.27 -52.63
CA ILE A 23 -11.32 -26.56 -53.68
C ILE A 23 -11.98 -25.22 -53.99
N GLN A 24 -13.23 -25.26 -54.45
CA GLN A 24 -13.90 -24.07 -54.95
C GLN A 24 -14.58 -23.25 -53.87
N GLY A 25 -14.62 -23.72 -52.62
CA GLY A 25 -15.32 -22.99 -51.59
C GLY A 25 -16.82 -22.96 -51.86
N LEU A 26 -17.42 -21.79 -51.72
CA LEU A 26 -18.85 -21.61 -51.92
C LEU A 26 -19.11 -20.37 -52.76
N SER A 27 -20.24 -20.38 -53.46
CA SER A 27 -20.64 -19.23 -54.27
C SER A 27 -21.09 -18.09 -53.38
N SER A 28 -21.30 -16.93 -54.00
CA SER A 28 -21.67 -15.73 -53.26
C SER A 28 -23.01 -15.89 -52.56
N VAL A 29 -23.99 -16.49 -53.23
CA VAL A 29 -25.33 -16.62 -52.68
C VAL A 29 -25.36 -17.45 -51.41
N ARG A 30 -24.40 -18.36 -51.22
CA ARG A 30 -24.30 -19.17 -50.02
C ARG A 30 -23.29 -18.62 -49.03
N ALA A 31 -22.16 -18.10 -49.52
CA ALA A 31 -21.16 -17.54 -48.62
C ALA A 31 -21.69 -16.32 -47.89
N THR A 32 -22.44 -15.46 -48.58
CA THR A 32 -23.02 -14.30 -47.92
C THR A 32 -24.01 -14.71 -46.84
N GLU A 33 -24.84 -15.71 -47.12
CA GLU A 33 -25.79 -16.18 -46.11
C GLU A 33 -25.07 -16.77 -44.91
N LEU A 34 -24.02 -17.56 -45.14
CA LEU A 34 -23.27 -18.12 -44.02
C LEU A 34 -22.57 -17.03 -43.21
N LEU A 35 -22.03 -16.02 -43.88
CA LEU A 35 -21.40 -14.91 -43.18
C LEU A 35 -22.40 -14.14 -42.33
N ALA A 36 -23.60 -13.92 -42.87
CA ALA A 36 -24.65 -13.30 -42.08
C ALA A 36 -25.05 -14.16 -40.89
N ARG A 37 -25.08 -15.48 -41.08
CA ARG A 37 -25.40 -16.38 -39.97
C ARG A 37 -24.36 -16.31 -38.86
N ASP A 38 -23.07 -16.28 -39.24
CA ASP A 38 -22.01 -16.29 -38.25
C ASP A 38 -21.64 -14.87 -37.79
N GLY A 39 -21.22 -14.02 -38.72
CA GLY A 39 -20.86 -12.66 -38.40
C GLY A 39 -19.38 -12.38 -38.63
N PRO A 40 -18.92 -11.22 -38.16
CA PRO A 40 -17.52 -10.85 -38.36
C PRO A 40 -16.59 -11.67 -37.47
N ASN A 41 -15.31 -11.68 -37.84
CA ASN A 41 -14.26 -12.38 -37.10
C ASN A 41 -13.10 -11.42 -36.88
N THR A 42 -13.09 -10.77 -35.71
CA THR A 42 -12.02 -9.85 -35.36
C THR A 42 -11.87 -9.82 -33.85
N LEU A 43 -10.70 -9.35 -33.40
CA LEU A 43 -10.38 -9.25 -31.98
C LEU A 43 -10.32 -7.78 -31.60
N THR A 44 -11.28 -7.36 -30.77
CA THR A 44 -11.37 -5.98 -30.30
C THR A 44 -11.59 -5.97 -28.80
N PRO A 45 -11.17 -4.90 -28.12
CA PRO A 45 -11.33 -4.84 -26.65
C PRO A 45 -12.52 -4.00 -26.21
N PRO A 46 -13.44 -3.60 -27.10
CA PRO A 46 -14.23 -2.39 -26.82
C PRO A 46 -15.17 -2.53 -25.64
N LYS A 47 -15.45 -3.74 -25.18
CA LYS A 47 -16.39 -3.93 -24.07
C LYS A 47 -15.88 -3.23 -22.82
N GLN A 48 -16.77 -2.46 -22.20
CA GLN A 48 -16.45 -1.73 -20.98
C GLN A 48 -17.78 -1.38 -20.29
N THR A 49 -17.68 -1.07 -19.01
CA THR A 49 -18.87 -0.74 -18.23
C THR A 49 -19.53 0.52 -18.78
N PRO A 50 -20.85 0.67 -18.60
CA PRO A 50 -21.51 1.92 -19.01
C PRO A 50 -21.01 3.11 -18.19
N GLU A 51 -20.22 2.81 -17.15
CA GLU A 51 -19.41 3.72 -16.34
C GLU A 51 -20.28 4.58 -15.42
N ILE A 52 -21.60 4.55 -15.61
CA ILE A 52 -22.48 5.17 -14.63
C ILE A 52 -22.55 4.31 -13.38
N ILE A 53 -22.69 2.99 -13.56
CA ILE A 53 -22.61 2.07 -12.43
C ILE A 53 -21.22 2.14 -11.80
N LYS A 54 -20.19 2.42 -12.60
CA LYS A 54 -18.85 2.50 -12.03
C LYS A 54 -18.69 3.75 -11.17
N PHE A 55 -19.20 4.90 -11.63
CA PHE A 55 -19.19 6.08 -10.77
C PHE A 55 -20.04 5.88 -9.53
N LEU A 56 -21.16 5.16 -9.65
CA LEU A 56 -21.97 4.90 -8.46
C LEU A 56 -21.24 3.99 -7.48
N LYS A 57 -20.53 2.97 -7.99
CA LYS A 57 -19.80 2.06 -7.10
C LYS A 57 -18.62 2.75 -6.45
N GLN A 58 -17.91 3.61 -7.19
CA GLN A 58 -16.82 4.37 -6.59
C GLN A 58 -17.35 5.48 -5.69
N MET A 59 -18.62 5.85 -5.86
CA MET A 59 -19.19 6.93 -5.07
C MET A 59 -19.35 6.51 -3.61
N VAL A 60 -19.92 5.32 -3.39
CA VAL A 60 -20.02 4.72 -2.06
C VAL A 60 -19.44 3.31 -2.16
N GLY A 61 -18.44 3.03 -1.34
CA GLY A 61 -17.80 1.73 -1.33
C GLY A 61 -16.73 1.62 -0.26
N GLY A 62 -16.78 0.55 0.54
CA GLY A 62 -15.80 0.37 1.59
C GLY A 62 -15.97 1.38 2.71
N PHE A 63 -15.05 2.35 2.80
CA PHE A 63 -15.11 3.34 3.87
C PHE A 63 -16.15 4.41 3.61
N SER A 64 -16.68 4.50 2.39
CA SER A 64 -17.58 5.60 2.05
C SER A 64 -18.94 5.47 2.74
N ILE A 65 -19.40 4.24 2.99
CA ILE A 65 -20.69 4.08 3.66
C ILE A 65 -20.62 4.62 5.08
N LEU A 66 -19.53 4.34 5.79
CA LEU A 66 -19.37 4.86 7.16
C LEU A 66 -19.33 6.38 7.17
N LEU A 67 -18.65 6.97 6.18
CA LEU A 67 -18.52 8.43 6.17
C LEU A 67 -19.84 9.08 5.76
N TRP A 68 -20.62 8.44 4.88
CA TRP A 68 -21.96 8.95 4.58
C TRP A 68 -22.87 8.86 5.81
N ILE A 69 -22.76 7.76 6.56
CA ILE A 69 -23.52 7.66 7.82
C ILE A 69 -23.11 8.77 8.76
N GLY A 70 -21.82 9.07 8.85
CA GLY A 70 -21.35 10.16 9.69
C GLY A 70 -21.88 11.51 9.23
N ALA A 71 -21.93 11.74 7.93
CA ALA A 71 -22.48 12.99 7.41
C ALA A 71 -23.95 13.12 7.75
N ALA A 72 -24.71 12.04 7.62
CA ALA A 72 -26.12 12.07 8.01
C ALA A 72 -26.26 12.36 9.49
N LEU A 73 -25.39 11.77 10.32
CA LEU A 73 -25.42 12.05 11.75
C LEU A 73 -25.10 13.52 12.03
N CYS A 74 -24.17 14.10 11.27
CA CYS A 74 -23.83 15.51 11.44
C CYS A 74 -25.01 16.42 11.08
N TRP A 75 -25.71 16.10 9.99
CA TRP A 75 -26.88 16.89 9.63
C TRP A 75 -27.97 16.77 10.68
N ILE A 76 -28.18 15.56 11.21
CA ILE A 76 -29.15 15.36 12.28
C ILE A 76 -28.75 16.16 13.52
N ALA A 77 -27.45 16.16 13.84
CA ALA A 77 -26.96 16.94 14.97
C ALA A 77 -27.23 18.43 14.77
N PHE A 78 -27.02 18.93 13.55
CA PHE A 78 -27.28 20.34 13.30
C PHE A 78 -28.75 20.67 13.46
N VAL A 79 -29.64 19.82 12.95
CA VAL A 79 -31.07 20.13 13.07
C VAL A 79 -31.51 20.04 14.53
N ILE A 80 -30.96 19.10 15.29
CA ILE A 80 -31.27 19.01 16.72
C ILE A 80 -30.77 20.25 17.46
N GLN A 81 -29.57 20.71 17.11
CA GLN A 81 -29.04 21.93 17.73
C GLN A 81 -29.90 23.13 17.38
N TYR A 82 -30.36 23.22 16.14
CA TYR A 82 -31.24 24.31 15.73
C TYR A 82 -32.58 24.24 16.44
N VAL A 83 -33.01 23.04 16.83
CA VAL A 83 -34.23 22.91 17.64
C VAL A 83 -34.09 23.70 18.94
N ASN A 84 -32.90 23.67 19.54
CA ASN A 84 -32.62 24.41 20.76
C ASN A 84 -32.39 25.90 20.53
N ASN A 85 -32.73 26.41 19.34
CA ASN A 85 -32.68 27.82 18.97
C ASN A 85 -31.25 28.37 18.92
N SER A 86 -30.24 27.50 18.97
CA SER A 86 -28.85 27.92 18.86
C SER A 86 -28.24 27.32 17.61
N ALA A 87 -27.49 28.14 16.86
CA ALA A 87 -26.86 27.70 15.61
C ALA A 87 -25.47 28.34 15.53
N SER A 88 -24.46 27.60 15.96
CA SER A 88 -23.08 28.08 15.83
C SER A 88 -22.50 27.81 14.45
N LEU A 89 -23.21 27.04 13.62
CA LEU A 89 -22.84 26.72 12.24
C LEU A 89 -21.53 25.94 12.12
N ASP A 90 -20.98 25.46 13.23
CA ASP A 90 -19.78 24.63 13.15
C ASP A 90 -20.07 23.29 12.50
N ASN A 91 -21.32 22.82 12.60
CA ASN A 91 -21.67 21.55 11.98
C ASN A 91 -21.82 21.68 10.47
N VAL A 92 -22.21 22.86 9.98
CA VAL A 92 -22.35 23.06 8.54
C VAL A 92 -21.00 22.88 7.84
N TYR A 93 -19.96 23.54 8.37
CA TYR A 93 -18.64 23.42 7.77
C TYR A 93 -18.13 21.99 7.86
N LEU A 94 -18.33 21.34 9.00
CA LEU A 94 -17.87 19.96 9.17
C LEU A 94 -18.55 19.04 8.16
N GLY A 95 -19.87 19.16 8.01
CA GLY A 95 -20.57 18.31 7.07
C GLY A 95 -20.19 18.59 5.63
N ALA A 96 -20.03 19.87 5.27
CA ALA A 96 -19.64 20.23 3.92
C ALA A 96 -18.27 19.68 3.57
N ILE A 97 -17.30 19.85 4.47
CA ILE A 97 -15.96 19.33 4.22
C ILE A 97 -15.97 17.80 4.21
N LEU A 98 -16.83 17.20 5.04
CA LEU A 98 -16.91 15.74 5.08
C LEU A 98 -17.44 15.17 3.76
N VAL A 99 -18.45 15.83 3.18
CA VAL A 99 -18.95 15.39 1.88
C VAL A 99 -17.93 15.68 0.78
N LEU A 100 -17.26 16.83 0.88
CA LEU A 100 -16.21 17.16 -0.08
C LEU A 100 -15.08 16.13 -0.04
N VAL A 101 -14.84 15.53 1.12
CA VAL A 101 -13.81 14.49 1.23
C VAL A 101 -14.19 13.29 0.38
N VAL A 102 -15.45 12.87 0.43
CA VAL A 102 -15.90 11.75 -0.39
C VAL A 102 -15.85 12.13 -1.87
N ILE A 103 -16.20 13.37 -2.20
CA ILE A 103 -16.14 13.79 -3.60
C ILE A 103 -14.70 13.73 -4.11
N LEU A 104 -13.75 14.23 -3.32
CA LEU A 104 -12.34 14.17 -3.70
C LEU A 104 -11.79 12.75 -3.74
N THR A 105 -12.25 11.87 -2.84
CA THR A 105 -11.79 10.48 -2.92
C THR A 105 -12.36 9.80 -4.15
N GLY A 106 -13.57 10.18 -4.59
CA GLY A 106 -14.08 9.69 -5.85
C GLY A 106 -13.28 10.20 -7.04
N ILE A 107 -12.87 11.48 -6.99
CA ILE A 107 -12.02 12.02 -8.04
C ILE A 107 -10.68 11.28 -8.08
N PHE A 108 -10.09 11.05 -6.91
CA PHE A 108 -8.83 10.31 -6.84
C PHE A 108 -9.00 8.87 -7.30
N ALA A 109 -10.18 8.28 -7.08
CA ALA A 109 -10.44 6.93 -7.56
C ALA A 109 -10.58 6.90 -9.08
N TYR A 110 -11.21 7.92 -9.67
CA TYR A 110 -11.24 8.03 -11.11
C TYR A 110 -9.83 8.23 -11.67
N TYR A 111 -8.97 8.96 -10.94
CA TYR A 111 -7.56 9.02 -11.28
C TYR A 111 -6.92 7.63 -11.19
N GLN A 112 -7.32 6.85 -10.19
CA GLN A 112 -6.86 5.48 -10.07
C GLN A 112 -7.44 4.62 -11.19
N GLU A 113 -6.83 3.45 -11.39
CA GLU A 113 -7.10 2.52 -12.49
C GLU A 113 -7.15 3.23 -13.84
N ALA A 114 -6.55 4.41 -13.93
CA ALA A 114 -6.31 5.12 -15.18
C ALA A 114 -4.82 5.34 -15.43
N LYS A 115 -4.11 5.92 -14.46
CA LYS A 115 -2.66 5.96 -14.53
C LYS A 115 -2.07 4.57 -14.31
N SER A 116 -2.69 3.77 -13.44
CA SER A 116 -2.28 2.38 -13.29
C SER A 116 -2.59 1.59 -14.56
N THR A 117 -3.74 1.86 -15.18
CA THR A 117 -4.06 1.24 -16.46
C THR A 117 -3.06 1.67 -17.54
N ASN A 118 -2.69 2.95 -17.55
CA ASN A 118 -1.67 3.42 -18.49
C ASN A 118 -0.35 2.70 -18.26
N ILE A 119 0.02 2.51 -17.00
CA ILE A 119 1.18 1.69 -16.69
C ILE A 119 0.92 0.24 -17.10
N MET A 120 -0.30 -0.26 -16.86
CA MET A 120 -0.64 -1.62 -17.24
C MET A 120 -0.62 -1.79 -18.76
N ALA A 121 -1.11 -0.79 -19.50
CA ALA A 121 -1.18 -0.91 -20.95
C ALA A 121 0.20 -1.01 -21.58
N SER A 122 1.22 -0.43 -20.94
CA SER A 122 2.58 -0.49 -21.49
C SER A 122 3.17 -1.88 -21.39
N PHE A 123 2.65 -2.73 -20.52
CA PHE A 123 3.19 -4.09 -20.33
C PHE A 123 2.41 -5.04 -21.23
N SER A 124 2.82 -5.13 -22.49
CA SER A 124 2.13 -5.97 -23.46
C SER A 124 3.05 -6.21 -24.64
N LYS A 125 2.93 -7.38 -25.27
CA LYS A 125 3.78 -7.78 -26.38
C LYS A 125 2.94 -7.95 -27.65
N MET A 126 3.42 -7.39 -28.77
CA MET A 126 2.79 -7.55 -30.07
C MET A 126 3.40 -8.72 -30.84
N ILE A 127 2.72 -9.08 -31.93
CA ILE A 127 3.26 -9.95 -32.97
C ILE A 127 2.95 -9.26 -34.29
N PRO A 128 3.80 -9.38 -35.33
CA PRO A 128 3.44 -8.80 -36.63
C PRO A 128 2.11 -9.33 -37.14
N GLN A 129 1.10 -8.45 -37.21
CA GLN A 129 -0.27 -8.83 -37.51
C GLN A 129 -0.76 -8.10 -38.75
N GLN A 130 -1.41 -8.85 -39.64
CA GLN A 130 -2.09 -8.28 -40.79
C GLN A 130 -3.27 -9.17 -41.14
N ALA A 131 -4.26 -8.58 -41.82
CA ALA A 131 -5.50 -9.27 -42.16
C ALA A 131 -5.75 -9.30 -43.66
N LEU A 132 -4.71 -9.10 -44.48
CA LEU A 132 -4.84 -9.09 -45.93
C LEU A 132 -4.18 -10.35 -46.49
N VAL A 133 -4.92 -11.07 -47.34
CA VAL A 133 -4.40 -12.28 -47.98
C VAL A 133 -5.19 -12.52 -49.26
N ILE A 134 -4.57 -13.22 -50.20
CA ILE A 134 -5.20 -13.59 -51.45
C ILE A 134 -5.49 -15.08 -51.41
N ARG A 135 -6.74 -15.45 -51.69
CA ARG A 135 -7.21 -16.79 -51.34
C ARG A 135 -8.46 -17.12 -52.15
N ASP A 136 -9.14 -18.20 -51.75
CA ASP A 136 -10.41 -18.64 -52.33
C ASP A 136 -10.26 -18.98 -53.81
N ALA A 137 -9.45 -20.02 -54.05
CA ALA A 137 -9.26 -20.58 -55.39
C ALA A 137 -8.74 -19.50 -56.34
N GLU A 138 -9.65 -18.86 -57.07
CA GLU A 138 -9.29 -17.74 -57.92
C GLU A 138 -8.57 -16.68 -57.11
N LYS A 139 -7.46 -16.18 -57.65
CA LYS A 139 -6.60 -15.26 -56.93
C LYS A 139 -7.28 -13.90 -56.83
N LYS A 140 -7.91 -13.64 -55.69
CA LYS A 140 -8.57 -12.38 -55.42
C LYS A 140 -8.21 -11.90 -54.02
N VAL A 141 -8.13 -10.58 -53.87
CA VAL A 141 -7.83 -9.97 -52.56
C VAL A 141 -9.14 -9.88 -51.79
N ILE A 142 -9.27 -10.66 -50.74
CA ILE A 142 -10.48 -10.72 -49.92
C ILE A 142 -10.12 -10.36 -48.49
N SER A 143 -10.90 -9.45 -47.89
CA SER A 143 -10.65 -9.03 -46.53
C SER A 143 -10.95 -10.15 -45.54
N ALA A 144 -10.31 -10.07 -44.37
CA ALA A 144 -10.52 -11.07 -43.34
C ALA A 144 -11.95 -11.05 -42.80
N GLU A 145 -12.64 -9.92 -42.94
CA GLU A 145 -14.02 -9.82 -42.47
C GLU A 145 -14.97 -10.70 -43.28
N GLN A 146 -14.59 -11.08 -44.50
CA GLN A 146 -15.43 -11.93 -45.34
C GLN A 146 -15.14 -13.42 -45.15
N LEU A 147 -14.15 -13.77 -44.33
CA LEU A 147 -13.86 -15.17 -44.06
C LEU A 147 -14.91 -15.75 -43.12
N VAL A 148 -15.54 -16.84 -43.57
CA VAL A 148 -16.58 -17.52 -42.81
C VAL A 148 -16.57 -19.00 -43.21
N VAL A 149 -17.35 -19.81 -42.49
CA VAL A 149 -17.45 -21.23 -42.82
C VAL A 149 -17.90 -21.39 -44.27
N GLY A 150 -17.36 -22.40 -44.94
CA GLY A 150 -17.65 -22.64 -46.33
C GLY A 150 -16.69 -21.98 -47.30
N ASP A 151 -15.78 -21.15 -46.80
CA ASP A 151 -14.82 -20.44 -47.65
C ASP A 151 -13.42 -20.95 -47.34
N VAL A 152 -12.68 -21.33 -48.38
CA VAL A 152 -11.30 -21.79 -48.24
C VAL A 152 -10.36 -20.61 -48.39
N VAL A 153 -9.30 -20.60 -47.59
CA VAL A 153 -8.33 -19.51 -47.57
C VAL A 153 -6.94 -20.10 -47.75
N GLU A 154 -6.21 -19.57 -48.72
CA GLU A 154 -4.81 -19.92 -48.94
C GLU A 154 -3.93 -18.89 -48.25
N ILE A 155 -3.09 -19.34 -47.32
CA ILE A 155 -2.28 -18.46 -46.51
C ILE A 155 -0.81 -18.65 -46.88
N LYS A 156 -0.02 -17.62 -46.59
CA LYS A 156 1.41 -17.62 -46.85
C LYS A 156 2.14 -17.23 -45.57
N GLY A 157 3.36 -17.74 -45.42
CA GLY A 157 4.13 -17.46 -44.22
C GLY A 157 4.54 -16.01 -44.11
N GLY A 158 4.80 -15.58 -42.88
CA GLY A 158 5.21 -14.23 -42.59
C GLY A 158 4.15 -13.34 -41.97
N ASP A 159 3.00 -13.89 -41.59
CA ASP A 159 1.94 -13.10 -40.98
C ASP A 159 1.17 -14.00 -40.02
N GLN A 160 -0.02 -13.57 -39.61
CA GLN A 160 -0.88 -14.34 -38.74
C GLN A 160 -2.00 -15.00 -39.54
N ILE A 161 -2.59 -16.02 -38.93
CA ILE A 161 -3.69 -16.74 -39.60
C ILE A 161 -4.93 -15.86 -39.62
N PRO A 162 -5.52 -15.60 -40.78
CA PRO A 162 -6.67 -14.68 -40.84
C PRO A 162 -7.88 -15.16 -40.07
N ALA A 163 -8.04 -16.46 -39.83
CA ALA A 163 -9.21 -16.95 -39.12
C ALA A 163 -8.90 -18.33 -38.54
N ASP A 164 -9.75 -18.75 -37.60
CA ASP A 164 -9.65 -20.08 -37.00
C ASP A 164 -10.16 -21.09 -38.01
N ILE A 165 -9.24 -21.72 -38.74
CA ILE A 165 -9.58 -22.62 -39.84
C ILE A 165 -9.03 -24.00 -39.53
N ARG A 166 -9.55 -24.99 -40.27
CA ARG A 166 -9.03 -26.36 -40.24
C ARG A 166 -8.31 -26.60 -41.56
N LEU A 167 -7.00 -26.82 -41.49
CA LEU A 167 -6.19 -26.98 -42.69
C LEU A 167 -6.57 -28.24 -43.45
N VAL A 168 -6.80 -28.10 -44.75
CA VAL A 168 -7.09 -29.22 -45.62
C VAL A 168 -5.97 -29.45 -46.62
N PHE A 169 -5.35 -28.39 -47.10
CA PHE A 169 -4.20 -28.48 -48.02
C PHE A 169 -3.05 -27.67 -47.43
N SER A 170 -1.90 -28.31 -47.29
CA SER A 170 -0.71 -27.63 -46.79
C SER A 170 0.52 -28.41 -47.22
N GLN A 171 1.66 -27.72 -47.25
CA GLN A 171 2.94 -28.30 -47.64
C GLN A 171 3.98 -27.93 -46.58
N GLY A 172 4.05 -28.72 -45.51
CA GLY A 172 5.08 -28.54 -44.50
C GLY A 172 5.06 -27.19 -43.82
N CYS A 173 3.88 -26.66 -43.51
CA CYS A 173 3.79 -25.39 -42.81
C CYS A 173 4.15 -25.57 -41.34
N LYS A 174 4.69 -24.51 -40.75
CA LYS A 174 5.13 -24.52 -39.36
C LYS A 174 4.60 -23.29 -38.64
N VAL A 175 4.10 -23.49 -37.42
CA VAL A 175 3.61 -22.41 -36.57
C VAL A 175 4.19 -22.58 -35.18
N ASP A 176 4.17 -21.49 -34.42
CA ASP A 176 4.68 -21.50 -33.05
C ASP A 176 3.58 -21.17 -32.06
N GLN A 187 5.27 -26.00 -34.38
CA GLN A 187 4.21 -26.97 -34.58
C GLN A 187 3.99 -27.25 -36.06
N ALA A 188 4.16 -28.51 -36.45
CA ALA A 188 3.99 -28.91 -37.83
C ALA A 188 2.53 -28.78 -38.26
N ARG A 189 2.34 -28.41 -39.52
CA ARG A 189 1.01 -28.32 -40.12
C ARG A 189 0.94 -29.29 -41.29
N SER A 190 -0.10 -30.11 -41.32
CA SER A 190 -0.25 -31.12 -42.36
C SER A 190 -1.73 -31.22 -42.73
N THR A 191 -2.01 -32.06 -43.74
CA THR A 191 -3.36 -32.27 -44.23
C THR A 191 -4.06 -33.46 -43.58
N GLU A 192 -3.38 -34.14 -42.65
CA GLU A 192 -3.92 -35.34 -42.02
C GLU A 192 -4.19 -35.07 -40.54
N PHE A 193 -5.29 -35.62 -40.04
CA PHE A 193 -5.59 -35.52 -38.62
C PHE A 193 -4.50 -36.20 -37.80
N THR A 194 -3.98 -35.49 -36.80
CA THR A 194 -2.86 -35.97 -36.01
C THR A 194 -3.20 -36.16 -34.54
N HIS A 195 -3.76 -35.14 -33.88
CA HIS A 195 -4.06 -35.19 -32.47
C HIS A 195 -5.50 -34.78 -32.22
N GLU A 196 -6.09 -35.36 -31.17
CA GLU A 196 -7.48 -35.05 -30.85
C GLU A 196 -7.65 -33.62 -30.38
N ASN A 197 -6.69 -33.11 -29.61
CA ASN A 197 -6.78 -31.75 -29.10
C ASN A 197 -6.61 -30.75 -30.25
N PRO A 198 -7.56 -29.83 -30.44
CA PRO A 198 -7.42 -28.86 -31.54
C PRO A 198 -6.20 -27.95 -31.42
N LEU A 199 -5.68 -27.76 -30.21
CA LEU A 199 -4.50 -26.91 -30.05
C LEU A 199 -3.25 -27.55 -30.65
N GLU A 200 -3.20 -28.88 -30.71
CA GLU A 200 -2.05 -29.59 -31.24
C GLU A 200 -2.44 -30.60 -32.32
N THR A 201 -3.62 -30.43 -32.92
CA THR A 201 -4.09 -31.36 -33.96
C THR A 201 -3.27 -31.29 -35.23
N LYS A 202 -2.45 -30.25 -35.41
CA LYS A 202 -1.53 -30.07 -36.52
C LYS A 202 -2.23 -29.86 -37.86
N ASN A 203 -3.55 -29.66 -37.86
CA ASN A 203 -4.26 -29.34 -39.09
C ASN A 203 -5.34 -28.28 -38.87
N ILE A 204 -5.16 -27.44 -37.86
CA ILE A 204 -6.10 -26.36 -37.56
C ILE A 204 -5.31 -25.08 -37.36
N GLY A 205 -5.72 -24.02 -38.06
CA GLY A 205 -5.11 -22.71 -37.87
C GLY A 205 -5.78 -21.95 -36.74
N PHE A 206 -4.99 -21.15 -36.04
CA PHE A 206 -5.46 -20.38 -34.89
C PHE A 206 -5.40 -18.90 -35.22
N TYR A 207 -6.48 -18.19 -34.90
CA TYR A 207 -6.54 -16.76 -35.17
C TYR A 207 -5.49 -16.01 -34.37
N SER A 208 -4.89 -14.99 -35.00
CA SER A 208 -3.88 -14.14 -34.38
C SER A 208 -2.67 -14.94 -33.92
N THR A 209 -2.29 -15.97 -34.68
CA THR A 209 -1.10 -16.76 -34.42
C THR A 209 -0.20 -16.73 -35.64
N THR A 210 1.10 -16.59 -35.41
CA THR A 210 2.05 -16.37 -36.49
C THR A 210 2.15 -17.59 -37.41
N CYS A 211 2.40 -17.32 -38.69
CA CYS A 211 2.65 -18.35 -39.69
C CYS A 211 4.07 -18.14 -40.20
N LEU A 212 4.93 -19.15 -39.99
CA LEU A 212 6.34 -19.00 -40.30
C LEU A 212 6.58 -18.99 -41.81
N GLU A 213 6.25 -20.10 -42.48
CA GLU A 213 6.55 -20.25 -43.90
C GLU A 213 5.64 -21.32 -44.48
N GLY A 214 5.61 -21.38 -45.81
CA GLY A 214 4.81 -22.36 -46.52
C GLY A 214 3.43 -21.85 -46.86
N THR A 215 2.78 -22.56 -47.78
CA THR A 215 1.43 -22.25 -48.22
C THR A 215 0.46 -23.30 -47.71
N ALA A 216 -0.60 -22.84 -47.05
CA ALA A 216 -1.58 -23.73 -46.45
C ALA A 216 -2.98 -23.27 -46.84
N THR A 217 -3.88 -24.24 -47.00
CA THR A 217 -5.27 -23.98 -47.33
C THR A 217 -6.16 -24.67 -46.31
N GLY A 218 -7.16 -23.95 -45.82
CA GLY A 218 -8.06 -24.49 -44.81
C GLY A 218 -9.44 -23.90 -44.93
N ILE A 219 -10.37 -24.49 -44.18
CA ILE A 219 -11.76 -24.06 -44.15
C ILE A 219 -12.08 -23.51 -42.77
N VAL A 220 -12.74 -22.35 -42.73
CA VAL A 220 -13.14 -21.76 -41.46
C VAL A 220 -14.11 -22.69 -40.75
N ILE A 221 -13.85 -22.96 -39.47
CA ILE A 221 -14.72 -23.80 -38.68
C ILE A 221 -15.38 -23.05 -37.52
N ASN A 222 -14.88 -21.88 -37.13
CA ASN A 222 -15.46 -21.11 -36.04
C ASN A 222 -15.30 -19.63 -36.34
N THR A 223 -16.22 -18.83 -35.80
CA THR A 223 -16.22 -17.38 -36.00
C THR A 223 -16.83 -16.71 -34.79
N GLY A 224 -16.09 -15.78 -34.19
CA GLY A 224 -16.59 -15.03 -33.05
C GLY A 224 -16.67 -15.84 -31.78
N ASP A 225 -17.90 -15.99 -31.26
CA ASP A 225 -18.08 -16.74 -30.01
C ASP A 225 -17.79 -18.23 -30.20
N ARG A 226 -17.99 -18.75 -31.42
CA ARG A 226 -17.73 -20.16 -31.67
C ARG A 226 -16.25 -20.50 -31.57
N THR A 227 -15.37 -19.52 -31.67
CA THR A 227 -13.94 -19.76 -31.63
C THR A 227 -13.50 -20.21 -30.24
N ILE A 228 -12.43 -21.01 -30.20
CA ILE A 228 -11.89 -21.46 -28.93
C ILE A 228 -11.34 -20.29 -28.14
N ILE A 229 -10.59 -19.40 -28.80
CA ILE A 229 -10.01 -18.26 -28.10
C ILE A 229 -11.09 -17.29 -27.66
N GLY A 230 -12.08 -17.04 -28.50
CA GLY A 230 -13.14 -16.10 -28.18
C GLY A 230 -14.08 -16.58 -27.09
N ARG A 231 -14.76 -17.70 -27.34
CA ARG A 231 -15.71 -18.28 -26.40
C ARG A 231 -16.80 -17.28 -26.04
N ILE A 232 -16.63 -16.57 -24.93
CA ILE A 232 -17.61 -15.60 -24.47
C ILE A 232 -17.06 -14.19 -24.60
N ALA A 233 -16.16 -13.99 -25.57
CA ALA A 233 -15.59 -12.67 -25.80
C ALA A 233 -16.65 -11.67 -26.21
N SER A 234 -17.55 -12.07 -27.11
CA SER A 234 -18.63 -11.22 -27.57
C SER A 234 -19.93 -11.42 -26.80
N LEU A 235 -19.92 -12.25 -25.76
CA LEU A 235 -21.10 -12.55 -24.97
C LEU A 235 -21.19 -11.70 -23.71
N ALA A 236 -20.36 -10.66 -23.60
CA ALA A 236 -20.37 -9.71 -22.47
C ALA A 236 -19.99 -10.48 -21.21
N SER A 237 -20.78 -10.38 -20.12
CA SER A 237 -20.49 -11.03 -18.84
C SER A 237 -19.21 -10.50 -18.23
N GLY A 238 -18.92 -10.90 -16.99
CA GLY A 238 -17.75 -10.42 -16.29
C GLY A 238 -16.68 -11.47 -16.08
N VAL A 239 -15.56 -11.34 -16.81
CA VAL A 239 -14.43 -12.24 -16.69
C VAL A 239 -13.19 -11.41 -16.37
N GLY A 240 -12.46 -11.85 -15.35
CA GLY A 240 -11.27 -11.14 -14.92
C GLY A 240 -11.47 -10.20 -13.75
N SER A 241 -12.68 -10.15 -13.17
CA SER A 241 -12.98 -9.28 -12.05
C SER A 241 -12.61 -9.90 -10.70
N GLU A 242 -11.76 -10.92 -10.69
CA GLU A 242 -11.33 -11.54 -9.44
C GLU A 242 -10.58 -10.54 -8.58
N LYS A 243 -10.86 -10.55 -7.28
CA LYS A 243 -10.26 -9.60 -6.37
C LYS A 243 -8.76 -9.89 -6.20
N THR A 244 -7.96 -8.84 -6.29
CA THR A 244 -6.53 -8.94 -6.04
C THR A 244 -6.29 -9.15 -4.54
N PRO A 245 -5.17 -9.75 -4.16
CA PRO A 245 -4.92 -9.99 -2.73
C PRO A 245 -4.99 -8.73 -1.87
N ILE A 246 -4.48 -7.61 -2.37
CA ILE A 246 -4.58 -6.36 -1.62
C ILE A 246 -6.03 -5.92 -1.49
N ALA A 247 -6.88 -6.23 -2.47
CA ALA A 247 -8.31 -5.93 -2.31
C ALA A 247 -8.90 -6.73 -1.16
N ILE A 248 -8.52 -8.01 -1.03
CA ILE A 248 -8.99 -8.82 0.09
C ILE A 248 -8.49 -8.25 1.41
N GLU A 249 -7.22 -7.84 1.46
CA GLU A 249 -6.68 -7.25 2.68
C GLU A 249 -7.42 -5.96 3.04
N ILE A 250 -7.75 -5.15 2.04
CA ILE A 250 -8.46 -3.90 2.29
C ILE A 250 -9.88 -4.18 2.78
N GLU A 251 -10.53 -5.21 2.23
CA GLU A 251 -11.85 -5.60 2.73
C GLU A 251 -11.78 -6.04 4.18
N HIS A 252 -10.76 -6.83 4.52
CA HIS A 252 -10.58 -7.25 5.92
C HIS A 252 -10.32 -6.04 6.82
N PHE A 253 -9.50 -5.09 6.35
CA PHE A 253 -9.22 -3.88 7.12
C PHE A 253 -10.49 -3.07 7.33
N VAL A 254 -11.32 -2.94 6.31
CA VAL A 254 -12.58 -2.21 6.43
C VAL A 254 -13.48 -2.89 7.45
N HIS A 255 -13.55 -4.22 7.42
CA HIS A 255 -14.36 -4.94 8.40
C HIS A 255 -13.84 -4.72 9.81
N ILE A 256 -12.52 -4.76 9.99
CA ILE A 256 -11.94 -4.54 11.31
C ILE A 256 -12.25 -3.13 11.82
N VAL A 257 -12.08 -2.14 10.95
CA VAL A 257 -12.34 -0.75 11.33
C VAL A 257 -13.80 -0.55 11.70
N ALA A 258 -14.71 -1.11 10.88
CA ALA A 258 -16.13 -0.99 11.17
C ALA A 258 -16.48 -1.66 12.49
N GLY A 259 -15.91 -2.84 12.75
CA GLY A 259 -16.17 -3.52 14.01
C GLY A 259 -15.70 -2.73 15.20
N VAL A 260 -14.49 -2.16 15.12
CA VAL A 260 -13.95 -1.38 16.24
C VAL A 260 -14.82 -0.15 16.48
N ALA A 261 -15.17 0.56 15.41
CA ALA A 261 -15.98 1.78 15.55
C ALA A 261 -17.35 1.45 16.12
N VAL A 262 -17.98 0.38 15.63
CA VAL A 262 -19.30 -0.01 16.12
C VAL A 262 -19.24 -0.41 17.58
N SER A 263 -18.21 -1.15 17.98
CA SER A 263 -18.09 -1.57 19.37
C SER A 263 -17.92 -0.36 20.29
N ILE A 264 -17.04 0.58 19.90
CA ILE A 264 -16.84 1.77 20.72
C ILE A 264 -18.13 2.59 20.81
N ASP A 265 -18.81 2.78 19.69
CA ASP A 265 -20.05 3.54 19.71
C ASP A 265 -21.13 2.88 20.55
N ILE A 266 -21.25 1.56 20.46
CA ILE A 266 -22.27 0.85 21.24
C ILE A 266 -21.95 0.94 22.73
N ILE A 267 -20.68 0.78 23.10
CA ILE A 267 -20.30 0.89 24.51
C ILE A 267 -20.61 2.28 25.04
N PHE A 268 -20.25 3.31 24.26
CA PHE A 268 -20.51 4.68 24.73
C PHE A 268 -22.01 4.95 24.81
N PHE A 269 -22.78 4.43 23.85
CA PHE A 269 -24.22 4.67 23.88
C PHE A 269 -24.88 3.98 25.07
N ILE A 270 -24.47 2.75 25.37
CA ILE A 270 -25.03 2.05 26.52
C ILE A 270 -24.58 2.70 27.82
N THR A 271 -23.42 3.36 27.82
CA THR A 271 -23.02 4.12 29.00
C THR A 271 -23.84 5.40 29.14
N ALA A 272 -24.07 6.10 28.02
CA ALA A 272 -24.71 7.40 28.07
C ALA A 272 -26.21 7.32 28.28
N VAL A 273 -26.85 6.22 27.87
CA VAL A 273 -28.31 6.14 27.99
C VAL A 273 -28.74 6.14 29.46
N CYS A 274 -27.95 5.53 30.35
CA CYS A 274 -28.34 5.41 31.74
C CYS A 274 -27.67 6.45 32.65
N MET A 275 -26.63 7.13 32.18
CA MET A 275 -25.86 8.04 33.01
C MET A 275 -26.27 9.50 32.75
N LYS A 276 -27.38 9.71 32.04
CA LYS A 276 -27.92 11.04 31.74
C LYS A 276 -26.91 11.88 30.96
N TYR A 277 -26.65 11.42 29.75
CA TYR A 277 -25.97 12.22 28.73
C TYR A 277 -26.96 12.45 27.59
N TYR A 278 -27.23 13.71 27.29
CA TYR A 278 -28.25 14.02 26.30
C TYR A 278 -27.81 13.62 24.90
N VAL A 279 -28.80 13.43 24.03
CA VAL A 279 -28.58 12.72 22.76
C VAL A 279 -27.58 13.45 21.88
N LEU A 280 -27.45 14.77 22.02
CA LEU A 280 -26.54 15.52 21.17
C LEU A 280 -25.09 15.10 21.42
N ASP A 281 -24.71 14.90 22.68
CA ASP A 281 -23.35 14.48 22.99
C ASP A 281 -23.05 13.11 22.40
N ALA A 282 -23.98 12.16 22.55
CA ALA A 282 -23.77 10.83 21.97
C ALA A 282 -23.66 10.91 20.46
N ILE A 283 -24.57 11.65 19.82
CA ILE A 283 -24.56 11.77 18.36
C ILE A 283 -23.29 12.42 17.85
N ILE A 284 -22.76 13.42 18.55
CA ILE A 284 -21.53 14.08 18.10
C ILE A 284 -20.33 13.19 18.40
N PHE A 285 -20.43 12.33 19.41
CA PHE A 285 -19.34 11.39 19.65
C PHE A 285 -19.28 10.33 18.55
N LEU A 286 -20.44 9.86 18.07
CA LEU A 286 -20.42 8.91 16.96
C LEU A 286 -19.79 9.52 15.71
N ILE A 287 -20.12 10.77 15.37
CA ILE A 287 -19.47 11.38 14.22
C ILE A 287 -17.99 11.63 14.46
N SER A 288 -17.59 11.96 15.69
CA SER A 288 -16.16 12.06 16.00
C SER A 288 -15.46 10.74 15.76
N ILE A 289 -16.06 9.64 16.23
CA ILE A 289 -15.50 8.31 16.07
C ILE A 289 -15.40 7.96 14.59
N ILE A 290 -16.44 8.28 13.83
CA ILE A 290 -16.46 8.01 12.40
C ILE A 290 -15.39 8.78 11.63
N VAL A 291 -15.19 10.06 11.94
CA VAL A 291 -14.20 10.86 11.22
C VAL A 291 -12.80 10.50 11.70
N ALA A 292 -12.68 9.96 12.91
CA ALA A 292 -11.37 9.60 13.44
C ALA A 292 -10.91 8.24 12.91
N ASN A 293 -11.66 7.19 13.22
CA ASN A 293 -11.26 5.84 12.88
C ASN A 293 -11.66 5.47 11.45
N VAL A 294 -11.28 6.29 10.48
CA VAL A 294 -11.48 5.98 9.07
C VAL A 294 -10.27 6.48 8.30
N PRO A 295 -9.42 5.58 7.79
CA PRO A 295 -8.27 6.03 6.99
C PRO A 295 -8.71 6.50 5.62
N GLU A 296 -8.68 7.82 5.40
CA GLU A 296 -9.15 8.40 4.15
C GLU A 296 -8.10 8.28 3.06
N GLY A 297 -6.90 8.79 3.32
CA GLY A 297 -5.83 8.73 2.35
C GLY A 297 -5.15 7.38 2.29
N LEU A 298 -5.92 6.32 2.03
CA LEU A 298 -5.38 4.97 1.92
C LEU A 298 -5.36 4.44 0.50
N LEU A 299 -6.39 4.70 -0.29
CA LEU A 299 -6.38 4.28 -1.69
C LEU A 299 -5.28 4.97 -2.48
N ALA A 300 -4.99 6.23 -2.20
CA ALA A 300 -3.90 6.93 -2.85
C ALA A 300 -2.54 6.30 -2.58
N THR A 301 -2.21 6.03 -1.31
CA THR A 301 -0.95 5.39 -0.97
C THR A 301 -0.93 3.91 -1.32
N VAL A 302 -2.10 3.30 -1.57
CA VAL A 302 -2.13 1.95 -2.10
C VAL A 302 -1.85 1.91 -3.60
N THR A 303 -2.44 2.81 -4.39
CA THR A 303 -2.17 2.86 -5.82
C THR A 303 -0.80 3.47 -6.14
N VAL A 304 -0.22 4.24 -5.22
CA VAL A 304 1.15 4.72 -5.41
C VAL A 304 2.15 3.59 -5.22
N THR A 305 1.94 2.74 -4.22
CA THR A 305 2.89 1.68 -3.94
C THR A 305 3.00 0.68 -5.09
N LEU A 306 1.86 0.28 -5.67
CA LEU A 306 1.89 -0.68 -6.76
C LEU A 306 2.59 -0.11 -7.98
N SER A 307 2.31 1.15 -8.31
CA SER A 307 2.99 1.78 -9.44
C SER A 307 4.49 1.89 -9.20
N LEU A 308 4.87 2.26 -7.97
CA LEU A 308 6.29 2.38 -7.65
C LEU A 308 6.99 1.04 -7.74
N THR A 309 6.36 -0.03 -7.23
CA THR A 309 6.97 -1.35 -7.30
C THR A 309 7.03 -1.87 -8.73
N ALA A 310 6.01 -1.58 -9.54
CA ALA A 310 6.05 -1.96 -10.95
C ALA A 310 7.21 -1.28 -11.66
N LYS A 311 7.41 0.02 -11.40
CA LYS A 311 8.55 0.72 -11.98
C LYS A 311 9.86 0.14 -11.49
N ARG A 312 9.95 -0.19 -10.20
CA ARG A 312 11.18 -0.77 -9.66
C ARG A 312 11.51 -2.08 -10.35
N MET A 313 10.54 -2.98 -10.49
CA MET A 313 10.81 -4.26 -11.14
C MET A 313 11.10 -4.08 -12.62
N ALA A 314 10.40 -3.15 -13.28
CA ALA A 314 10.72 -2.88 -14.68
C ALA A 314 12.15 -2.38 -14.84
N LYS A 315 12.65 -1.66 -13.85
CA LYS A 315 14.07 -1.29 -13.84
C LYS A 315 14.98 -2.45 -13.50
N LYS A 316 14.49 -3.43 -12.74
CA LYS A 316 15.25 -4.63 -12.40
C LYS A 316 15.03 -5.75 -13.41
N ASN A 317 14.72 -5.42 -14.66
CA ASN A 317 14.50 -6.36 -15.75
C ASN A 317 13.28 -7.24 -15.53
N CYS A 318 12.42 -6.89 -14.58
CA CYS A 318 11.25 -7.70 -14.24
C CYS A 318 10.03 -6.99 -14.82
N LEU A 319 9.67 -7.37 -16.04
CA LEU A 319 8.55 -6.74 -16.75
C LEU A 319 7.27 -7.49 -16.37
N VAL A 320 6.74 -7.14 -15.20
CA VAL A 320 5.48 -7.70 -14.75
C VAL A 320 4.35 -7.05 -15.52
N LYS A 321 3.44 -7.86 -16.07
CA LYS A 321 2.36 -7.36 -16.90
C LYS A 321 1.07 -7.15 -16.14
N ASN A 322 0.54 -8.19 -15.50
CA ASN A 322 -0.72 -8.07 -14.78
C ASN A 322 -0.47 -7.47 -13.40
N LEU A 323 -1.57 -7.10 -12.72
CA LEU A 323 -1.48 -6.63 -11.35
C LEU A 323 -1.53 -7.77 -10.34
N GLU A 324 -2.35 -8.79 -10.58
CA GLU A 324 -2.33 -9.95 -9.69
C GLU A 324 -0.95 -10.59 -9.64
N ALA A 325 -0.16 -10.44 -10.72
CA ALA A 325 1.20 -10.95 -10.72
C ALA A 325 2.09 -10.17 -9.76
N VAL A 326 2.05 -8.83 -9.81
CA VAL A 326 2.89 -8.06 -8.91
C VAL A 326 2.46 -8.24 -7.46
N GLU A 327 1.15 -8.34 -7.20
CA GLU A 327 0.74 -8.61 -5.83
C GLU A 327 1.12 -10.00 -5.35
N THR A 328 1.02 -11.02 -6.22
CA THR A 328 1.24 -12.40 -5.82
C THR A 328 2.71 -12.82 -5.90
N LEU A 329 3.57 -12.02 -6.54
CA LEU A 329 4.96 -12.42 -6.73
C LEU A 329 5.67 -12.59 -5.41
N GLY A 330 5.43 -11.68 -4.46
CA GLY A 330 6.11 -11.73 -3.17
C GLY A 330 5.76 -12.93 -2.31
N SER A 331 4.70 -13.67 -2.67
CA SER A 331 4.29 -14.84 -1.92
C SER A 331 4.77 -16.15 -2.56
N THR A 332 5.70 -16.07 -3.50
CA THR A 332 6.19 -17.27 -4.17
C THR A 332 6.85 -18.22 -3.18
N SER A 333 6.63 -19.51 -3.38
CA SER A 333 7.19 -20.52 -2.50
C SER A 333 7.99 -21.57 -3.27
N ILE A 334 7.56 -21.87 -4.50
CA ILE A 334 8.20 -22.89 -5.32
C ILE A 334 8.52 -22.28 -6.68
N ILE A 335 9.73 -22.54 -7.17
CA ILE A 335 10.17 -22.08 -8.48
C ILE A 335 10.64 -23.29 -9.27
N CYS A 336 10.09 -23.47 -10.47
CA CYS A 336 10.47 -24.54 -11.38
C CYS A 336 11.17 -23.92 -12.59
N SER A 337 12.48 -23.72 -12.47
CA SER A 337 13.24 -23.04 -13.50
C SER A 337 13.90 -24.06 -14.44
N ASP A 338 14.41 -23.55 -15.56
CA ASP A 338 15.13 -24.35 -16.54
C ASP A 338 16.63 -24.23 -16.30
N LYS A 339 17.39 -25.06 -17.02
CA LYS A 339 18.85 -25.02 -16.87
C LYS A 339 19.50 -24.12 -17.90
N THR A 340 19.33 -24.42 -19.19
CA THR A 340 19.87 -23.59 -20.25
C THR A 340 19.01 -22.34 -20.40
N GLY A 341 19.66 -21.19 -20.47
CA GLY A 341 18.89 -19.95 -20.42
C GLY A 341 18.90 -19.35 -19.04
N THR A 342 17.87 -19.65 -18.24
CA THR A 342 17.69 -19.01 -16.94
C THR A 342 18.89 -19.22 -16.03
N LEU A 343 19.41 -20.45 -15.97
CA LEU A 343 20.46 -20.78 -15.03
C LEU A 343 21.86 -20.77 -15.62
N THR A 344 22.02 -20.63 -16.93
CA THR A 344 23.33 -20.65 -17.56
C THR A 344 23.44 -19.53 -18.59
N GLN A 345 24.67 -19.13 -18.87
CA GLN A 345 24.91 -18.02 -19.79
C GLN A 345 24.47 -18.34 -21.21
N ASN A 346 24.24 -19.60 -21.53
CA ASN A 346 23.84 -20.03 -22.88
C ASN A 346 24.89 -19.64 -23.92
N ARG A 347 26.15 -19.57 -23.51
CA ARG A 347 27.27 -19.31 -24.40
C ARG A 347 28.28 -20.42 -24.16
N MET A 348 28.11 -21.54 -24.85
CA MET A 348 28.93 -22.71 -24.62
C MET A 348 30.30 -22.56 -25.27
N THR A 349 31.31 -23.16 -24.64
CA THR A 349 32.68 -23.17 -25.16
C THR A 349 33.18 -24.60 -25.18
N VAL A 350 33.71 -25.03 -26.32
CA VAL A 350 34.25 -26.37 -26.45
C VAL A 350 35.61 -26.44 -25.76
N ALA A 351 35.78 -27.41 -24.85
CA ALA A 351 37.03 -27.50 -24.11
C ALA A 351 37.61 -28.90 -24.09
N HIS A 352 36.75 -29.93 -24.17
CA HIS A 352 37.22 -31.31 -24.10
C HIS A 352 36.81 -32.06 -25.36
N LEU A 353 37.60 -33.06 -25.73
CA LEU A 353 37.32 -33.93 -26.86
C LEU A 353 37.44 -35.38 -26.40
N TRP A 354 36.67 -36.26 -27.04
CA TRP A 354 36.71 -37.69 -26.75
C TRP A 354 36.68 -38.48 -28.05
N PHE A 355 37.74 -39.23 -28.31
CA PHE A 355 37.76 -40.24 -29.36
C PHE A 355 38.89 -41.21 -29.07
N ASP A 356 38.72 -42.46 -29.53
CA ASP A 356 39.63 -43.56 -29.22
C ASP A 356 39.74 -43.79 -27.72
N ASN A 357 38.62 -43.59 -27.01
CA ASN A 357 38.54 -43.83 -25.58
C ASN A 357 39.59 -43.03 -24.81
N GLN A 358 39.79 -41.79 -25.23
CA GLN A 358 40.76 -40.90 -24.58
C GLN A 358 40.15 -39.52 -24.44
N ILE A 359 40.63 -38.77 -23.46
CA ILE A 359 40.12 -37.45 -23.13
C ILE A 359 41.13 -36.40 -23.59
N PHE A 360 40.71 -35.55 -24.52
CA PHE A 360 41.56 -34.51 -25.09
C PHE A 360 41.02 -33.15 -24.68
N VAL A 361 41.89 -32.31 -24.11
CA VAL A 361 41.51 -30.98 -23.66
C VAL A 361 41.74 -29.98 -24.78
N ALA A 362 41.09 -28.82 -24.67
CA ALA A 362 41.24 -27.75 -25.64
C ALA A 362 41.02 -26.42 -24.94
N ASP A 363 41.49 -25.35 -25.58
CA ASP A 363 41.38 -24.01 -25.01
C ASP A 363 39.95 -23.49 -25.15
N THR A 364 39.40 -22.97 -24.05
CA THR A 364 38.03 -22.47 -24.07
C THR A 364 37.93 -21.18 -24.90
N SER A 365 38.82 -20.23 -24.64
CA SER A 365 38.78 -18.95 -25.33
C SER A 365 40.18 -18.38 -25.42
N GLU A 366 40.36 -17.44 -26.35
CA GLU A 366 41.65 -16.79 -26.59
C GLU A 366 42.74 -17.82 -26.87
N ASN A 367 42.40 -18.85 -27.64
CA ASN A 367 43.36 -19.88 -27.98
C ASN A 367 44.47 -19.33 -28.86
N GLN A 368 44.11 -18.64 -29.95
CA GLN A 368 45.05 -18.00 -30.86
C GLN A 368 46.10 -18.96 -31.40
N THR A 369 45.80 -20.26 -31.42
CA THR A 369 46.75 -21.27 -31.86
C THR A 369 45.99 -22.53 -32.26
N LYS A 370 46.70 -23.43 -32.94
CA LYS A 370 46.12 -24.69 -33.36
C LYS A 370 46.00 -25.64 -32.17
N GLN A 371 45.30 -26.75 -32.39
CA GLN A 371 45.11 -27.75 -31.35
C GLN A 371 46.44 -28.42 -31.01
N ALA A 372 46.57 -28.80 -29.73
CA ALA A 372 47.81 -29.43 -29.27
C ALA A 372 48.00 -30.80 -29.91
N PHE A 373 46.93 -31.59 -30.02
CA PHE A 373 47.04 -32.92 -30.60
C PHE A 373 47.28 -32.85 -32.10
N ASP A 374 47.85 -33.93 -32.64
CA ASP A 374 48.19 -33.97 -34.05
C ASP A 374 46.93 -33.94 -34.91
N GLN A 375 47.00 -33.20 -36.02
CA GLN A 375 45.89 -33.10 -36.95
C GLN A 375 45.92 -34.13 -38.05
N SER A 376 46.99 -34.93 -38.15
CA SER A 376 47.12 -35.93 -39.19
C SER A 376 46.63 -37.31 -38.75
N SER A 377 46.10 -37.43 -37.53
CA SER A 377 45.60 -38.71 -37.06
C SER A 377 44.41 -39.16 -37.88
N GLY A 378 44.37 -40.47 -38.18
CA GLY A 378 43.25 -41.00 -38.95
C GLY A 378 41.93 -40.85 -38.23
N THR A 379 41.95 -40.96 -36.90
CA THR A 379 40.72 -40.78 -36.12
C THR A 379 40.28 -39.32 -36.11
N TRP A 380 41.22 -38.39 -35.97
CA TRP A 380 40.85 -36.98 -35.88
C TRP A 380 40.38 -36.43 -37.22
N ALA A 381 40.92 -36.95 -38.33
CA ALA A 381 40.56 -36.42 -39.64
C ALA A 381 39.08 -36.62 -39.92
N SER A 382 38.58 -37.86 -39.77
CA SER A 382 37.19 -38.14 -40.03
C SER A 382 36.27 -37.41 -39.07
N LEU A 383 36.64 -37.35 -37.79
CA LEU A 383 35.83 -36.66 -36.80
C LEU A 383 35.71 -35.17 -37.13
N SER A 384 36.84 -34.54 -37.48
CA SER A 384 36.82 -33.12 -37.83
C SER A 384 36.01 -32.88 -39.10
N LYS A 385 36.16 -33.76 -40.10
CA LYS A 385 35.41 -33.60 -41.33
C LYS A 385 33.91 -33.71 -41.08
N ILE A 386 33.49 -34.68 -40.26
CA ILE A 386 32.07 -34.84 -39.96
C ILE A 386 31.56 -33.68 -39.13
N ILE A 387 32.36 -33.19 -38.18
CA ILE A 387 31.96 -32.05 -37.36
C ILE A 387 31.74 -30.83 -38.25
N THR A 388 32.66 -30.59 -39.18
CA THR A 388 32.49 -29.46 -40.11
C THR A 388 31.27 -29.67 -41.00
N LEU A 389 31.06 -30.88 -41.49
CA LEU A 389 29.96 -31.14 -42.41
C LEU A 389 28.61 -31.12 -41.69
N CYS A 390 28.52 -31.76 -40.51
CA CYS A 390 27.25 -31.85 -39.81
C CYS A 390 26.78 -30.51 -39.27
N ASN A 391 27.68 -29.54 -39.12
CA ASN A 391 27.30 -28.26 -38.55
C ASN A 391 26.44 -27.45 -39.53
N ARG A 392 25.48 -26.72 -38.98
CA ARG A 392 24.62 -25.84 -39.76
C ARG A 392 24.84 -24.37 -39.49
N ALA A 393 25.67 -24.01 -38.51
CA ALA A 393 25.87 -22.61 -38.16
C ALA A 393 26.60 -21.87 -39.26
N GLU A 394 26.24 -20.59 -39.42
CA GLU A 394 26.87 -19.72 -40.41
C GLU A 394 27.24 -18.40 -39.76
N PHE A 395 28.32 -17.80 -40.24
CA PHE A 395 28.80 -16.56 -39.65
C PHE A 395 27.94 -15.37 -40.09
N ARG A 396 28.08 -14.28 -39.36
CA ARG A 396 27.34 -13.07 -39.66
C ARG A 396 27.85 -12.44 -40.96
N PRO A 397 27.02 -12.27 -41.97
CA PRO A 397 27.49 -11.67 -43.22
C PRO A 397 27.80 -10.19 -43.05
N GLY A 398 28.76 -9.72 -43.84
CA GLY A 398 29.13 -8.32 -43.83
C GLY A 398 29.96 -7.89 -42.65
N GLN A 399 30.42 -8.81 -41.81
CA GLN A 399 31.20 -8.48 -40.62
C GLN A 399 32.37 -9.44 -40.47
N GLU A 400 33.05 -9.74 -41.58
CA GLU A 400 34.19 -10.65 -41.57
C GLU A 400 35.50 -9.91 -41.28
N SER A 401 35.49 -9.08 -40.24
CA SER A 401 36.68 -8.37 -39.80
C SER A 401 36.89 -8.60 -38.31
N VAL A 402 35.80 -8.77 -37.59
CA VAL A 402 35.83 -9.05 -36.15
C VAL A 402 36.29 -10.49 -35.95
N PRO A 403 36.80 -10.85 -34.77
CA PRO A 403 37.20 -12.24 -34.52
C PRO A 403 36.02 -13.20 -34.64
N ILE A 404 36.34 -14.49 -34.53
CA ILE A 404 35.34 -15.53 -34.71
C ILE A 404 34.25 -15.44 -33.65
N MET A 405 34.64 -15.09 -32.42
CA MET A 405 33.67 -15.05 -31.32
C MET A 405 32.61 -13.98 -31.56
N LYS A 406 33.01 -12.81 -32.06
CA LYS A 406 32.05 -11.72 -32.25
C LYS A 406 31.06 -11.99 -33.37
N ARG A 407 31.39 -12.88 -34.31
CA ARG A 407 30.47 -13.20 -35.39
C ARG A 407 29.24 -13.91 -34.85
N THR A 408 28.06 -13.47 -35.29
CA THR A 408 26.79 -13.95 -34.74
C THR A 408 26.16 -14.98 -35.66
N VAL A 409 25.47 -15.94 -35.05
CA VAL A 409 24.75 -16.98 -35.76
C VAL A 409 23.31 -16.98 -35.27
N VAL A 410 22.37 -17.15 -36.21
CA VAL A 410 20.95 -17.21 -35.86
C VAL A 410 20.57 -18.64 -35.51
N GLY A 411 21.57 -19.53 -35.45
CA GLY A 411 21.36 -20.91 -35.09
C GLY A 411 21.48 -21.14 -33.59
N ASP A 412 21.49 -22.42 -33.23
CA ASP A 412 21.62 -22.81 -31.84
C ASP A 412 23.00 -22.45 -31.28
N ALA A 413 23.06 -22.21 -29.98
CA ALA A 413 24.32 -21.86 -29.34
C ALA A 413 25.34 -22.99 -29.44
N SER A 414 24.88 -24.23 -29.32
CA SER A 414 25.79 -25.36 -29.50
C SER A 414 26.37 -25.36 -30.91
N GLU A 415 25.55 -25.04 -31.91
CA GLU A 415 26.05 -24.93 -33.29
C GLU A 415 27.10 -23.83 -33.40
N THR A 416 26.89 -22.71 -32.71
CA THR A 416 27.93 -21.68 -32.66
C THR A 416 29.20 -22.22 -32.04
N ALA A 417 29.06 -23.09 -31.03
CA ALA A 417 30.24 -23.67 -30.40
C ALA A 417 31.03 -24.55 -31.36
N LEU A 418 30.34 -25.46 -32.06
CA LEU A 418 31.07 -26.31 -33.02
C LEU A 418 31.65 -25.47 -34.16
N LEU A 419 30.95 -24.41 -34.58
CA LEU A 419 31.49 -23.56 -35.62
C LEU A 419 32.76 -22.84 -35.15
N LYS A 420 32.74 -22.33 -33.90
CA LYS A 420 33.91 -21.68 -33.35
C LYS A 420 35.09 -22.64 -33.26
N PHE A 421 34.82 -23.89 -32.85
CA PHE A 421 35.90 -24.88 -32.79
C PHE A 421 36.44 -25.20 -34.19
N SER A 422 35.53 -25.47 -35.14
CA SER A 422 35.95 -25.93 -36.46
C SER A 422 36.71 -24.85 -37.22
N GLU A 423 36.23 -23.60 -37.15
CA GLU A 423 36.89 -22.54 -37.90
C GLU A 423 38.28 -22.24 -37.36
N VAL A 424 38.46 -22.35 -36.04
CA VAL A 424 39.78 -22.11 -35.47
C VAL A 424 40.69 -23.33 -35.59
N ILE A 425 40.14 -24.51 -35.80
CA ILE A 425 40.94 -25.72 -35.99
C ILE A 425 41.12 -26.04 -37.47
N LEU A 426 40.04 -26.04 -38.24
CA LEU A 426 40.09 -26.39 -39.65
C LEU A 426 40.04 -25.12 -40.50
N GLY A 427 39.97 -25.32 -41.82
CA GLY A 427 39.94 -24.22 -42.76
C GLY A 427 38.55 -23.84 -43.21
N ASP A 428 38.35 -23.79 -44.53
CA ASP A 428 37.07 -23.38 -45.08
C ASP A 428 36.09 -24.56 -45.08
N VAL A 429 34.89 -24.32 -44.56
CA VAL A 429 33.87 -25.37 -44.51
C VAL A 429 32.82 -25.22 -45.62
N MET A 430 32.69 -24.03 -46.21
CA MET A 430 31.70 -23.85 -47.27
C MET A 430 32.00 -24.74 -48.47
N GLY A 431 33.28 -24.86 -48.84
CA GLY A 431 33.64 -25.70 -49.98
C GLY A 431 33.31 -27.17 -49.75
N ILE A 432 33.59 -27.67 -48.54
CA ILE A 432 33.29 -29.06 -48.22
C ILE A 432 31.78 -29.31 -48.27
N ARG A 433 31.00 -28.38 -47.74
CA ARG A 433 29.54 -28.52 -47.78
C ARG A 433 29.04 -28.46 -49.22
N LYS A 434 29.64 -27.62 -50.05
CA LYS A 434 29.26 -27.57 -51.46
C LYS A 434 29.58 -28.88 -52.16
N ARG A 435 30.74 -29.47 -51.86
CA ARG A 435 31.08 -30.77 -52.44
C ARG A 435 30.09 -31.84 -52.02
N ASN A 436 29.74 -31.88 -50.74
CA ASN A 436 28.74 -32.82 -50.22
C ASN A 436 27.36 -32.19 -50.39
N HIS A 437 26.84 -32.25 -51.61
CA HIS A 437 25.55 -31.64 -51.92
C HIS A 437 24.45 -32.24 -51.06
N LYS A 438 23.62 -31.37 -50.49
CA LYS A 438 22.58 -31.76 -49.56
C LYS A 438 21.23 -31.64 -50.26
N VAL A 439 20.46 -32.73 -50.26
CA VAL A 439 19.14 -32.74 -50.88
C VAL A 439 18.05 -32.43 -49.87
N ALA A 440 18.03 -33.13 -48.74
CA ALA A 440 17.06 -32.91 -47.69
C ALA A 440 17.76 -32.91 -46.33
N GLU A 441 17.17 -32.21 -45.37
CA GLU A 441 17.72 -32.15 -44.02
C GLU A 441 16.57 -31.97 -43.03
N ILE A 442 16.63 -32.74 -41.95
CA ILE A 442 15.61 -32.69 -40.90
C ILE A 442 16.08 -31.67 -39.85
N PRO A 443 15.36 -30.57 -39.64
CA PRO A 443 15.77 -29.61 -38.63
C PRO A 443 15.73 -30.22 -37.22
N PHE A 444 16.64 -29.75 -36.38
CA PHE A 444 16.71 -30.24 -35.00
C PHE A 444 15.48 -29.81 -34.22
N ASN A 445 14.94 -30.74 -33.44
CA ASN A 445 13.79 -30.47 -32.59
C ASN A 445 13.96 -31.18 -31.26
N SER A 446 13.26 -30.67 -30.24
CA SER A 446 13.40 -31.22 -28.90
C SER A 446 12.85 -32.65 -28.81
N THR A 447 11.79 -32.96 -29.56
CA THR A 447 11.22 -34.30 -29.50
C THR A 447 12.18 -35.34 -30.09
N ASN A 448 12.70 -35.08 -31.29
CA ASN A 448 13.59 -36.04 -31.95
C ASN A 448 15.00 -35.99 -31.35
N LYS A 449 15.47 -34.80 -30.99
CA LYS A 449 16.81 -34.60 -30.44
C LYS A 449 17.91 -35.06 -31.39
N PHE A 450 17.67 -34.94 -32.69
CA PHE A 450 18.71 -35.20 -33.68
C PHE A 450 18.43 -34.35 -34.92
N GLN A 451 19.51 -34.03 -35.64
CA GLN A 451 19.43 -33.22 -36.86
C GLN A 451 19.89 -34.08 -38.03
N LEU A 452 18.95 -34.78 -38.65
CA LEU A 452 19.24 -35.67 -39.76
C LEU A 452 19.46 -34.87 -41.04
N SER A 453 20.43 -35.32 -41.84
CA SER A 453 20.76 -34.68 -43.10
C SER A 453 20.96 -35.75 -44.17
N ILE A 454 20.74 -35.35 -45.43
CA ILE A 454 20.91 -36.22 -46.58
C ILE A 454 21.94 -35.58 -47.52
N HIS A 455 22.96 -36.33 -47.88
CA HIS A 455 24.02 -35.86 -48.75
C HIS A 455 24.23 -36.83 -49.90
N GLU A 456 24.69 -36.29 -51.03
CA GLU A 456 25.01 -37.08 -52.21
C GLU A 456 26.52 -37.23 -52.31
N THR A 457 26.99 -38.48 -52.39
CA THR A 457 28.42 -38.74 -52.39
C THR A 457 29.03 -38.37 -53.74
N GLU A 458 30.11 -37.60 -53.70
CA GLU A 458 30.86 -37.21 -54.89
C GLU A 458 32.12 -38.05 -55.08
N ASP A 459 32.31 -39.08 -54.27
CA ASP A 459 33.50 -39.92 -54.36
C ASP A 459 33.47 -40.75 -55.63
N PRO A 460 34.63 -41.24 -56.09
CA PRO A 460 34.64 -42.11 -57.27
C PRO A 460 33.76 -43.33 -57.13
N ASN A 461 33.69 -43.91 -55.93
CA ASN A 461 32.74 -44.98 -55.65
C ASN A 461 31.35 -44.36 -55.49
N ASN A 462 30.47 -44.63 -56.45
CA ASN A 462 29.18 -43.96 -56.50
C ASN A 462 28.22 -44.46 -55.44
N LYS A 463 28.54 -44.24 -54.17
CA LYS A 463 27.58 -44.53 -53.11
C LYS A 463 26.36 -43.62 -53.23
N ARG A 464 26.57 -42.34 -53.53
CA ARG A 464 25.56 -41.35 -53.86
C ARG A 464 24.62 -41.02 -52.70
N PHE A 465 24.84 -41.57 -51.51
CA PHE A 465 23.94 -41.31 -50.38
C PHE A 465 24.77 -41.26 -49.10
N LEU A 466 24.87 -40.08 -48.50
CA LEU A 466 25.55 -39.88 -47.24
C LEU A 466 24.57 -39.28 -46.23
N VAL A 467 24.47 -39.89 -45.07
CA VAL A 467 23.55 -39.46 -44.02
C VAL A 467 24.35 -39.16 -42.77
N VAL A 468 24.28 -37.92 -42.29
CA VAL A 468 25.03 -37.46 -41.12
C VAL A 468 24.07 -36.74 -40.18
N MET A 469 24.10 -37.11 -38.90
CA MET A 469 23.27 -36.47 -37.90
C MET A 469 24.04 -36.38 -36.58
N LYS A 470 23.56 -35.51 -35.69
CA LYS A 470 24.13 -35.35 -34.37
C LYS A 470 23.01 -35.22 -33.36
N GLY A 471 23.29 -35.60 -32.12
CA GLY A 471 22.28 -35.55 -31.08
C GLY A 471 22.83 -35.96 -29.73
N ALA A 472 21.92 -36.32 -28.84
CA ALA A 472 22.31 -36.71 -27.49
C ALA A 472 23.10 -38.01 -27.52
N PRO A 473 24.28 -38.08 -26.90
CA PRO A 473 25.12 -39.28 -27.01
C PRO A 473 24.45 -40.55 -26.49
N GLU A 474 23.63 -40.45 -25.45
CA GLU A 474 22.97 -41.65 -24.93
C GLU A 474 22.05 -42.25 -25.97
N ARG A 475 21.17 -41.42 -26.56
CA ARG A 475 20.27 -41.91 -27.60
C ARG A 475 21.02 -42.22 -28.88
N ILE A 476 22.15 -41.55 -29.14
CA ILE A 476 22.93 -41.84 -30.33
C ILE A 476 23.53 -43.24 -30.25
N LEU A 477 24.14 -43.58 -29.11
CA LEU A 477 24.72 -44.91 -28.98
C LEU A 477 23.65 -45.97 -28.76
N GLU A 478 22.51 -45.61 -28.19
CA GLU A 478 21.41 -46.55 -28.07
C GLU A 478 20.90 -46.99 -29.44
N LYS A 479 21.07 -46.15 -30.47
CA LYS A 479 20.73 -46.50 -31.83
C LYS A 479 21.93 -46.96 -32.65
N CYS A 480 23.09 -47.10 -32.03
CA CYS A 480 24.32 -47.49 -32.71
C CYS A 480 24.80 -48.83 -32.17
N SER A 481 25.39 -49.64 -33.06
CA SER A 481 25.88 -50.97 -32.69
C SER A 481 27.38 -51.14 -32.95
N THR A 482 28.10 -50.04 -33.19
CA THR A 482 29.53 -50.15 -33.48
C THR A 482 30.22 -48.85 -33.04
N ILE A 483 31.54 -48.95 -32.87
CA ILE A 483 32.38 -47.81 -32.50
C ILE A 483 33.62 -47.82 -33.40
N MET A 484 34.17 -46.64 -33.63
CA MET A 484 35.25 -46.45 -34.59
C MET A 484 36.54 -46.07 -33.87
N ILE A 485 37.61 -46.83 -34.12
CA ILE A 485 38.91 -46.61 -33.52
C ILE A 485 39.99 -46.77 -34.59
N ASN A 486 40.87 -45.77 -34.70
CA ASN A 486 42.03 -45.81 -35.59
C ASN A 486 41.66 -46.11 -37.04
N GLY A 487 40.52 -45.60 -37.49
CA GLY A 487 40.13 -45.75 -38.87
C GLY A 487 39.62 -47.11 -39.26
N GLN A 488 39.39 -48.01 -38.30
CA GLN A 488 38.91 -49.36 -38.56
C GLN A 488 37.60 -49.56 -37.82
N GLU A 489 36.60 -50.07 -38.52
CA GLU A 489 35.30 -50.32 -37.91
C GLU A 489 35.32 -51.61 -37.10
N GLN A 490 34.69 -51.57 -35.93
CA GLN A 490 34.58 -52.73 -35.06
C GLN A 490 33.24 -52.68 -34.35
N PRO A 491 32.64 -53.83 -34.04
CA PRO A 491 31.35 -53.83 -33.36
C PRO A 491 31.47 -53.30 -31.94
N LEU A 492 30.36 -52.74 -31.45
CA LEU A 492 30.31 -52.18 -30.10
C LEU A 492 30.27 -53.27 -29.05
N ASP A 493 31.43 -53.68 -28.55
CA ASP A 493 31.50 -54.68 -27.51
C ASP A 493 31.29 -54.03 -26.14
N LYS A 494 31.35 -54.85 -25.09
CA LYS A 494 31.19 -54.32 -23.73
C LYS A 494 32.32 -53.37 -23.37
N SER A 495 33.54 -53.67 -23.83
CA SER A 495 34.68 -52.80 -23.56
C SER A 495 34.52 -51.43 -24.21
N SER A 496 33.59 -51.28 -25.14
CA SER A 496 33.28 -49.99 -25.74
C SER A 496 32.08 -49.32 -25.08
N ALA A 497 31.04 -50.09 -24.73
CA ALA A 497 29.89 -49.51 -24.05
C ALA A 497 30.26 -48.98 -22.67
N ASP A 498 31.03 -49.75 -21.90
CA ASP A 498 31.45 -49.28 -20.58
C ASP A 498 32.41 -48.10 -20.71
N SER A 499 33.26 -48.11 -21.73
CA SER A 499 34.14 -46.96 -21.98
C SER A 499 33.33 -45.71 -22.28
N PHE A 500 32.28 -45.83 -23.10
CA PHE A 500 31.41 -44.71 -23.38
C PHE A 500 30.72 -44.22 -22.11
N HIS A 501 30.23 -45.14 -21.29
CA HIS A 501 29.57 -44.74 -20.05
C HIS A 501 30.52 -44.00 -19.13
N THR A 502 31.75 -44.51 -18.97
CA THR A 502 32.72 -43.86 -18.11
C THR A 502 33.12 -42.49 -18.65
N ALA A 503 33.30 -42.39 -19.98
CA ALA A 503 33.63 -41.10 -20.58
C ALA A 503 32.50 -40.10 -20.38
N TYR A 504 31.25 -40.55 -20.53
CA TYR A 504 30.11 -39.66 -20.30
C TYR A 504 30.07 -39.20 -18.85
N MET A 505 30.31 -40.10 -17.91
CA MET A 505 30.32 -39.72 -16.50
C MET A 505 31.41 -38.70 -16.21
N GLU A 506 32.62 -38.93 -16.73
CA GLU A 506 33.72 -37.99 -16.49
C GLU A 506 33.43 -36.64 -17.14
N LEU A 507 32.87 -36.62 -18.34
CA LEU A 507 32.61 -35.37 -19.04
C LEU A 507 31.37 -34.67 -18.56
N GLY A 508 30.52 -35.34 -17.77
CA GLY A 508 29.39 -34.68 -17.15
C GLY A 508 29.65 -34.28 -15.71
N GLY A 509 30.69 -34.87 -15.12
CA GLY A 509 31.02 -34.52 -13.74
C GLY A 509 31.37 -33.06 -13.54
N LEU A 510 32.04 -32.45 -14.52
CA LEU A 510 32.38 -31.04 -14.43
C LEU A 510 31.26 -30.12 -14.88
N GLY A 511 30.14 -30.68 -15.35
CA GLY A 511 28.99 -29.86 -15.72
C GLY A 511 29.02 -29.36 -17.15
N GLU A 512 29.27 -30.26 -18.10
CA GLU A 512 29.30 -29.92 -19.51
C GLU A 512 28.43 -30.90 -20.30
N ARG A 513 27.77 -30.40 -21.32
CA ARG A 513 26.96 -31.25 -22.19
C ARG A 513 27.77 -31.71 -23.38
N VAL A 514 27.40 -32.87 -23.92
CA VAL A 514 28.14 -33.51 -25.00
C VAL A 514 27.17 -33.90 -26.11
N LEU A 515 27.74 -34.08 -27.31
CA LEU A 515 26.97 -34.44 -28.49
C LEU A 515 27.65 -35.60 -29.21
N GLY A 516 26.84 -36.43 -29.87
CA GLY A 516 27.34 -37.52 -30.67
C GLY A 516 27.34 -37.18 -32.16
N PHE A 517 28.08 -37.99 -32.92
CA PHE A 517 28.20 -37.79 -34.35
C PHE A 517 28.24 -39.14 -35.06
N CYS A 518 27.60 -39.21 -36.22
CA CYS A 518 27.50 -40.45 -36.97
C CYS A 518 27.45 -40.14 -38.46
N HIS A 519 27.77 -41.15 -39.26
CA HIS A 519 27.73 -41.03 -40.71
C HIS A 519 27.60 -42.44 -41.31
N LEU A 520 27.17 -42.49 -42.57
CA LEU A 520 27.01 -43.75 -43.27
C LEU A 520 26.86 -43.49 -44.76
N TYR A 521 27.38 -44.41 -45.56
CA TYR A 521 27.25 -44.37 -47.01
C TYR A 521 26.44 -45.57 -47.48
N LEU A 522 25.38 -45.30 -48.23
CA LEU A 522 24.50 -46.36 -48.71
C LEU A 522 25.11 -47.08 -49.90
N PRO A 523 24.98 -48.41 -49.97
CA PRO A 523 25.53 -49.14 -51.11
C PRO A 523 24.85 -48.77 -52.41
N ALA A 524 25.61 -48.82 -53.50
CA ALA A 524 25.07 -48.47 -54.82
C ALA A 524 24.18 -49.55 -55.37
N GLU A 525 24.46 -50.82 -55.06
CA GLU A 525 23.65 -51.91 -55.60
C GLU A 525 22.23 -51.87 -55.07
N GLN A 526 22.06 -51.62 -53.77
CA GLN A 526 20.72 -51.57 -53.19
C GLN A 526 19.99 -50.29 -53.58
N PHE A 527 20.70 -49.16 -53.55
CA PHE A 527 20.09 -47.87 -53.83
C PHE A 527 20.60 -47.32 -55.16
N PRO A 528 19.75 -47.18 -56.17
CA PRO A 528 20.22 -46.71 -57.48
C PRO A 528 20.67 -45.26 -57.47
N GLN A 529 21.19 -44.78 -58.61
CA GLN A 529 21.68 -43.41 -58.68
C GLN A 529 20.55 -42.41 -58.46
N SER A 530 19.38 -42.65 -59.05
CA SER A 530 18.25 -41.75 -58.93
C SER A 530 17.31 -42.27 -57.85
N TYR A 531 17.02 -41.44 -56.85
CA TYR A 531 16.17 -41.84 -55.75
C TYR A 531 15.38 -40.63 -55.26
N ILE A 532 14.26 -40.90 -54.61
CA ILE A 532 13.38 -39.87 -54.07
C ILE A 532 13.36 -40.01 -52.56
N PHE A 533 13.59 -38.91 -51.87
CA PHE A 533 13.67 -38.88 -50.42
C PHE A 533 12.38 -38.32 -49.83
N ASP A 534 11.82 -39.03 -48.86
CA ASP A 534 10.61 -38.61 -48.16
C ASP A 534 10.87 -38.58 -46.66
N VAL A 535 10.37 -37.52 -46.01
CA VAL A 535 10.56 -37.38 -44.57
C VAL A 535 9.77 -38.45 -43.82
N ASP A 536 8.51 -38.65 -44.20
CA ASP A 536 7.67 -39.63 -43.52
C ASP A 536 8.15 -41.06 -43.80
N SER A 537 8.42 -41.36 -45.07
CA SER A 537 8.90 -42.68 -45.42
C SER A 537 10.31 -42.92 -44.89
N VAL A 538 10.55 -44.13 -44.38
CA VAL A 538 11.87 -44.44 -43.84
C VAL A 538 12.92 -44.41 -44.95
N ASN A 539 12.65 -45.11 -46.06
CA ASN A 539 13.55 -45.16 -47.20
C ASN A 539 14.96 -45.57 -46.78
N PHE A 540 15.84 -44.59 -46.63
CA PHE A 540 17.21 -44.87 -46.20
C PHE A 540 17.21 -45.33 -44.75
N PRO A 541 17.99 -46.36 -44.42
CA PRO A 541 18.09 -46.80 -43.02
C PRO A 541 18.71 -45.72 -42.14
N THR A 542 18.25 -45.66 -40.90
CA THR A 542 18.74 -44.69 -39.92
C THR A 542 19.32 -45.35 -38.68
N SER A 543 19.81 -46.59 -38.81
CA SER A 543 20.35 -47.33 -37.68
C SER A 543 21.68 -47.97 -38.08
N ASN A 544 22.45 -48.36 -37.05
CA ASN A 544 23.74 -49.01 -37.23
C ASN A 544 24.69 -48.14 -38.05
N PHE A 545 24.82 -46.88 -37.64
CA PHE A 545 25.66 -45.93 -38.34
C PHE A 545 27.07 -45.96 -37.75
N CYS A 546 27.94 -45.09 -38.25
CA CYS A 546 29.35 -45.07 -37.84
C CYS A 546 29.55 -43.94 -36.84
N PHE A 547 29.38 -44.27 -35.56
CA PHE A 547 29.70 -43.32 -34.50
C PHE A 547 31.21 -43.09 -34.46
N VAL A 548 31.61 -41.83 -34.27
CA VAL A 548 33.01 -41.45 -34.37
C VAL A 548 33.55 -41.01 -33.02
N GLY A 549 32.99 -39.94 -32.46
CA GLY A 549 33.50 -39.40 -31.22
C GLY A 549 32.49 -38.49 -30.55
N LEU A 550 32.96 -37.82 -29.51
CA LEU A 550 32.12 -36.96 -28.69
C LEU A 550 32.72 -35.56 -28.62
N LEU A 551 31.86 -34.56 -28.56
CA LEU A 551 32.25 -33.17 -28.40
C LEU A 551 31.79 -32.67 -27.04
N SER A 552 32.73 -32.18 -26.24
CA SER A 552 32.43 -31.69 -24.89
C SER A 552 32.49 -30.17 -24.90
N MET A 553 31.43 -29.55 -24.36
CA MET A 553 31.25 -28.11 -24.45
C MET A 553 30.75 -27.60 -23.09
N ILE A 554 31.39 -26.53 -22.61
CA ILE A 554 31.17 -26.05 -21.25
C ILE A 554 30.00 -25.07 -21.24
N ASP A 555 29.05 -25.29 -20.34
CA ASP A 555 27.93 -24.38 -20.17
C ASP A 555 28.00 -23.74 -18.79
N PRO A 556 28.78 -22.66 -18.62
CA PRO A 556 28.97 -22.08 -17.30
C PRO A 556 27.72 -21.35 -16.84
N PRO A 557 27.33 -21.51 -15.58
CA PRO A 557 26.17 -20.77 -15.06
C PRO A 557 26.47 -19.29 -14.96
N ARG A 558 25.40 -18.48 -14.98
CA ARG A 558 25.56 -17.04 -14.89
C ARG A 558 26.09 -16.66 -13.51
N SER A 559 26.78 -15.51 -13.46
CA SER A 559 27.52 -15.13 -12.26
C SER A 559 26.59 -14.93 -11.07
N THR A 560 25.45 -14.25 -11.27
CA THR A 560 24.56 -13.92 -10.17
C THR A 560 23.67 -15.07 -9.74
N VAL A 561 23.69 -16.20 -10.47
CA VAL A 561 22.79 -17.30 -10.15
C VAL A 561 23.04 -17.90 -8.77
N PRO A 562 24.27 -18.24 -8.38
CA PRO A 562 24.47 -18.83 -7.05
C PRO A 562 23.99 -17.96 -5.90
N ASP A 563 24.17 -16.65 -6.00
CA ASP A 563 23.64 -15.76 -4.97
C ASP A 563 22.12 -15.82 -4.92
N ALA A 564 21.46 -15.89 -6.07
CA ALA A 564 20.01 -16.02 -6.10
C ALA A 564 19.55 -17.33 -5.47
N VAL A 565 20.23 -18.44 -5.79
CA VAL A 565 19.85 -19.72 -5.21
C VAL A 565 20.09 -19.77 -3.72
N SER A 566 21.14 -19.11 -3.22
CA SER A 566 21.34 -18.98 -1.78
C SER A 566 20.29 -18.09 -1.12
N LYS A 567 19.88 -16.99 -1.77
CA LYS A 567 18.82 -16.16 -1.22
C LYS A 567 17.49 -16.90 -1.20
N CYS A 568 17.25 -17.77 -2.17
CA CYS A 568 16.04 -18.59 -2.15
C CYS A 568 16.05 -19.55 -0.96
N ARG A 569 17.21 -20.14 -0.66
CA ARG A 569 17.33 -21.00 0.51
C ARG A 569 17.12 -20.22 1.80
N SER A 570 17.70 -19.01 1.88
CA SER A 570 17.54 -18.19 3.07
C SER A 570 16.08 -17.76 3.26
N ALA A 571 15.40 -17.42 2.18
CA ALA A 571 14.02 -16.94 2.24
C ALA A 571 13.00 -18.06 2.24
N GLY A 572 13.43 -19.31 2.25
CA GLY A 572 12.50 -20.43 2.26
C GLY A 572 11.70 -20.59 0.99
N ILE A 573 12.33 -20.40 -0.16
CA ILE A 573 11.71 -20.62 -1.46
C ILE A 573 12.36 -21.85 -2.08
N LYS A 574 11.54 -22.83 -2.45
CA LYS A 574 12.06 -24.07 -3.03
C LYS A 574 12.32 -23.88 -4.51
N VAL A 575 13.48 -24.34 -4.97
CA VAL A 575 13.88 -24.25 -6.37
C VAL A 575 13.93 -25.65 -6.96
N ILE A 576 13.33 -25.81 -8.13
CA ILE A 576 13.26 -27.10 -8.82
C ILE A 576 13.73 -26.90 -10.26
N MET A 577 14.53 -27.84 -10.76
CA MET A 577 15.00 -27.82 -12.13
C MET A 577 14.15 -28.79 -12.96
N VAL A 578 13.79 -28.35 -14.17
CA VAL A 578 12.98 -29.16 -15.07
C VAL A 578 13.72 -29.36 -16.39
N THR A 579 15.05 -29.42 -16.33
CA THR A 579 15.84 -29.63 -17.53
C THR A 579 15.58 -31.03 -18.10
N GLY A 580 15.83 -31.17 -19.40
CA GLY A 580 15.63 -32.43 -20.08
C GLY A 580 16.91 -33.18 -20.39
N ASP A 581 17.90 -33.05 -19.52
CA ASP A 581 19.22 -33.63 -19.72
C ASP A 581 19.40 -34.86 -18.81
N HIS A 582 20.57 -35.47 -18.93
CA HIS A 582 20.87 -36.69 -18.20
C HIS A 582 20.84 -36.40 -16.69
N PRO A 583 20.31 -37.31 -15.87
CA PRO A 583 20.30 -37.07 -14.43
C PRO A 583 21.68 -36.99 -13.79
N ILE A 584 22.76 -37.12 -14.56
CA ILE A 584 24.11 -36.93 -14.05
C ILE A 584 24.59 -35.50 -14.27
N THR A 585 24.47 -35.00 -15.50
CA THR A 585 24.89 -33.63 -15.78
C THR A 585 24.00 -32.62 -15.06
N ALA A 586 22.68 -32.90 -14.99
CA ALA A 586 21.78 -32.02 -14.29
C ALA A 586 22.15 -31.94 -12.81
N LYS A 587 22.43 -33.08 -12.19
CA LYS A 587 22.84 -33.08 -10.78
C LYS A 587 24.18 -32.37 -10.60
N ALA A 588 25.13 -32.59 -11.50
CA ALA A 588 26.45 -31.98 -11.39
C ALA A 588 26.41 -30.47 -11.58
N ILE A 589 25.47 -29.95 -12.36
CA ILE A 589 25.35 -28.50 -12.50
C ILE A 589 24.48 -27.91 -11.39
N ALA A 590 23.50 -28.67 -10.89
CA ALA A 590 22.72 -28.21 -9.75
C ALA A 590 23.59 -28.05 -8.52
N LYS A 591 24.51 -29.00 -8.30
CA LYS A 591 25.42 -28.88 -7.18
C LYS A 591 26.35 -27.67 -7.33
N SER A 592 26.66 -27.29 -8.57
CA SER A 592 27.49 -26.12 -8.80
C SER A 592 26.73 -24.82 -8.56
N VAL A 593 25.48 -24.74 -9.03
CA VAL A 593 24.69 -23.53 -8.84
C VAL A 593 24.06 -23.43 -7.46
N GLY A 594 24.12 -24.50 -6.68
CA GLY A 594 23.59 -24.48 -5.33
C GLY A 594 22.21 -25.07 -5.15
N ILE A 595 21.56 -25.51 -6.24
CA ILE A 595 20.22 -26.09 -6.10
C ILE A 595 20.27 -27.35 -5.24
N ILE A 596 21.24 -28.21 -5.50
CA ILE A 596 21.52 -29.36 -4.64
C ILE A 596 22.70 -28.94 -3.77
N SER A 597 22.41 -28.49 -2.55
CA SER A 597 23.42 -27.91 -1.68
C SER A 597 24.41 -28.98 -1.21
N ALA A 598 25.52 -28.51 -0.66
CA ALA A 598 26.51 -29.40 -0.10
C ALA A 598 25.96 -30.09 1.15
N ASN A 599 26.60 -31.19 1.53
CA ASN A 599 26.15 -32.04 2.63
C ASN A 599 24.74 -32.58 2.38
N ASN A 600 24.40 -32.78 1.12
CA ASN A 600 23.14 -33.39 0.71
C ASN A 600 23.43 -34.54 -0.23
N GLU A 601 22.65 -35.61 -0.12
CA GLU A 601 22.97 -36.86 -0.78
C GLU A 601 21.69 -37.51 -1.28
N THR A 602 21.62 -37.77 -2.59
CA THR A 602 20.52 -38.54 -3.15
C THR A 602 20.64 -40.00 -2.71
N VAL A 603 19.55 -40.75 -2.87
CA VAL A 603 19.53 -42.12 -2.38
C VAL A 603 20.56 -42.99 -3.10
N GLU A 604 20.81 -42.73 -4.38
CA GLU A 604 21.83 -43.49 -5.09
C GLU A 604 23.22 -43.24 -4.51
N ASP A 605 23.54 -41.99 -4.21
CA ASP A 605 24.86 -41.67 -3.69
C ASP A 605 25.05 -42.20 -2.28
N ILE A 606 24.00 -42.15 -1.46
CA ILE A 606 24.11 -42.71 -0.11
C ILE A 606 24.20 -44.23 -0.15
N ALA A 607 23.54 -44.86 -1.13
CA ALA A 607 23.73 -46.30 -1.34
C ALA A 607 25.16 -46.60 -1.75
N LYS A 608 25.75 -45.75 -2.61
CA LYS A 608 27.15 -45.92 -2.99
C LYS A 608 28.06 -45.79 -1.78
N ARG A 609 27.82 -44.78 -0.94
CA ARG A 609 28.63 -44.60 0.26
C ARG A 609 28.50 -45.78 1.20
N ARG A 610 27.27 -46.29 1.38
CA ARG A 610 27.07 -47.50 2.17
C ARG A 610 27.56 -48.76 1.47
N ASN A 611 27.92 -48.66 0.19
CA ASN A 611 28.43 -49.78 -0.60
C ASN A 611 27.41 -50.91 -0.74
N ILE A 612 26.12 -50.57 -0.68
CA ILE A 612 25.06 -51.57 -0.84
C ILE A 612 24.11 -51.11 -1.93
N ALA A 613 23.12 -51.95 -2.25
CA ALA A 613 22.16 -51.62 -3.29
C ALA A 613 21.22 -50.51 -2.81
N VAL A 614 20.56 -49.87 -3.78
CA VAL A 614 19.68 -48.75 -3.48
C VAL A 614 18.49 -49.20 -2.65
N GLU A 615 17.88 -50.34 -3.03
CA GLU A 615 16.68 -50.81 -2.35
C GLU A 615 16.96 -51.23 -0.91
N GLN A 616 18.22 -51.50 -0.56
CA GLN A 616 18.61 -51.80 0.80
C GLN A 616 18.95 -50.55 1.60
N VAL A 617 18.54 -49.37 1.12
CA VAL A 617 18.81 -48.10 1.77
C VAL A 617 17.49 -47.42 2.06
N ASN A 618 17.30 -46.98 3.29
CA ASN A 618 16.09 -46.26 3.67
C ASN A 618 16.06 -44.92 2.95
N LYS A 619 14.92 -44.61 2.32
CA LYS A 619 14.81 -43.40 1.51
C LYS A 619 14.83 -42.13 2.33
N ARG A 620 14.47 -42.19 3.61
CA ARG A 620 14.48 -41.01 4.45
C ARG A 620 15.90 -40.50 4.69
N GLU A 621 16.90 -41.37 4.51
CA GLU A 621 18.29 -40.97 4.67
C GLU A 621 18.79 -40.07 3.54
N ALA A 622 17.95 -39.78 2.55
CA ALA A 622 18.30 -38.92 1.43
C ALA A 622 17.36 -37.72 1.40
N LYS A 623 17.91 -36.54 1.11
CA LYS A 623 17.13 -35.32 1.03
C LYS A 623 16.95 -34.80 -0.39
N ALA A 624 17.83 -35.18 -1.31
CA ALA A 624 17.75 -34.74 -2.71
C ALA A 624 17.09 -35.82 -3.56
N ALA A 625 16.72 -35.45 -4.78
CA ALA A 625 16.08 -36.37 -5.71
C ALA A 625 16.40 -35.94 -7.13
N VAL A 626 17.04 -36.82 -7.89
CA VAL A 626 17.28 -36.60 -9.31
C VAL A 626 16.50 -37.69 -10.05
N VAL A 627 15.27 -37.37 -10.42
CA VAL A 627 14.34 -38.33 -11.01
C VAL A 627 14.21 -38.04 -12.50
N THR A 628 14.33 -39.08 -13.31
CA THR A 628 14.23 -38.95 -14.76
C THR A 628 12.78 -38.75 -15.18
N GLY A 629 12.58 -38.42 -16.45
CA GLY A 629 11.24 -38.15 -16.95
C GLY A 629 10.34 -39.36 -16.90
N MET A 630 10.84 -40.52 -17.31
CA MET A 630 10.04 -41.74 -17.26
C MET A 630 9.71 -42.11 -15.82
N GLU A 631 10.58 -41.75 -14.88
CA GLU A 631 10.34 -42.09 -13.48
C GLU A 631 9.04 -41.50 -12.98
N LEU A 632 8.83 -40.20 -13.21
CA LEU A 632 7.56 -39.58 -12.84
C LEU A 632 6.48 -39.83 -13.89
N LYS A 633 6.85 -40.29 -15.08
CA LYS A 633 5.84 -40.77 -16.02
C LYS A 633 5.16 -42.03 -15.52
N ASP A 634 5.86 -42.82 -14.70
CA ASP A 634 5.34 -44.09 -14.22
C ASP A 634 4.60 -43.99 -12.89
N MET A 635 4.53 -42.81 -12.27
CA MET A 635 3.86 -42.67 -10.98
C MET A 635 2.45 -42.12 -11.14
N THR A 636 1.56 -42.55 -10.25
CA THR A 636 0.27 -41.90 -10.09
C THR A 636 0.48 -40.56 -9.37
N PRO A 637 -0.51 -39.66 -9.44
CA PRO A 637 -0.33 -38.34 -8.80
C PRO A 637 -0.01 -38.40 -7.32
N GLU A 638 -0.46 -39.43 -6.60
CA GLU A 638 -0.14 -39.54 -5.18
C GLU A 638 1.36 -39.70 -4.96
N GLN A 639 2.02 -40.51 -5.79
CA GLN A 639 3.46 -40.68 -5.67
C GLN A 639 4.20 -39.38 -5.97
N LEU A 640 3.75 -38.62 -6.97
CA LEU A 640 4.36 -37.33 -7.26
C LEU A 640 4.19 -36.37 -6.09
N ASP A 641 3.00 -36.36 -5.48
CA ASP A 641 2.77 -35.48 -4.34
C ASP A 641 3.67 -35.87 -3.16
N GLU A 642 3.79 -37.16 -2.89
CA GLU A 642 4.66 -37.57 -1.78
C GLU A 642 6.13 -37.32 -2.08
N LEU A 643 6.53 -37.40 -3.35
CA LEU A 643 7.89 -37.04 -3.71
C LEU A 643 8.15 -35.55 -3.50
N LEU A 644 7.21 -34.70 -3.92
CA LEU A 644 7.36 -33.27 -3.70
C LEU A 644 7.26 -32.88 -2.24
N THR A 645 6.61 -33.69 -1.41
CA THR A 645 6.49 -33.42 0.02
C THR A 645 7.70 -33.89 0.81
N ASN A 646 8.15 -35.12 0.62
CA ASN A 646 9.18 -35.71 1.46
C ASN A 646 10.58 -35.19 1.16
N TYR A 647 10.89 -34.90 -0.10
CA TYR A 647 12.26 -34.56 -0.50
C TYR A 647 12.37 -33.06 -0.74
N GLN A 648 13.47 -32.48 -0.28
CA GLN A 648 13.62 -31.02 -0.33
C GLN A 648 14.03 -30.55 -1.72
N GLU A 649 15.19 -30.98 -2.20
CA GLU A 649 15.71 -30.56 -3.50
C GLU A 649 15.43 -31.64 -4.53
N ILE A 650 14.72 -31.26 -5.59
CA ILE A 650 14.30 -32.19 -6.64
C ILE A 650 14.76 -31.66 -7.98
N VAL A 651 15.39 -32.52 -8.77
CA VAL A 651 15.88 -32.17 -10.11
C VAL A 651 15.17 -33.09 -11.09
N PHE A 652 14.18 -32.54 -11.81
CA PHE A 652 13.41 -33.31 -12.78
C PHE A 652 14.19 -33.32 -14.11
N ALA A 653 15.23 -34.14 -14.15
CA ALA A 653 16.05 -34.28 -15.34
C ALA A 653 15.42 -35.25 -16.32
N ARG A 654 15.86 -35.15 -17.58
CA ARG A 654 15.39 -36.02 -18.67
C ARG A 654 13.87 -36.00 -18.79
N THR A 655 13.28 -34.83 -18.53
CA THR A 655 11.83 -34.70 -18.52
C THR A 655 11.33 -34.09 -19.82
N SER A 656 10.12 -34.49 -20.20
CA SER A 656 9.49 -33.93 -21.39
C SER A 656 9.08 -32.49 -21.12
N PRO A 657 9.13 -31.61 -22.11
CA PRO A 657 8.63 -30.23 -21.90
C PRO A 657 7.17 -30.19 -21.52
N GLN A 658 6.36 -31.15 -22.00
CA GLN A 658 4.95 -31.18 -21.64
C GLN A 658 4.75 -31.58 -20.19
N GLN A 659 5.63 -32.42 -19.62
CA GLN A 659 5.51 -32.87 -18.24
C GLN A 659 5.66 -31.73 -17.24
N LYS A 660 6.00 -30.53 -17.70
CA LYS A 660 5.89 -29.37 -16.83
C LYS A 660 4.46 -29.18 -16.36
N LEU A 661 3.48 -29.60 -17.16
CA LEU A 661 2.09 -29.64 -16.71
C LEU A 661 1.95 -30.46 -15.44
N ILE A 662 2.47 -31.69 -15.46
CA ILE A 662 2.35 -32.59 -14.32
C ILE A 662 3.08 -32.01 -13.13
N ILE A 663 4.29 -31.48 -13.36
CA ILE A 663 5.08 -30.94 -12.26
C ILE A 663 4.37 -29.78 -11.59
N VAL A 664 3.86 -28.83 -12.39
CA VAL A 664 3.22 -27.64 -11.83
C VAL A 664 1.93 -28.01 -11.12
N GLU A 665 1.10 -28.86 -11.75
CA GLU A 665 -0.16 -29.21 -11.12
C GLU A 665 0.03 -30.08 -9.89
N GLY A 666 1.13 -30.84 -9.80
CA GLY A 666 1.42 -31.53 -8.56
C GLY A 666 1.92 -30.59 -7.47
N CYS A 667 2.73 -29.60 -7.86
CA CYS A 667 3.24 -28.64 -6.88
C CYS A 667 2.13 -27.78 -6.30
N GLN A 668 1.16 -27.39 -7.13
CA GLN A 668 0.10 -26.49 -6.66
C GLN A 668 -0.84 -27.15 -5.64
N ARG A 669 -0.85 -28.48 -5.54
CA ARG A 669 -1.68 -29.17 -4.58
C ARG A 669 -1.06 -29.25 -3.19
N GLN A 670 -0.08 -28.41 -2.89
CA GLN A 670 0.60 -28.40 -1.60
C GLN A 670 0.41 -27.09 -0.85
N ASP A 671 -0.65 -26.34 -1.18
CA ASP A 671 -0.91 -25.03 -0.57
C ASP A 671 0.28 -24.10 -0.74
N ALA A 672 0.89 -24.14 -1.93
CA ALA A 672 2.05 -23.32 -2.23
C ALA A 672 1.82 -22.58 -3.55
N ILE A 673 2.54 -21.48 -3.71
CA ILE A 673 2.48 -20.66 -4.92
C ILE A 673 3.69 -21.01 -5.78
N VAL A 674 3.43 -21.50 -6.99
CA VAL A 674 4.49 -21.93 -7.89
C VAL A 674 4.75 -20.84 -8.91
N ALA A 675 5.99 -20.80 -9.41
CA ALA A 675 6.40 -19.83 -10.43
C ALA A 675 7.29 -20.57 -11.43
N VAL A 676 6.68 -21.10 -12.47
CA VAL A 676 7.41 -21.85 -13.50
C VAL A 676 7.92 -20.87 -14.55
N THR A 677 9.06 -21.20 -15.15
CA THR A 677 9.69 -20.38 -16.18
C THR A 677 9.82 -21.21 -17.45
N GLY A 678 9.07 -20.84 -18.49
CA GLY A 678 9.14 -21.53 -19.76
C GLY A 678 9.31 -20.55 -20.90
N ASP A 679 9.98 -21.02 -21.96
CA ASP A 679 10.29 -20.19 -23.10
C ASP A 679 9.71 -20.73 -24.41
N GLY A 680 8.95 -21.81 -24.37
CA GLY A 680 8.44 -22.43 -25.57
C GLY A 680 6.93 -22.51 -25.55
N VAL A 681 6.36 -22.68 -26.76
CA VAL A 681 4.93 -22.88 -26.88
C VAL A 681 4.50 -24.18 -26.20
N ASN A 682 5.41 -25.15 -26.08
CA ASN A 682 5.10 -26.36 -25.33
C ASN A 682 4.87 -26.07 -23.86
N ASP A 683 5.58 -25.08 -23.31
CA ASP A 683 5.45 -24.71 -21.91
C ASP A 683 4.27 -23.79 -21.63
N SER A 684 3.63 -23.26 -22.68
CA SER A 684 2.52 -22.33 -22.48
C SER A 684 1.38 -22.92 -21.66
N PRO A 685 0.91 -24.16 -21.90
CA PRO A 685 -0.11 -24.71 -20.99
C PRO A 685 0.36 -24.79 -19.54
N ALA A 686 1.64 -25.04 -19.32
CA ALA A 686 2.21 -25.00 -17.98
C ALA A 686 2.50 -23.59 -17.50
N LEU A 687 2.72 -22.66 -18.43
CA LEU A 687 2.91 -21.26 -18.10
C LEU A 687 1.59 -20.57 -17.76
N LYS A 688 0.46 -21.21 -18.08
CA LYS A 688 -0.87 -20.71 -17.71
C LYS A 688 -1.37 -21.28 -16.39
N LYS A 689 -1.11 -22.56 -16.12
CA LYS A 689 -1.58 -23.17 -14.88
C LYS A 689 -0.83 -22.61 -13.67
N ALA A 690 0.43 -22.21 -13.86
CA ALA A 690 1.23 -21.69 -12.76
C ALA A 690 0.65 -20.38 -12.24
N ASP A 691 0.85 -20.12 -10.95
CA ASP A 691 0.36 -18.88 -10.35
C ASP A 691 1.06 -17.67 -10.96
N ILE A 692 2.37 -17.77 -11.18
CA ILE A 692 3.14 -16.72 -11.87
C ILE A 692 3.91 -17.42 -12.99
N GLY A 693 3.32 -17.48 -14.18
CA GLY A 693 4.05 -17.99 -15.32
C GLY A 693 5.06 -16.98 -15.80
N ILE A 694 6.25 -17.44 -16.17
CA ILE A 694 7.36 -16.57 -16.53
C ILE A 694 7.84 -16.93 -17.92
N ALA A 695 7.93 -15.92 -18.78
CA ALA A 695 8.41 -16.11 -20.15
C ALA A 695 9.84 -15.62 -20.25
N MET A 696 10.70 -16.45 -20.84
CA MET A 696 12.11 -16.10 -20.95
C MET A 696 12.26 -14.86 -21.81
N GLY A 697 13.12 -13.94 -21.38
CA GLY A 697 13.07 -12.60 -21.94
C GLY A 697 13.64 -12.41 -23.33
N ILE A 698 14.96 -12.52 -23.47
CA ILE A 698 15.59 -12.29 -24.77
C ILE A 698 15.36 -13.48 -25.69
N ALA A 699 15.58 -14.69 -25.20
CA ALA A 699 15.39 -15.91 -25.96
C ALA A 699 14.05 -16.52 -25.55
N GLY A 700 12.98 -16.08 -26.20
CA GLY A 700 11.66 -16.59 -25.89
C GLY A 700 10.72 -16.44 -27.07
N SER A 701 9.63 -17.20 -27.01
CA SER A 701 8.60 -17.17 -28.05
C SER A 701 7.44 -16.29 -27.60
N ASP A 702 6.73 -15.73 -28.59
CA ASP A 702 5.64 -14.82 -28.29
C ASP A 702 4.46 -15.54 -27.63
N ALA A 703 4.29 -16.83 -27.91
CA ALA A 703 3.23 -17.58 -27.24
C ALA A 703 3.47 -17.64 -25.73
N ALA A 704 4.72 -17.91 -25.33
CA ALA A 704 5.06 -17.89 -23.91
C ALA A 704 4.89 -16.50 -23.32
N LYS A 705 5.34 -15.47 -24.04
CA LYS A 705 5.23 -14.11 -23.55
C LYS A 705 3.78 -13.64 -23.47
N ASN A 706 2.88 -14.29 -24.19
CA ASN A 706 1.46 -13.99 -24.09
C ASN A 706 0.78 -14.79 -23.00
N ALA A 707 1.24 -16.01 -22.73
CA ALA A 707 0.65 -16.86 -21.70
C ALA A 707 1.30 -16.67 -20.33
N ALA A 708 2.33 -15.85 -20.23
CA ALA A 708 3.03 -15.65 -18.97
C ALA A 708 2.48 -14.43 -18.23
N ASP A 709 2.47 -14.52 -16.91
CA ASP A 709 2.06 -13.40 -16.07
C ASP A 709 3.20 -12.43 -15.80
N MET A 710 4.41 -12.74 -16.25
CA MET A 710 5.58 -11.92 -15.96
C MET A 710 6.67 -12.24 -16.97
N VAL A 711 7.36 -11.19 -17.42
CA VAL A 711 8.32 -11.28 -18.51
C VAL A 711 9.66 -10.76 -18.02
N LEU A 712 10.72 -11.52 -18.26
CA LEU A 712 12.07 -11.08 -17.92
C LEU A 712 12.64 -10.22 -19.05
N LEU A 713 13.68 -9.45 -18.71
CA LEU A 713 14.37 -8.61 -19.68
C LEU A 713 15.88 -8.77 -19.60
N ASP A 714 16.37 -9.70 -18.79
CA ASP A 714 17.80 -9.95 -18.64
C ASP A 714 18.10 -11.41 -18.95
N ASP A 715 17.10 -12.17 -19.41
CA ASP A 715 17.16 -13.61 -19.65
C ASP A 715 18.07 -14.32 -18.65
N ASN A 716 17.87 -14.03 -17.37
CA ASN A 716 18.78 -14.47 -16.32
C ASN A 716 17.99 -14.78 -15.06
N PHE A 717 18.46 -15.77 -14.31
CA PHE A 717 18.03 -15.92 -12.93
C PHE A 717 18.51 -14.73 -12.11
N ALA A 718 18.15 -14.71 -10.83
CA ALA A 718 18.35 -13.60 -9.92
C ALA A 718 17.50 -12.40 -10.30
N SER A 719 16.78 -12.45 -11.41
CA SER A 719 15.67 -11.55 -11.66
C SER A 719 14.38 -12.08 -11.07
N ILE A 720 14.16 -13.39 -11.14
CA ILE A 720 13.01 -14.00 -10.49
C ILE A 720 13.06 -13.85 -8.98
N VAL A 721 14.25 -13.66 -8.40
CA VAL A 721 14.35 -13.46 -6.96
C VAL A 721 14.34 -11.98 -6.58
N THR A 722 14.86 -11.09 -7.42
CA THR A 722 14.73 -9.67 -7.20
C THR A 722 13.35 -9.16 -7.59
N GLY A 723 12.53 -10.00 -8.18
CA GLY A 723 11.12 -9.68 -8.32
C GLY A 723 10.39 -10.02 -7.04
N VAL A 724 10.77 -11.13 -6.41
CA VAL A 724 10.19 -11.48 -5.12
C VAL A 724 10.61 -10.48 -4.05
N GLU A 725 11.86 -10.03 -4.11
CA GLU A 725 12.37 -9.13 -3.08
C GLU A 725 11.66 -7.78 -3.06
N GLU A 726 11.14 -7.32 -4.20
CA GLU A 726 10.31 -6.13 -4.24
C GLU A 726 8.82 -6.43 -4.28
N GLY A 727 8.42 -7.69 -4.46
CA GLY A 727 7.04 -8.05 -4.27
C GLY A 727 6.72 -8.14 -2.79
N ARG A 728 7.74 -8.48 -2.00
CA ARG A 728 7.62 -8.47 -0.54
C ARG A 728 7.62 -7.05 0.00
N LEU A 729 8.26 -6.12 -0.71
CA LEU A 729 8.32 -4.74 -0.26
C LEU A 729 6.94 -4.10 -0.24
N ILE A 730 6.02 -4.55 -1.09
CA ILE A 730 4.66 -4.03 -1.07
C ILE A 730 4.02 -4.28 0.29
N PHE A 731 4.08 -5.51 0.77
CA PHE A 731 3.51 -5.88 2.06
C PHE A 731 4.32 -5.34 3.22
N ASP A 732 5.62 -5.14 3.06
CA ASP A 732 6.40 -4.51 4.10
C ASP A 732 6.09 -3.03 4.27
N ASN A 733 5.85 -2.31 3.17
CA ASN A 733 5.56 -0.89 3.22
C ASN A 733 4.09 -0.58 3.42
N LEU A 734 3.20 -1.55 3.20
CA LEU A 734 1.80 -1.36 3.55
C LEU A 734 1.52 -1.52 5.03
N LYS A 735 2.23 -2.43 5.72
CA LYS A 735 2.13 -2.55 7.16
C LYS A 735 2.70 -1.35 7.89
N LYS A 736 3.58 -0.58 7.24
CA LYS A 736 4.09 0.66 7.80
C LYS A 736 3.18 1.84 7.50
N THR A 737 2.34 1.74 6.47
CA THR A 737 1.42 2.80 6.09
C THR A 737 0.07 2.66 6.79
N ILE A 738 -0.34 1.44 7.11
CA ILE A 738 -1.58 1.17 7.84
C ILE A 738 -1.37 1.22 9.34
N ALA A 739 -0.13 1.40 9.79
CA ALA A 739 0.14 1.54 11.22
C ALA A 739 0.29 3.00 11.63
N TYR A 740 1.02 3.80 10.84
CA TYR A 740 1.14 5.22 11.14
C TYR A 740 -0.22 5.90 11.09
N THR A 741 -1.07 5.50 10.15
CA THR A 741 -2.42 6.04 10.05
C THR A 741 -3.25 5.69 11.28
N LEU A 742 -3.20 4.43 11.72
CA LEU A 742 -3.99 3.98 12.85
C LEU A 742 -3.46 4.48 14.19
N THR A 743 -2.20 4.90 14.26
CA THR A 743 -1.64 5.35 15.53
C THR A 743 -2.43 6.51 16.12
N ALA A 744 -2.66 7.56 15.33
CA ALA A 744 -3.35 8.75 15.82
C ALA A 744 -4.86 8.61 15.56
N ASN A 745 -5.43 7.58 16.20
CA ASN A 745 -6.87 7.37 16.13
C ASN A 745 -7.55 7.31 17.48
N ILE A 746 -6.86 6.85 18.53
CA ILE A 746 -7.38 6.90 19.89
C ILE A 746 -6.98 8.18 20.61
N ALA A 747 -6.02 8.92 20.08
CA ALA A 747 -5.64 10.23 20.61
C ALA A 747 -6.51 11.33 20.02
N GLU A 748 -7.62 10.96 19.40
CA GLU A 748 -8.56 11.92 18.82
C GLU A 748 -9.97 11.68 19.34
N LEU A 749 -10.17 10.53 19.99
CA LEU A 749 -11.46 10.22 20.60
C LEU A 749 -11.37 10.05 22.11
N CYS A 750 -10.18 9.86 22.66
CA CYS A 750 -9.98 9.88 24.10
C CYS A 750 -10.33 11.26 24.67
N PRO A 751 -9.90 12.38 24.02
CA PRO A 751 -10.29 13.69 24.55
C PRO A 751 -11.79 13.85 24.74
N PHE A 752 -12.59 13.36 23.80
CA PHE A 752 -14.03 13.50 23.95
C PHE A 752 -14.57 12.57 25.04
N LEU A 753 -13.98 11.39 25.20
CA LEU A 753 -14.40 10.50 26.27
C LEU A 753 -14.17 11.14 27.63
N ILE A 754 -12.99 11.74 27.83
CA ILE A 754 -12.71 12.43 29.09
C ILE A 754 -13.57 13.67 29.22
N TYR A 755 -13.86 14.36 28.11
CA TYR A 755 -14.75 15.52 28.16
C TYR A 755 -16.14 15.13 28.64
N ILE A 756 -16.64 13.98 28.19
CA ILE A 756 -17.95 13.51 28.62
C ILE A 756 -17.91 13.06 30.08
N VAL A 757 -16.89 12.30 30.44
CA VAL A 757 -16.88 11.66 31.76
C VAL A 757 -16.46 12.64 32.86
N ALA A 758 -15.24 13.16 32.77
CA ALA A 758 -14.70 14.00 33.83
C ALA A 758 -15.21 15.43 33.79
N GLY A 759 -15.81 15.86 32.70
CA GLY A 759 -16.35 17.21 32.61
C GLY A 759 -15.34 18.28 32.30
N LEU A 760 -14.14 17.92 31.85
CA LEU A 760 -13.16 18.92 31.47
C LEU A 760 -13.65 19.69 30.24
N PRO A 761 -13.24 20.95 30.10
CA PRO A 761 -13.50 21.66 28.84
C PRO A 761 -12.86 20.93 27.68
N LEU A 762 -13.52 21.00 26.51
CA LEU A 762 -13.20 20.21 25.33
C LEU A 762 -11.72 20.23 25.00
N PRO A 763 -10.99 19.13 25.21
CA PRO A 763 -9.56 19.13 24.87
C PRO A 763 -9.28 19.39 23.41
N ILE A 764 -10.11 18.88 22.51
CA ILE A 764 -9.93 19.05 21.08
C ILE A 764 -11.30 19.03 20.41
N GLY A 765 -11.45 19.84 19.36
CA GLY A 765 -12.71 19.97 18.67
C GLY A 765 -12.94 18.84 17.68
N THR A 766 -14.04 18.98 16.93
CA THR A 766 -14.37 18.01 15.89
C THR A 766 -13.74 18.36 14.55
N ILE A 767 -13.63 19.65 14.23
CA ILE A 767 -12.94 20.07 13.01
C ILE A 767 -11.45 19.82 13.14
N THR A 768 -10.90 19.92 14.35
CA THR A 768 -9.47 19.75 14.55
C THR A 768 -9.04 18.31 14.26
N ILE A 769 -9.81 17.33 14.72
CA ILE A 769 -9.46 15.93 14.48
C ILE A 769 -9.67 15.53 13.03
N LEU A 770 -10.35 16.35 12.25
CA LEU A 770 -10.41 16.16 10.80
C LEU A 770 -9.25 16.85 10.09
N PHE A 771 -8.83 18.01 10.60
CA PHE A 771 -7.63 18.65 10.07
C PHE A 771 -6.40 17.80 10.33
N ILE A 772 -6.35 17.08 11.44
CA ILE A 772 -5.24 16.16 11.69
C ILE A 772 -5.18 15.09 10.60
N ASP A 773 -6.33 14.51 10.27
CA ASP A 773 -6.37 13.47 9.25
C ASP A 773 -6.05 14.03 7.87
N LEU A 774 -6.51 15.25 7.58
CA LEU A 774 -6.27 15.82 6.25
C LEU A 774 -4.83 16.28 6.05
N GLY A 775 -4.21 16.87 7.07
CA GLY A 775 -2.90 17.47 6.90
C GLY A 775 -1.72 16.59 7.23
N THR A 776 -1.70 16.03 8.44
CA THR A 776 -0.55 15.28 8.94
C THR A 776 -0.76 13.77 8.87
N ASP A 777 -1.58 13.30 7.94
CA ASP A 777 -1.90 11.88 7.85
C ASP A 777 -1.86 11.40 6.39
N ILE A 778 -1.73 12.34 5.45
CA ILE A 778 -1.78 11.98 4.03
C ILE A 778 -0.38 11.95 3.44
N ILE A 779 0.32 13.07 3.45
CA ILE A 779 1.66 13.17 2.86
C ILE A 779 2.66 12.28 3.59
N PRO A 780 2.71 12.28 4.93
CA PRO A 780 3.57 11.30 5.60
C PRO A 780 3.17 9.86 5.36
N SER A 781 1.87 9.59 5.13
CA SER A 781 1.44 8.26 4.76
C SER A 781 2.01 7.82 3.42
N ILE A 782 1.96 8.71 2.42
CA ILE A 782 2.61 8.43 1.13
C ILE A 782 4.12 8.33 1.24
N ALA A 783 4.73 9.11 2.14
CA ALA A 783 6.18 9.09 2.31
C ALA A 783 6.72 7.76 2.83
N LEU A 784 5.87 6.92 3.42
CA LEU A 784 6.28 5.61 3.90
C LEU A 784 6.17 4.53 2.84
N ALA A 785 5.66 4.86 1.66
CA ALA A 785 5.60 3.93 0.54
C ALA A 785 6.84 3.96 -0.32
N TYR A 786 7.76 4.88 -0.05
CA TYR A 786 9.02 4.98 -0.78
C TYR A 786 10.18 4.34 -0.02
N GLU A 787 9.89 3.65 1.07
CA GLU A 787 10.94 3.12 1.94
C GLU A 787 11.68 1.97 1.27
N LYS A 788 12.97 1.86 1.57
CA LYS A 788 13.80 0.79 1.03
C LYS A 788 13.60 -0.49 1.83
N ALA A 789 14.18 -1.57 1.31
CA ALA A 789 14.01 -2.88 1.92
C ALA A 789 14.79 -3.01 3.22
N GLU A 790 14.29 -3.89 4.09
CA GLU A 790 14.96 -4.21 5.34
C GLU A 790 16.11 -5.18 5.10
N SER A 791 16.82 -5.52 6.18
CA SER A 791 17.86 -6.55 6.09
C SER A 791 17.29 -7.95 6.22
N ASP A 792 16.09 -8.10 6.77
CA ASP A 792 15.47 -9.40 6.98
C ASP A 792 14.40 -9.71 5.93
N ILE A 793 14.31 -8.93 4.86
CA ILE A 793 13.28 -9.16 3.86
C ILE A 793 13.51 -10.48 3.14
N MET A 794 14.77 -10.88 2.96
CA MET A 794 15.11 -12.14 2.31
C MET A 794 15.48 -13.22 3.31
N ASN A 795 15.16 -13.01 4.59
CA ASN A 795 15.34 -14.03 5.61
C ASN A 795 14.01 -14.44 6.23
N ARG A 796 12.89 -14.12 5.58
CA ARG A 796 11.55 -14.42 6.09
C ARG A 796 10.90 -15.46 5.20
N LYS A 797 10.14 -16.35 5.82
CA LYS A 797 9.44 -17.38 5.06
C LYS A 797 8.36 -16.74 4.18
N PRO A 798 8.03 -17.37 3.05
CA PRO A 798 7.01 -16.79 2.15
C PRO A 798 5.67 -16.63 2.85
N ARG A 799 4.99 -15.53 2.55
CA ARG A 799 3.73 -15.21 3.20
C ARG A 799 2.63 -16.16 2.74
N HIS A 800 1.79 -16.57 3.68
CA HIS A 800 0.64 -17.40 3.36
C HIS A 800 -0.58 -16.53 3.09
N LYS A 801 -1.28 -16.84 2.00
CA LYS A 801 -2.42 -16.03 1.58
C LYS A 801 -3.59 -16.09 2.55
N LYS A 802 -3.81 -17.24 3.18
CA LYS A 802 -4.95 -17.40 4.09
C LYS A 802 -4.57 -17.21 5.54
N LYS A 803 -3.43 -17.74 5.96
CA LYS A 803 -3.03 -17.68 7.37
C LYS A 803 -2.56 -16.28 7.76
N ASP A 804 -1.86 -15.58 6.88
CA ASP A 804 -1.31 -14.27 7.16
C ASP A 804 -2.19 -13.18 6.58
N ARG A 805 -2.30 -12.07 7.32
CA ARG A 805 -3.11 -10.92 6.91
C ARG A 805 -2.27 -9.66 6.93
N LEU A 806 -2.66 -8.68 6.12
CA LEU A 806 -1.96 -7.40 6.11
C LEU A 806 -2.06 -6.71 7.46
N VAL A 807 -3.24 -6.72 8.06
CA VAL A 807 -3.45 -6.07 9.35
C VAL A 807 -3.87 -7.12 10.37
N ASN A 808 -2.88 -7.66 11.09
CA ASN A 808 -3.14 -8.66 12.11
C ASN A 808 -3.53 -7.97 13.42
N THR A 809 -3.81 -8.79 14.44
CA THR A 809 -4.25 -8.24 15.72
C THR A 809 -3.14 -7.43 16.38
N GLN A 810 -1.89 -7.92 16.29
CA GLN A 810 -0.79 -7.24 16.97
C GLN A 810 -0.54 -5.85 16.41
N LEU A 811 -0.66 -5.68 15.09
CA LEU A 811 -0.46 -4.36 14.49
C LEU A 811 -1.48 -3.35 15.04
N ALA A 812 -2.75 -3.74 15.07
CA ALA A 812 -3.79 -2.85 15.57
C ALA A 812 -3.65 -2.59 17.08
N ILE A 813 -3.28 -3.62 17.85
CA ILE A 813 -3.07 -3.42 19.28
C ILE A 813 -1.90 -2.50 19.56
N TYR A 814 -0.81 -2.63 18.81
CA TYR A 814 0.33 -1.73 19.00
C TYR A 814 0.04 -0.33 18.51
N SER A 815 -0.80 -0.16 17.49
CA SER A 815 -1.14 1.17 17.02
C SER A 815 -2.09 1.87 17.98
N TYR A 816 -3.07 1.14 18.53
CA TYR A 816 -4.07 1.74 19.39
C TYR A 816 -3.64 1.76 20.86
N LEU A 817 -3.22 0.61 21.40
CA LEU A 817 -3.00 0.46 22.83
C LEU A 817 -1.60 0.83 23.28
N HIS A 818 -0.65 1.03 22.37
CA HIS A 818 0.72 1.34 22.75
C HIS A 818 1.14 2.74 22.35
N ILE A 819 1.09 3.07 21.06
CA ILE A 819 1.54 4.39 20.62
C ILE A 819 0.41 5.41 20.61
N GLY A 820 -0.83 4.97 20.45
CA GLY A 820 -1.96 5.88 20.51
C GLY A 820 -2.21 6.42 21.90
N LEU A 821 -1.88 5.63 22.92
CA LEU A 821 -2.04 6.06 24.30
C LEU A 821 -0.88 6.92 24.79
N MET A 822 0.24 6.95 24.07
CA MET A 822 1.31 7.88 24.40
C MET A 822 1.19 9.20 23.65
N GLN A 823 0.39 9.25 22.58
CA GLN A 823 0.10 10.49 21.90
C GLN A 823 -1.03 11.28 22.54
N ALA A 824 -1.79 10.66 23.45
CA ALA A 824 -2.81 11.36 24.20
C ALA A 824 -2.28 11.95 25.50
N LEU A 825 -1.41 11.22 26.20
CA LEU A 825 -0.80 11.73 27.43
C LEU A 825 0.13 12.90 27.16
N GLY A 826 0.66 13.02 25.95
CA GLY A 826 1.52 14.14 25.61
C GLY A 826 0.71 15.36 25.20
N GLY A 827 -0.42 15.12 24.53
CA GLY A 827 -1.32 16.22 24.21
C GLY A 827 -1.99 16.79 25.45
N PHE A 828 -2.37 15.91 26.39
CA PHE A 828 -3.01 16.38 27.61
C PHE A 828 -2.06 17.20 28.47
N LEU A 829 -0.77 16.89 28.44
CA LEU A 829 0.20 17.71 29.16
C LEU A 829 0.21 19.13 28.63
N VAL A 830 0.21 19.30 27.32
CA VAL A 830 0.20 20.64 26.74
C VAL A 830 -1.13 21.34 26.99
N TYR A 831 -2.23 20.58 26.97
CA TYR A 831 -3.54 21.15 27.26
C TYR A 831 -3.59 21.69 28.68
N PHE A 832 -3.12 20.90 29.65
CA PHE A 832 -3.09 21.35 31.04
C PHE A 832 -2.09 22.49 31.24
N THR A 833 -0.99 22.50 30.48
CA THR A 833 -0.07 23.62 30.56
C THR A 833 -0.70 24.91 30.06
N VAL A 834 -1.45 24.83 28.96
CA VAL A 834 -2.11 26.02 28.42
C VAL A 834 -3.16 26.54 29.38
N TYR A 835 -3.95 25.64 29.96
CA TYR A 835 -5.00 26.09 30.88
C TYR A 835 -4.42 26.58 32.20
N ALA A 836 -3.37 25.94 32.71
CA ALA A 836 -2.84 26.26 34.02
C ALA A 836 -2.05 27.56 34.05
N GLN A 837 -1.44 27.94 32.93
CA GLN A 837 -0.67 29.18 32.87
C GLN A 837 -1.52 30.41 32.70
N GLN A 838 -2.83 30.24 32.47
CA GLN A 838 -3.75 31.37 32.38
C GLN A 838 -4.64 31.50 33.60
N GLY A 839 -4.62 30.54 34.51
CA GLY A 839 -5.37 30.67 35.75
C GLY A 839 -6.07 29.41 36.23
N PHE A 840 -6.45 28.52 35.32
CA PHE A 840 -7.24 27.34 35.67
C PHE A 840 -6.32 26.16 35.95
N TRP A 841 -6.19 25.81 37.23
CA TRP A 841 -5.34 24.70 37.63
C TRP A 841 -5.96 23.38 37.18
N PRO A 842 -5.15 22.32 37.07
CA PRO A 842 -5.67 21.05 36.53
C PRO A 842 -6.86 20.49 37.28
N THR A 843 -6.88 20.59 38.61
CA THR A 843 -7.99 20.06 39.39
C THR A 843 -9.16 21.03 39.49
N SER A 844 -9.01 22.25 38.99
CA SER A 844 -10.12 23.19 38.92
C SER A 844 -10.98 22.98 37.68
N LEU A 845 -10.51 22.18 36.73
CA LEU A 845 -11.23 21.95 35.48
C LEU A 845 -12.21 20.79 35.54
N ILE A 846 -12.21 20.01 36.62
CA ILE A 846 -13.09 18.86 36.70
C ILE A 846 -14.52 19.32 36.93
N ASN A 847 -15.45 18.73 36.17
CA ASN A 847 -16.87 19.07 36.27
C ASN A 847 -17.13 20.54 36.00
N LEU A 848 -16.36 21.13 35.10
CA LEU A 848 -16.48 22.55 34.78
C LEU A 848 -17.14 22.81 33.43
N ARG A 849 -17.40 21.76 32.64
CA ARG A 849 -17.90 21.97 31.29
C ARG A 849 -19.28 22.61 31.28
N VAL A 850 -20.12 22.30 32.27
CA VAL A 850 -21.47 22.86 32.29
C VAL A 850 -21.43 24.37 32.50
N ALA A 851 -20.60 24.83 33.43
CA ALA A 851 -20.48 26.27 33.67
C ALA A 851 -19.62 26.93 32.59
N TRP A 852 -18.66 26.19 32.03
CA TRP A 852 -17.78 26.75 31.01
C TRP A 852 -18.54 27.14 29.76
N GLU A 853 -19.53 26.32 29.37
CA GLU A 853 -20.23 26.51 28.10
C GLU A 853 -21.55 27.24 28.25
N THR A 854 -21.83 27.80 29.43
CA THR A 854 -23.02 28.62 29.60
C THR A 854 -22.73 30.02 29.08
N ASP A 855 -23.51 30.47 28.09
CA ASP A 855 -23.29 31.78 27.48
C ASP A 855 -23.67 32.92 28.41
N ASP A 856 -24.34 32.63 29.53
CA ASP A 856 -24.84 33.66 30.42
C ASP A 856 -23.90 33.97 31.58
N ILE A 857 -23.00 33.06 31.91
CA ILE A 857 -22.05 33.25 33.01
C ILE A 857 -20.85 33.98 32.43
N ASN A 858 -20.79 35.30 32.65
CA ASN A 858 -19.70 36.13 32.17
C ASN A 858 -18.74 36.53 33.28
N ASP A 859 -18.83 35.88 34.44
CA ASP A 859 -17.91 36.14 35.55
C ASP A 859 -17.51 34.82 36.21
N LEU A 860 -17.17 33.82 35.39
CA LEU A 860 -16.67 32.57 35.95
C LEU A 860 -15.34 32.80 36.65
N GLU A 861 -15.20 32.23 37.84
CA GLU A 861 -14.07 32.50 38.72
C GLU A 861 -13.04 31.39 38.61
N ASP A 862 -11.80 31.75 38.30
CA ASP A 862 -10.72 30.78 38.14
C ASP A 862 -10.04 30.54 39.49
N SER A 863 -8.89 29.87 39.46
CA SER A 863 -8.20 29.48 40.68
C SER A 863 -7.54 30.65 41.41
N TYR A 864 -7.41 31.81 40.77
CA TYR A 864 -6.82 32.97 41.39
C TYR A 864 -7.85 34.04 41.74
N GLY A 865 -9.14 33.73 41.58
CA GLY A 865 -10.19 34.65 41.92
C GLY A 865 -10.65 35.57 40.80
N GLN A 866 -9.93 35.61 39.69
CA GLN A 866 -10.32 36.46 38.58
C GLN A 866 -11.60 35.94 37.93
N GLU A 867 -12.28 36.82 37.20
CA GLU A 867 -13.56 36.50 36.61
C GLU A 867 -13.48 36.62 35.10
N TRP A 868 -13.89 35.57 34.40
CA TRP A 868 -13.71 35.43 32.96
C TRP A 868 -15.05 35.56 32.25
N THR A 869 -15.08 36.36 31.19
CA THR A 869 -16.27 36.44 30.35
C THR A 869 -16.36 35.18 29.47
N ARG A 870 -17.44 35.08 28.70
CA ARG A 870 -17.67 33.86 27.94
C ARG A 870 -16.74 33.76 26.74
N TYR A 871 -16.53 34.87 26.03
CA TYR A 871 -15.69 34.82 24.84
C TYR A 871 -14.24 34.55 25.18
N GLN A 872 -13.77 35.02 26.33
CA GLN A 872 -12.40 34.73 26.72
C GLN A 872 -12.20 33.27 27.10
N ARG A 873 -13.19 32.65 27.75
CA ARG A 873 -13.15 31.22 27.96
C ARG A 873 -13.20 30.46 26.64
N LYS A 874 -14.00 30.94 25.68
CA LYS A 874 -14.04 30.34 24.36
C LYS A 874 -12.68 30.41 23.66
N TYR A 875 -12.02 31.57 23.74
CA TYR A 875 -10.70 31.74 23.17
C TYR A 875 -9.66 30.85 23.84
N LEU A 876 -9.71 30.73 25.16
CA LEU A 876 -8.80 29.82 25.86
C LEU A 876 -9.05 28.37 25.46
N GLU A 877 -10.30 27.97 25.28
CA GLU A 877 -10.61 26.63 24.79
C GLU A 877 -10.06 26.41 23.39
N TRP A 878 -10.19 27.41 22.51
CA TRP A 878 -9.60 27.31 21.17
C TRP A 878 -8.09 27.16 21.23
N THR A 879 -7.43 27.94 22.10
CA THR A 879 -5.99 27.79 22.27
C THR A 879 -5.61 26.42 22.82
N GLY A 880 -6.37 25.89 23.77
CA GLY A 880 -6.14 24.55 24.26
C GLY A 880 -6.30 23.46 23.23
N SER A 881 -7.27 23.59 22.34
CA SER A 881 -7.41 22.65 21.23
C SER A 881 -6.30 22.80 20.19
N THR A 882 -5.86 24.04 19.92
CA THR A 882 -4.72 24.23 19.02
C THR A 882 -3.46 23.61 19.59
N ALA A 883 -3.26 23.73 20.90
CA ALA A 883 -2.13 23.08 21.56
C ALA A 883 -2.20 21.56 21.46
N PHE A 884 -3.38 20.97 21.60
CA PHE A 884 -3.53 19.52 21.39
C PHE A 884 -3.20 19.13 19.95
N PHE A 885 -3.67 19.93 18.99
CA PHE A 885 -3.38 19.64 17.58
C PHE A 885 -1.88 19.72 17.31
N VAL A 886 -1.20 20.73 17.86
CA VAL A 886 0.23 20.86 17.67
C VAL A 886 0.98 19.72 18.36
N ALA A 887 0.51 19.31 19.54
CA ALA A 887 1.13 18.21 20.25
C ALA A 887 1.06 16.92 19.44
N ILE A 888 -0.12 16.60 18.90
CA ILE A 888 -0.17 15.53 17.91
C ILE A 888 0.01 16.17 16.54
N MET A 889 1.22 16.69 16.30
CA MET A 889 1.77 16.91 14.98
C MET A 889 3.26 16.64 15.15
N ILE A 890 3.68 16.66 16.41
CA ILE A 890 5.08 16.56 16.80
C ILE A 890 5.27 15.17 17.39
N GLN A 891 4.22 14.63 18.00
CA GLN A 891 4.24 13.24 18.41
C GLN A 891 4.02 12.29 17.23
N GLN A 892 3.72 12.82 16.05
CA GLN A 892 3.59 12.03 14.84
C GLN A 892 4.75 12.27 13.89
N ILE A 893 5.74 13.06 14.32
CA ILE A 893 7.04 13.12 13.66
C ILE A 893 7.98 12.04 14.16
N ALA A 894 7.90 11.68 15.44
CA ALA A 894 8.59 10.52 15.97
C ALA A 894 7.73 9.27 15.83
N ASP A 895 6.52 9.44 15.29
CA ASP A 895 5.68 8.29 14.94
C ASP A 895 5.78 7.99 13.46
N LEU A 896 6.54 8.78 12.72
CA LEU A 896 6.83 8.45 11.34
C LEU A 896 8.28 8.00 11.15
N ILE A 897 9.19 8.42 12.02
CA ILE A 897 10.54 7.90 12.02
C ILE A 897 10.61 6.45 12.50
N ILE A 898 9.86 6.10 13.55
CA ILE A 898 9.86 4.74 14.09
C ILE A 898 8.99 3.79 13.30
N ARG A 899 8.26 4.27 12.30
CA ARG A 899 7.43 3.43 11.45
C ARG A 899 8.08 3.19 10.09
N LYS A 900 9.36 3.56 9.96
CA LYS A 900 10.13 3.23 8.77
C LYS A 900 10.76 1.85 8.91
N THR A 901 10.61 1.24 10.08
CA THR A 901 11.23 -0.05 10.39
C THR A 901 10.24 -0.88 11.19
N ARG A 902 10.40 -2.21 11.10
CA ARG A 902 9.71 -3.13 11.99
C ARG A 902 10.66 -4.03 12.75
N ARG A 903 11.92 -4.14 12.33
CA ARG A 903 12.93 -4.88 13.08
C ARG A 903 14.25 -4.14 13.23
N ASN A 904 14.59 -3.19 12.35
CA ASN A 904 15.87 -2.51 12.37
C ASN A 904 15.76 -1.17 13.07
N SER A 905 16.92 -0.55 13.29
CA SER A 905 16.97 0.77 13.89
C SER A 905 17.25 1.83 12.82
N ILE A 906 17.07 3.10 13.21
CA ILE A 906 17.37 4.20 12.30
C ILE A 906 18.88 4.36 12.09
N PHE A 907 19.70 3.91 13.04
CA PHE A 907 21.14 3.99 12.87
C PHE A 907 21.63 3.12 11.73
N GLN A 908 20.89 2.06 11.40
CA GLN A 908 21.24 1.18 10.28
C GLN A 908 20.51 1.58 9.00
N GLN A 909 19.21 1.82 9.09
CA GLN A 909 18.45 2.22 7.91
C GLN A 909 18.91 3.58 7.37
N GLY A 910 19.21 4.51 8.27
CA GLY A 910 19.62 5.83 7.87
C GLY A 910 18.47 6.81 7.86
N LEU A 911 18.64 7.94 8.56
CA LEU A 911 17.56 8.93 8.65
C LEU A 911 17.42 9.72 7.36
N PHE A 912 18.51 9.90 6.62
CA PHE A 912 18.51 10.74 5.43
C PHE A 912 18.57 9.93 4.13
N ARG A 913 18.44 8.61 4.21
CA ARG A 913 18.47 7.81 2.99
C ARG A 913 17.17 7.93 2.20
N ASN A 914 16.04 7.98 2.90
CA ASN A 914 14.74 8.21 2.28
C ASN A 914 14.38 9.68 2.48
N LYS A 915 14.40 10.45 1.39
CA LYS A 915 14.26 11.89 1.45
C LYS A 915 12.83 12.37 1.26
N VAL A 916 11.87 11.44 1.15
CA VAL A 916 10.46 11.83 1.15
C VAL A 916 9.90 11.87 2.56
N ILE A 917 10.53 11.18 3.51
CA ILE A 917 10.17 11.34 4.91
C ILE A 917 10.35 12.79 5.35
N TRP A 918 11.43 13.43 4.89
CA TRP A 918 11.66 14.83 5.20
C TRP A 918 10.62 15.75 4.55
N VAL A 919 10.19 15.46 3.33
CA VAL A 919 9.06 16.17 2.74
C VAL A 919 7.79 16.02 3.57
N GLY A 920 7.50 14.80 4.04
CA GLY A 920 6.33 14.59 4.87
C GLY A 920 6.41 15.31 6.20
N ILE A 921 7.61 15.40 6.76
CA ILE A 921 7.81 16.14 8.02
C ILE A 921 7.64 17.64 7.79
N ALA A 922 8.23 18.17 6.72
CA ALA A 922 8.10 19.58 6.41
C ALA A 922 6.65 19.95 6.11
N SER A 923 5.90 19.04 5.47
CA SER A 923 4.48 19.30 5.23
C SER A 923 3.72 19.41 6.54
N GLN A 924 3.99 18.51 7.49
CA GLN A 924 3.36 18.59 8.80
C GLN A 924 3.66 19.90 9.49
N VAL A 925 4.94 20.30 9.51
CA VAL A 925 5.32 21.53 10.18
C VAL A 925 4.68 22.75 9.50
N ILE A 926 4.68 22.78 8.17
CA ILE A 926 4.14 23.92 7.45
C ILE A 926 2.62 24.02 7.64
N VAL A 927 1.91 22.90 7.58
CA VAL A 927 0.48 22.93 7.84
C VAL A 927 0.18 23.37 9.26
N ALA A 928 0.92 22.87 10.26
CA ALA A 928 0.70 23.30 11.63
C ALA A 928 1.04 24.76 11.87
N LEU A 929 2.00 25.31 11.13
CA LEU A 929 2.31 26.74 11.24
C LEU A 929 1.31 27.61 10.50
N ILE A 930 0.70 27.11 9.43
CA ILE A 930 -0.31 27.88 8.70
C ILE A 930 -1.62 27.89 9.50
N LEU A 931 -1.95 26.76 10.12
CA LEU A 931 -3.24 26.64 10.80
C LEU A 931 -3.31 27.44 12.09
N SER A 932 -2.18 27.72 12.74
CA SER A 932 -2.19 28.43 14.00
C SER A 932 -1.77 29.88 13.90
N TYR A 933 -0.96 30.24 12.90
CA TYR A 933 -0.54 31.62 12.72
C TYR A 933 -1.15 32.30 11.50
N GLY A 934 -1.76 31.54 10.59
CA GLY A 934 -2.43 32.13 9.45
C GLY A 934 -3.94 32.07 9.59
N LEU A 935 -4.43 30.95 10.12
CA LEU A 935 -5.85 30.77 10.39
C LEU A 935 -6.20 31.09 11.84
N GLY A 936 -5.23 31.53 12.64
CA GLY A 936 -5.47 31.89 14.02
C GLY A 936 -5.34 33.38 14.26
N SER A 937 -4.77 34.10 13.29
CA SER A 937 -4.74 35.56 13.39
C SER A 937 -6.14 36.13 13.38
N VAL A 938 -7.01 35.61 12.51
CA VAL A 938 -8.45 35.82 12.62
C VAL A 938 -9.05 34.55 13.18
N PRO A 939 -9.51 34.55 14.43
CA PRO A 939 -9.99 33.31 15.05
C PRO A 939 -11.10 32.67 14.25
N ALA A 940 -10.81 31.51 13.66
CA ALA A 940 -11.77 30.83 12.80
C ALA A 940 -11.44 29.34 12.78
N LEU A 941 -12.49 28.52 12.70
CA LEU A 941 -12.36 27.07 12.69
C LEU A 941 -11.62 26.55 13.92
N SER A 942 -11.79 27.24 15.05
CA SER A 942 -11.26 26.81 16.34
C SER A 942 -9.73 26.77 16.36
N PHE A 943 -9.11 27.82 15.83
CA PHE A 943 -7.66 27.96 15.86
C PHE A 943 -7.29 29.35 16.34
N THR A 944 -6.22 29.42 17.16
CA THR A 944 -5.71 30.67 17.66
C THR A 944 -4.18 30.64 17.64
N MET A 945 -3.58 31.81 17.67
CA MET A 945 -2.13 31.91 17.71
C MET A 945 -1.59 31.26 18.97
N LEU A 946 -0.47 30.57 18.84
CA LEU A 946 0.10 29.76 19.90
C LEU A 946 1.44 30.36 20.32
N ARG A 947 1.66 30.44 21.64
CA ARG A 947 2.91 30.96 22.15
C ARG A 947 4.06 30.00 21.81
N VAL A 948 5.28 30.56 21.84
CA VAL A 948 6.45 29.79 21.41
C VAL A 948 6.75 28.61 22.33
N GLN A 949 6.31 28.65 23.58
CA GLN A 949 6.57 27.53 24.49
C GLN A 949 5.70 26.33 24.15
N TYR A 950 4.46 26.58 23.72
CA TYR A 950 3.48 25.51 23.53
C TYR A 950 3.78 24.61 22.34
N TRP A 951 4.88 24.84 21.63
CA TRP A 951 5.28 23.93 20.56
C TRP A 951 6.23 22.86 21.07
N PHE A 952 7.11 23.19 22.01
CA PHE A 952 8.14 22.28 22.49
C PHE A 952 7.74 21.54 23.77
N VAL A 953 6.52 21.74 24.27
CA VAL A 953 6.11 21.03 25.47
C VAL A 953 5.95 19.55 25.22
N ALA A 954 5.43 19.17 24.05
CA ALA A 954 5.21 17.77 23.71
C ALA A 954 6.45 17.09 23.14
N VAL A 955 7.54 17.84 22.94
CA VAL A 955 8.77 17.23 22.43
C VAL A 955 9.33 16.18 23.37
N PRO A 956 9.40 16.38 24.69
CA PRO A 956 9.87 15.30 25.57
C PRO A 956 9.04 14.03 25.46
N HIS A 957 7.75 14.14 25.19
CA HIS A 957 6.92 12.95 24.98
C HIS A 957 7.11 12.37 23.58
N ALA A 958 7.70 13.12 22.66
CA ALA A 958 8.06 12.59 21.35
C ALA A 958 9.44 11.95 21.35
N ILE A 959 10.30 12.31 22.30
CA ILE A 959 11.60 11.65 22.44
C ILE A 959 11.43 10.50 23.41
N LEU A 960 10.19 10.13 23.68
CA LEU A 960 9.86 8.92 24.43
C LEU A 960 9.26 7.82 23.57
N ILE A 961 8.39 8.19 22.62
CA ILE A 961 7.85 7.21 21.68
C ILE A 961 8.96 6.57 20.88
N TRP A 962 9.97 7.34 20.49
CA TRP A 962 11.10 6.82 19.75
C TRP A 962 11.97 5.89 20.58
N VAL A 963 12.27 6.28 21.84
CA VAL A 963 13.08 5.43 22.70
C VAL A 963 12.37 4.12 22.99
N TYR A 964 11.06 4.17 23.26
CA TYR A 964 10.32 2.96 23.55
C TYR A 964 10.33 2.00 22.38
N ASP A 965 10.14 2.51 21.16
CA ASP A 965 10.14 1.63 20.00
C ASP A 965 11.54 1.10 19.69
N GLU A 966 12.57 1.94 19.88
CA GLU A 966 13.93 1.47 19.68
C GLU A 966 14.28 0.33 20.62
N MET A 967 13.95 0.47 21.90
CA MET A 967 14.20 -0.61 22.85
C MET A 967 13.20 -1.76 22.72
N ARG A 968 12.08 -1.57 22.03
CA ARG A 968 11.22 -2.69 21.68
C ARG A 968 11.83 -3.53 20.58
N LYS A 969 12.38 -2.89 19.55
CA LYS A 969 13.01 -3.61 18.45
C LYS A 969 14.38 -4.16 18.82
N LEU A 970 15.08 -3.55 19.77
CA LEU A 970 16.39 -4.06 20.16
C LEU A 970 16.32 -5.46 20.74
N PHE A 971 15.34 -5.75 21.60
CA PHE A 971 15.19 -7.11 22.12
C PHE A 971 14.57 -8.06 21.12
N ILE A 972 13.83 -7.56 20.14
CA ILE A 972 13.41 -8.40 19.02
C ILE A 972 14.63 -8.89 18.25
N ARG A 973 15.57 -7.99 17.98
CA ARG A 973 16.79 -8.36 17.29
C ARG A 973 17.68 -9.26 18.13
N LEU A 974 17.81 -8.96 19.42
CA LEU A 974 18.72 -9.71 20.27
C LEU A 974 18.17 -11.08 20.64
N TYR A 975 16.87 -11.20 20.85
CA TYR A 975 16.26 -12.40 21.42
C TYR A 975 15.13 -12.89 20.51
N PRO A 976 15.48 -13.53 19.39
CA PRO A 976 14.45 -14.03 18.49
C PRO A 976 13.71 -15.22 19.09
N GLY A 977 12.40 -15.25 18.88
CA GLY A 977 11.56 -16.34 19.34
C GLY A 977 11.63 -16.56 20.84
N SER A 978 11.55 -15.49 21.62
CA SER A 978 11.75 -15.53 23.06
C SER A 978 10.59 -14.86 23.79
N TRP A 979 9.39 -15.03 23.26
CA TRP A 979 8.14 -14.45 23.75
C TRP A 979 8.09 -12.95 23.45
N TRP A 980 9.22 -12.35 23.10
CA TRP A 980 9.22 -10.95 22.71
C TRP A 980 8.99 -10.82 21.21
N ASP A 981 9.73 -11.58 20.42
CA ASP A 981 9.40 -11.72 19.01
C ASP A 981 8.01 -12.33 18.83
N LYS A 982 7.59 -13.18 19.76
CA LYS A 982 6.29 -13.82 19.66
C LYS A 982 5.16 -12.84 19.97
N ASN A 983 5.31 -12.04 21.03
CA ASN A 983 4.21 -11.18 21.46
C ASN A 983 4.33 -9.76 20.94
N MET A 984 5.44 -9.07 21.25
CA MET A 984 5.59 -7.67 20.88
C MET A 984 6.34 -7.54 19.56
N TYR A 985 5.67 -7.95 18.48
CA TYR A 985 6.21 -7.78 17.13
C TYR A 985 5.03 -7.62 16.18
N TYR A 986 4.87 -6.42 15.63
CA TYR A 986 3.78 -6.15 14.70
C TYR A 986 4.27 -6.27 13.26
N THR B 48 -3.03 -19.01 26.70
CA THR B 48 -3.38 -20.20 27.47
C THR B 48 -3.74 -19.84 28.90
N GLY B 49 -3.60 -20.80 29.81
CA GLY B 49 -3.91 -20.56 31.20
C GLY B 49 -2.74 -20.02 32.00
N GLY B 50 -1.54 -20.10 31.44
CA GLY B 50 -0.35 -19.68 32.15
C GLY B 50 0.37 -18.52 31.50
N SER B 51 0.17 -18.33 30.20
CA SER B 51 0.82 -17.24 29.47
C SER B 51 -0.02 -15.96 29.45
N TRP B 52 -1.26 -16.03 29.91
CA TRP B 52 -2.05 -14.82 30.10
C TRP B 52 -1.56 -13.96 31.25
N PHE B 53 -0.96 -14.58 32.26
CA PHE B 53 -0.34 -13.87 33.37
C PHE B 53 0.88 -13.07 32.93
N LYS B 54 1.53 -13.46 31.84
CA LYS B 54 2.68 -12.73 31.32
C LYS B 54 2.30 -11.63 30.32
N ILE B 55 1.05 -11.57 29.90
CA ILE B 55 0.59 -10.51 29.00
C ILE B 55 -0.23 -9.51 29.80
N LEU B 56 -0.90 -9.99 30.86
CA LEU B 56 -1.59 -9.10 31.77
C LEU B 56 -0.65 -8.44 32.76
N LEU B 57 0.61 -8.86 32.80
CA LEU B 57 1.61 -8.24 33.66
C LEU B 57 2.46 -7.21 32.94
N PHE B 58 2.67 -7.36 31.63
CA PHE B 58 3.32 -6.31 30.88
C PHE B 58 2.46 -5.05 30.80
N TYR B 59 1.16 -5.21 30.60
CA TYR B 59 0.26 -4.09 30.47
C TYR B 59 -0.09 -3.46 31.81
N VAL B 60 0.31 -4.07 32.91
CA VAL B 60 0.18 -3.45 34.22
C VAL B 60 1.37 -2.50 34.39
N ILE B 61 2.58 -3.02 34.17
CA ILE B 61 3.80 -2.23 34.31
C ILE B 61 3.89 -1.10 33.28
N PHE B 62 3.51 -1.35 32.02
CA PHE B 62 3.55 -0.35 30.97
C PHE B 62 2.55 0.76 31.19
N TYR B 63 1.32 0.42 31.59
CA TYR B 63 0.32 1.43 31.87
C TYR B 63 0.50 2.08 33.24
N GLY B 64 1.32 1.49 34.11
CA GLY B 64 1.67 2.14 35.36
C GLY B 64 2.89 3.01 35.20
N CYS B 65 3.68 2.75 34.16
CA CYS B 65 4.78 3.63 33.79
C CYS B 65 4.32 4.82 32.98
N LEU B 66 3.36 4.64 32.07
CA LEU B 66 2.78 5.78 31.38
C LEU B 66 2.10 6.73 32.35
N ALA B 67 1.36 6.20 33.32
CA ALA B 67 0.73 7.05 34.33
C ALA B 67 1.76 7.76 35.19
N GLY B 68 2.83 7.06 35.58
CA GLY B 68 3.89 7.68 36.35
C GLY B 68 4.70 8.71 35.62
N ILE B 69 4.77 8.62 34.29
CA ILE B 69 5.39 9.67 33.49
C ILE B 69 4.46 10.85 33.27
N PHE B 70 3.17 10.62 33.02
CA PHE B 70 2.21 11.71 32.90
C PHE B 70 2.08 12.50 34.19
N ILE B 71 1.88 11.82 35.33
CA ILE B 71 1.86 12.48 36.63
C ILE B 71 3.21 13.07 36.99
N GLY B 72 4.30 12.43 36.58
CA GLY B 72 5.62 12.97 36.84
C GLY B 72 6.00 14.15 35.98
N THR B 73 5.19 14.48 34.98
CA THR B 73 5.38 15.70 34.21
C THR B 73 4.35 16.79 34.53
N ILE B 74 3.15 16.41 34.96
CA ILE B 74 2.19 17.43 35.39
C ILE B 74 2.69 18.13 36.66
N GLN B 75 3.23 17.38 37.63
CA GLN B 75 3.83 17.99 38.81
C GLN B 75 5.13 18.73 38.52
N VAL B 76 5.76 18.48 37.37
CA VAL B 76 6.91 19.28 36.98
C VAL B 76 6.48 20.59 36.33
N MET B 77 5.44 20.55 35.49
CA MET B 77 4.87 21.78 34.95
C MET B 77 4.32 22.66 36.07
N LEU B 78 3.64 22.07 37.04
CA LEU B 78 3.04 22.83 38.13
C LEU B 78 4.07 23.47 39.05
N LEU B 79 5.33 23.08 38.97
CA LEU B 79 6.37 23.73 39.77
C LEU B 79 6.68 25.13 39.28
N THR B 80 6.33 25.45 38.03
CA THR B 80 6.52 26.78 37.46
C THR B 80 5.28 27.64 37.58
N ILE B 81 4.23 27.14 38.23
CA ILE B 81 2.97 27.85 38.37
C ILE B 81 2.87 28.36 39.80
N SER B 82 2.85 29.69 39.94
CA SER B 82 2.78 30.30 41.26
C SER B 82 1.38 30.21 41.83
N GLU B 83 1.30 30.14 43.15
CA GLU B 83 0.03 30.04 43.86
C GLU B 83 -0.56 31.41 44.20
N LEU B 84 0.09 32.50 43.79
CA LEU B 84 -0.33 33.84 44.15
C LEU B 84 -0.83 34.65 42.95
N LYS B 85 -0.11 34.64 41.85
CA LYS B 85 -0.49 35.39 40.66
C LYS B 85 -0.43 34.51 39.43
N PRO B 86 -1.30 34.74 38.45
CA PRO B 86 -1.27 33.94 37.23
C PRO B 86 -0.02 34.22 36.42
N THR B 87 0.44 33.18 35.70
CA THR B 87 1.64 33.34 34.88
C THR B 87 1.41 34.34 33.75
N TYR B 88 0.24 34.29 33.11
CA TYR B 88 -0.10 35.20 32.04
C TYR B 88 -1.47 35.79 32.29
N GLN B 89 -1.62 37.08 31.97
CA GLN B 89 -2.92 37.75 31.91
C GLN B 89 -3.09 38.21 30.47
N ASP B 90 -3.57 37.31 29.62
CA ASP B 90 -3.79 37.60 28.21
C ASP B 90 -5.26 37.64 27.83
N ARG B 91 -6.08 36.80 28.44
CA ARG B 91 -7.51 36.75 28.15
C ARG B 91 -8.33 37.58 29.12
N VAL B 92 -7.86 37.75 30.35
CA VAL B 92 -8.59 38.48 31.38
C VAL B 92 -7.99 39.87 31.62
N ALA B 93 -6.94 40.24 30.87
CA ALA B 93 -6.23 41.49 31.18
C ALA B 93 -7.13 42.72 31.03
N PRO B 94 -7.84 42.91 29.92
CA PRO B 94 -8.85 43.97 29.89
C PRO B 94 -10.13 43.49 30.55
N PRO B 95 -10.47 44.03 31.73
CA PRO B 95 -11.56 43.45 32.50
C PRO B 95 -12.90 43.61 31.81
N GLY B 96 -13.76 42.60 31.97
CA GLY B 96 -15.12 42.71 31.53
C GLY B 96 -15.96 43.50 32.51
N LEU B 97 -17.18 43.82 32.09
CA LEU B 97 -18.09 44.59 32.92
C LEU B 97 -19.48 43.98 32.81
N THR B 98 -20.06 43.60 33.95
CA THR B 98 -21.28 42.81 33.98
C THR B 98 -22.24 43.36 35.02
N GLN B 99 -23.48 42.91 34.95
CA GLN B 99 -24.55 43.27 35.86
C GLN B 99 -24.81 42.09 36.81
N ILE B 100 -25.34 42.41 37.98
CA ILE B 100 -25.51 41.36 39.01
C ILE B 100 -26.75 40.49 38.80
N PRO B 101 -27.94 41.00 38.35
CA PRO B 101 -29.13 40.14 38.36
C PRO B 101 -28.97 38.84 37.59
N GLN B 102 -27.85 38.66 36.88
CA GLN B 102 -27.52 37.43 36.17
C GLN B 102 -28.68 37.04 35.25
N ILE B 103 -29.19 38.03 34.54
CA ILE B 103 -30.30 37.85 33.63
C ILE B 103 -29.85 37.01 32.44
N GLN B 104 -30.76 36.16 31.95
CA GLN B 104 -30.34 35.03 31.14
C GLN B 104 -29.97 35.45 29.72
N LYS B 105 -30.93 35.95 28.95
CA LYS B 105 -30.73 36.19 27.52
C LYS B 105 -30.54 37.66 27.20
N THR B 106 -29.84 38.40 28.06
CA THR B 106 -29.69 39.85 27.92
C THR B 106 -31.05 40.53 27.79
N GLU B 107 -32.02 40.03 28.55
CA GLU B 107 -33.38 40.55 28.54
C GLU B 107 -33.91 40.61 29.96
N ILE B 108 -34.29 41.81 30.40
CA ILE B 108 -34.99 42.01 31.66
C ILE B 108 -36.45 42.28 31.31
N SER B 109 -37.32 41.31 31.57
CA SER B 109 -38.75 41.44 31.28
C SER B 109 -39.52 41.01 32.51
N PHE B 110 -40.43 41.86 32.96
CA PHE B 110 -41.24 41.57 34.14
C PHE B 110 -42.47 42.47 34.12
N ARG B 111 -43.39 42.20 35.04
CA ARG B 111 -44.60 43.00 35.19
C ARG B 111 -44.74 43.39 36.66
N PRO B 112 -44.81 44.70 36.95
CA PRO B 112 -44.83 45.12 38.37
C PRO B 112 -46.01 44.59 39.16
N ASN B 113 -47.19 44.44 38.53
CA ASN B 113 -48.35 43.97 39.26
C ASN B 113 -48.36 42.45 39.47
N ASP B 114 -47.38 41.74 38.92
CA ASP B 114 -47.26 40.30 39.14
C ASP B 114 -46.03 40.03 39.99
N PRO B 115 -46.18 39.80 41.29
CA PRO B 115 -45.01 39.57 42.16
C PRO B 115 -44.08 38.44 41.71
N LYS B 116 -44.45 37.65 40.70
CA LYS B 116 -43.66 36.50 40.31
C LYS B 116 -42.92 36.65 38.99
N SER B 117 -43.23 37.68 38.19
CA SER B 117 -42.46 37.91 36.97
C SER B 117 -41.07 38.41 37.29
N TYR B 118 -40.92 39.22 38.34
CA TYR B 118 -39.62 39.72 38.78
C TYR B 118 -39.15 39.05 40.07
N GLU B 119 -39.75 37.93 40.44
CA GLU B 119 -39.37 37.25 41.67
C GLU B 119 -37.92 36.79 41.62
N ALA B 120 -37.53 36.16 40.51
CA ALA B 120 -36.14 35.73 40.35
C ALA B 120 -35.20 36.93 40.29
N TYR B 121 -35.61 37.99 39.60
CA TYR B 121 -34.76 39.17 39.49
C TYR B 121 -34.46 39.77 40.86
N VAL B 122 -35.49 39.90 41.70
CA VAL B 122 -35.30 40.46 43.03
C VAL B 122 -34.57 39.48 43.95
N LEU B 123 -34.84 38.18 43.83
CA LEU B 123 -34.24 37.19 44.71
C LEU B 123 -32.77 36.92 44.38
N ASN B 124 -32.33 37.21 43.16
CA ASN B 124 -30.94 36.99 42.81
C ASN B 124 -30.04 38.15 43.21
N ILE B 125 -30.58 39.37 43.28
CA ILE B 125 -29.81 40.49 43.80
C ILE B 125 -29.53 40.31 45.28
N ILE B 126 -30.48 39.72 46.02
CA ILE B 126 -30.33 39.53 47.45
C ILE B 126 -29.18 38.58 47.75
N ARG B 127 -29.05 37.52 46.96
CA ARG B 127 -27.99 36.54 47.20
C ARG B 127 -26.61 37.18 47.11
N PHE B 128 -26.40 38.04 46.12
CA PHE B 128 -25.12 38.70 45.96
C PHE B 128 -24.91 39.82 46.96
N LEU B 129 -25.96 40.57 47.29
CA LEU B 129 -25.83 41.67 48.24
C LEU B 129 -25.79 41.20 49.68
N GLU B 130 -26.03 39.92 49.93
CA GLU B 130 -25.92 39.41 51.29
C GLU B 130 -24.50 39.53 51.85
N LYS B 131 -23.49 39.31 51.01
CA LYS B 131 -22.12 39.43 51.47
C LYS B 131 -21.70 40.89 51.67
N TYR B 132 -22.45 41.86 51.14
CA TYR B 132 -22.19 43.26 51.40
C TYR B 132 -23.02 43.79 52.56
N LYS B 133 -23.76 42.93 53.26
CA LYS B 133 -24.56 43.37 54.39
C LYS B 133 -23.66 43.96 55.48
N ASP B 134 -24.15 45.02 56.12
CA ASP B 134 -23.37 45.69 57.14
C ASP B 134 -23.08 44.80 58.34
N SER B 135 -23.87 43.73 58.53
CA SER B 135 -23.64 42.78 59.60
C SER B 135 -22.57 41.74 59.25
N ALA B 136 -22.20 41.61 57.97
CA ALA B 136 -21.17 40.69 57.54
C ALA B 136 -19.84 41.39 57.29
N GLN B 137 -19.72 42.65 57.71
CA GLN B 137 -18.49 43.41 57.57
C GLN B 137 -18.00 43.96 58.91
N LYS B 138 -18.58 43.50 60.03
CA LYS B 138 -18.24 44.07 61.33
C LYS B 138 -16.85 43.66 61.78
N ASP B 139 -16.36 42.50 61.34
CA ASP B 139 -15.05 42.03 61.76
C ASP B 139 -13.97 43.01 61.33
N ASP B 140 -13.07 43.34 62.25
CA ASP B 140 -12.01 44.29 61.99
C ASP B 140 -10.66 43.62 61.76
N MET B 141 -10.53 42.33 62.05
CA MET B 141 -9.30 41.61 61.74
C MET B 141 -9.10 41.44 60.24
N ILE B 142 -10.18 41.52 59.46
CA ILE B 142 -10.13 41.34 58.01
C ILE B 142 -10.42 42.64 57.29
N PHE B 143 -11.49 43.34 57.68
CA PHE B 143 -11.97 44.49 56.95
C PHE B 143 -11.29 45.77 57.43
N GLU B 144 -11.03 46.67 56.48
CA GLU B 144 -10.43 47.96 56.75
C GLU B 144 -11.36 49.05 56.25
N ASP B 145 -11.56 50.07 57.08
CA ASP B 145 -12.50 51.15 56.79
C ASP B 145 -11.76 52.27 56.05
N CYS B 146 -11.93 52.33 54.74
CA CYS B 146 -11.43 53.46 53.98
C CYS B 146 -12.39 54.64 54.12
N GLY B 147 -12.02 55.75 53.48
CA GLY B 147 -12.82 56.96 53.57
C GLY B 147 -14.11 56.85 52.80
N SER B 148 -14.93 57.90 52.84
CA SER B 148 -16.15 57.99 52.05
C SER B 148 -15.95 58.76 50.76
N MET B 149 -14.72 59.12 50.43
CA MET B 149 -14.41 59.86 49.22
C MET B 149 -13.34 59.09 48.46
N PRO B 150 -13.39 59.06 47.13
CA PRO B 150 -12.41 58.27 46.37
C PRO B 150 -10.99 58.78 46.56
N SER B 151 -10.04 57.85 46.53
CA SER B 151 -8.63 58.19 46.71
C SER B 151 -7.81 57.28 45.80
N GLU B 152 -6.49 57.36 45.93
CA GLU B 152 -5.58 56.62 45.07
C GLU B 152 -5.65 55.12 45.37
N PRO B 153 -5.24 54.29 44.41
CA PRO B 153 -5.20 52.85 44.67
C PRO B 153 -4.38 52.51 45.90
N LYS B 154 -4.89 51.58 46.70
CA LYS B 154 -4.29 51.21 47.98
C LYS B 154 -3.42 49.98 47.78
N GLU B 155 -2.10 50.18 47.82
CA GLU B 155 -1.15 49.08 47.68
C GLU B 155 -0.94 48.43 49.03
N ARG B 156 -1.22 47.12 49.12
CA ARG B 156 -1.11 46.38 50.36
C ARG B 156 0.15 45.54 50.43
N GLY B 157 1.12 45.78 49.54
CA GLY B 157 2.39 45.09 49.63
C GLY B 157 2.85 44.50 48.31
N GLU B 158 3.42 43.31 48.36
CA GLU B 158 3.93 42.62 47.18
C GLU B 158 3.31 41.24 47.09
N PHE B 159 3.44 40.61 45.93
CA PHE B 159 2.86 39.30 45.69
C PHE B 159 3.82 38.23 46.21
N ASN B 160 3.82 38.09 47.53
CA ASN B 160 4.60 37.07 48.22
C ASN B 160 3.89 36.74 49.53
N HIS B 161 4.58 36.04 50.43
CA HIS B 161 3.97 35.58 51.67
C HIS B 161 4.23 36.52 52.85
N GLU B 162 4.83 37.68 52.62
CA GLU B 162 4.98 38.66 53.69
C GLU B 162 3.63 39.27 54.01
N ARG B 163 3.36 39.46 55.31
CA ARG B 163 2.13 40.03 55.84
C ARG B 163 0.97 39.06 55.72
N GLY B 164 1.19 37.94 55.02
CA GLY B 164 0.17 36.91 54.94
C GLY B 164 -1.15 37.42 54.40
N GLU B 165 -2.22 37.13 55.12
CA GLU B 165 -3.55 37.61 54.74
C GLU B 165 -3.57 39.13 54.73
N ARG B 166 -4.22 39.70 53.72
CA ARG B 166 -4.26 41.14 53.53
C ARG B 166 -5.66 41.67 53.84
N LYS B 167 -5.72 42.96 54.17
CA LYS B 167 -6.93 43.57 54.69
C LYS B 167 -7.73 44.16 53.52
N VAL B 168 -8.99 43.76 53.41
CA VAL B 168 -9.86 44.29 52.38
C VAL B 168 -10.44 45.64 52.83
N CYS B 169 -10.98 46.38 51.88
CA CYS B 169 -11.62 47.65 52.15
C CYS B 169 -13.12 47.47 52.06
N ARG B 170 -13.84 47.86 53.11
CA ARG B 170 -15.26 47.55 53.22
C ARG B 170 -16.10 48.48 52.35
N PHE B 171 -17.16 47.92 51.77
CA PHE B 171 -18.11 48.65 50.95
C PHE B 171 -19.46 48.66 51.67
N LYS B 172 -20.09 49.83 51.71
CA LYS B 172 -21.34 50.01 52.46
C LYS B 172 -22.51 50.07 51.49
N LEU B 173 -23.58 49.34 51.84
CA LEU B 173 -24.76 49.28 50.96
C LEU B 173 -25.42 50.63 50.81
N ASP B 174 -25.54 51.40 51.90
CA ASP B 174 -26.33 52.62 51.88
C ASP B 174 -25.82 53.66 50.88
N TRP B 175 -24.63 53.45 50.31
CA TRP B 175 -24.21 54.27 49.18
C TRP B 175 -25.10 54.03 47.97
N LEU B 176 -25.65 52.81 47.87
CA LEU B 176 -26.56 52.45 46.79
C LEU B 176 -27.99 52.87 47.17
N GLY B 177 -28.20 54.18 47.19
CA GLY B 177 -29.50 54.70 47.57
C GLY B 177 -30.58 54.21 46.62
N ASN B 178 -31.73 53.85 47.20
CA ASN B 178 -32.90 53.29 46.52
C ASN B 178 -32.63 51.90 45.96
N CYS B 179 -31.40 51.39 46.07
CA CYS B 179 -31.03 50.11 45.49
C CYS B 179 -30.25 49.22 46.46
N SER B 180 -29.98 49.70 47.67
CA SER B 180 -29.28 48.89 48.65
C SER B 180 -30.18 47.82 49.28
N GLY B 181 -31.50 48.02 49.21
CA GLY B 181 -32.42 47.11 49.85
C GLY B 181 -32.59 47.32 51.34
N LEU B 182 -31.96 48.35 51.91
CA LEU B 182 -32.13 48.65 53.32
C LEU B 182 -33.48 49.31 53.61
N ASN B 183 -34.13 49.89 52.60
CA ASN B 183 -35.44 50.50 52.75
C ASN B 183 -36.50 49.78 51.92
N ASP B 184 -36.22 49.52 50.65
CA ASP B 184 -37.16 48.86 49.75
C ASP B 184 -36.74 47.41 49.58
N GLU B 185 -37.60 46.48 50.01
CA GLU B 185 -37.26 45.06 49.95
C GLU B 185 -37.06 44.58 48.52
N SER B 186 -37.92 44.99 47.60
CA SER B 186 -37.70 44.80 46.17
C SER B 186 -36.92 45.99 45.65
N TYR B 187 -35.90 45.72 44.84
CA TYR B 187 -34.91 46.74 44.52
C TYR B 187 -35.38 47.76 43.50
N GLY B 188 -36.68 47.86 43.26
CA GLY B 188 -37.22 48.83 42.34
C GLY B 188 -38.17 48.19 41.36
N TYR B 189 -38.17 46.86 41.36
CA TYR B 189 -38.99 46.09 40.43
C TYR B 189 -40.46 46.10 40.81
N LYS B 190 -40.80 46.48 42.04
CA LYS B 190 -42.20 46.60 42.42
C LYS B 190 -42.91 47.66 41.57
N GLU B 191 -42.25 48.78 41.32
CA GLU B 191 -42.72 49.77 40.38
C GLU B 191 -42.09 49.50 39.01
N GLY B 192 -42.22 50.46 38.10
CA GLY B 192 -41.56 50.33 36.81
C GLY B 192 -40.19 50.98 36.81
N LYS B 193 -39.37 50.66 37.82
CA LYS B 193 -38.04 51.24 38.00
C LYS B 193 -37.02 50.13 38.22
N PRO B 194 -36.64 49.40 37.17
CA PRO B 194 -35.61 48.38 37.33
C PRO B 194 -34.30 48.98 37.79
N CYS B 195 -33.57 48.23 38.62
CA CYS B 195 -32.30 48.69 39.19
C CYS B 195 -31.27 47.56 39.05
N ILE B 196 -30.32 47.74 38.15
CA ILE B 196 -29.22 46.81 38.00
C ILE B 196 -28.00 47.35 38.75
N ILE B 197 -27.11 46.44 39.13
CA ILE B 197 -25.89 46.79 39.86
C ILE B 197 -24.71 46.36 39.00
N ILE B 198 -23.88 47.33 38.62
CA ILE B 198 -22.77 47.09 37.70
C ILE B 198 -21.52 46.77 38.49
N LYS B 199 -20.74 45.81 38.00
CA LYS B 199 -19.50 45.41 38.64
C LYS B 199 -18.46 45.09 37.58
N LEU B 200 -17.23 45.52 37.81
CA LEU B 200 -16.12 45.26 36.91
C LEU B 200 -15.46 43.94 37.30
N ASN B 201 -15.26 43.06 36.31
CA ASN B 201 -14.72 41.75 36.59
C ASN B 201 -13.35 41.86 37.25
N ARG B 202 -13.12 41.01 38.26
CA ARG B 202 -11.91 41.06 39.05
C ARG B 202 -10.72 40.58 38.22
N VAL B 203 -9.67 41.38 38.18
CA VAL B 203 -8.41 41.01 37.54
C VAL B 203 -7.31 41.20 38.56
N LEU B 204 -6.48 40.17 38.73
CA LEU B 204 -5.49 40.13 39.81
C LEU B 204 -4.38 41.14 39.54
N GLY B 205 -4.17 42.06 40.48
CA GLY B 205 -3.12 43.04 40.36
C GLY B 205 -3.42 44.18 39.39
N PHE B 206 -4.66 44.32 38.95
CA PHE B 206 -5.02 45.29 37.93
C PHE B 206 -5.46 46.60 38.57
N LYS B 207 -4.80 47.69 38.17
CA LYS B 207 -5.13 49.03 38.65
C LYS B 207 -5.74 49.83 37.52
N PRO B 208 -7.03 50.15 37.55
CA PRO B 208 -7.63 50.92 36.46
C PRO B 208 -7.08 52.33 36.40
N LYS B 209 -6.97 52.85 35.19
CA LYS B 209 -6.55 54.23 34.96
C LYS B 209 -7.70 54.99 34.31
N PRO B 210 -8.33 55.92 35.00
CA PRO B 210 -9.44 56.68 34.42
C PRO B 210 -8.95 57.62 33.34
N PRO B 211 -9.81 58.01 32.40
CA PRO B 211 -9.37 58.88 31.30
C PRO B 211 -8.88 60.23 31.83
N LYS B 212 -7.87 60.76 31.15
CA LYS B 212 -7.32 62.06 31.50
C LYS B 212 -8.18 63.16 30.86
N THR B 218 -16.56 60.78 25.48
CA THR B 218 -17.93 61.03 25.86
C THR B 218 -18.07 62.36 26.61
N TYR B 219 -19.26 62.61 27.15
CA TYR B 219 -19.53 63.85 27.86
C TYR B 219 -18.81 63.86 29.20
N PRO B 220 -18.31 65.01 29.64
CA PRO B 220 -17.73 65.09 30.99
C PRO B 220 -18.81 64.97 32.05
N LEU B 221 -18.52 64.20 33.10
CA LEU B 221 -19.52 63.85 34.10
C LEU B 221 -20.06 65.06 34.86
N THR B 222 -19.37 66.21 34.81
CA THR B 222 -19.72 67.45 35.50
C THR B 222 -19.50 67.29 37.00
N MET B 223 -19.21 66.07 37.43
CA MET B 223 -18.63 65.76 38.74
C MET B 223 -17.49 64.82 38.42
N LYS B 224 -16.34 65.40 38.06
CA LYS B 224 -15.32 64.66 37.31
C LYS B 224 -14.57 63.68 38.20
N TYR B 225 -13.79 64.19 39.16
CA TYR B 225 -12.95 63.40 40.04
C TYR B 225 -12.29 62.23 39.31
N ASN B 226 -11.80 62.47 38.09
CA ASN B 226 -11.14 61.38 37.37
C ASN B 226 -9.85 60.88 38.01
N PRO B 227 -9.12 61.62 38.88
CA PRO B 227 -7.93 60.99 39.48
C PRO B 227 -8.23 59.72 40.24
N ASN B 228 -9.45 59.57 40.76
CA ASN B 228 -9.74 58.42 41.63
C ASN B 228 -11.11 57.79 41.36
N VAL B 229 -11.68 57.98 40.17
CA VAL B 229 -12.96 57.39 39.82
C VAL B 229 -12.93 56.94 38.36
N LEU B 230 -13.39 55.72 38.10
CA LEU B 230 -13.45 55.19 36.76
C LEU B 230 -14.87 55.36 36.22
N PRO B 231 -15.10 56.25 35.26
CA PRO B 231 -16.48 56.58 34.88
C PRO B 231 -17.21 55.42 34.23
N VAL B 232 -18.50 55.32 34.53
CA VAL B 232 -19.41 54.38 33.88
C VAL B 232 -20.66 55.14 33.45
N GLN B 233 -21.07 54.94 32.20
CA GLN B 233 -22.20 55.66 31.63
C GLN B 233 -23.10 54.71 30.88
N CYS B 234 -24.37 54.64 31.29
CA CYS B 234 -25.35 53.79 30.64
C CYS B 234 -26.25 54.65 29.76
N THR B 235 -26.35 54.29 28.47
CA THR B 235 -27.16 55.02 27.52
C THR B 235 -27.84 54.02 26.58
N GLY B 236 -28.91 54.48 25.94
CA GLY B 236 -29.59 53.63 24.98
C GLY B 236 -28.69 53.29 23.81
N LYS B 237 -28.85 52.06 23.31
CA LYS B 237 -27.98 51.58 22.23
C LYS B 237 -28.33 52.19 20.89
N ARG B 238 -29.59 52.51 20.65
CA ARG B 238 -30.04 53.07 19.39
C ARG B 238 -30.71 54.41 19.63
N ASP B 239 -30.94 55.15 18.54
CA ASP B 239 -31.63 56.43 18.65
C ASP B 239 -33.06 56.24 19.15
N GLU B 240 -33.75 55.23 18.64
CA GLU B 240 -35.09 54.93 19.11
C GLU B 240 -35.10 54.35 20.53
N ASP B 241 -33.94 53.97 21.05
CA ASP B 241 -33.80 53.60 22.46
C ASP B 241 -33.32 54.75 23.32
N LYS B 242 -32.46 55.62 22.79
CA LYS B 242 -32.09 56.83 23.49
C LYS B 242 -33.29 57.74 23.71
N ASP B 243 -34.21 57.76 22.74
CA ASP B 243 -35.41 58.57 22.88
C ASP B 243 -36.38 57.96 23.90
N LYS B 244 -36.32 56.65 24.11
CA LYS B 244 -37.27 55.95 24.96
C LYS B 244 -36.71 55.52 26.30
N VAL B 245 -35.39 55.65 26.53
CA VAL B 245 -34.81 55.20 27.79
C VAL B 245 -35.29 56.07 28.95
N GLY B 246 -35.52 57.35 28.71
CA GLY B 246 -36.00 58.24 29.75
C GLY B 246 -34.88 58.71 30.66
N ASN B 247 -35.10 58.61 31.96
CA ASN B 247 -34.16 59.12 32.96
C ASN B 247 -33.42 57.96 33.61
N ILE B 248 -32.10 58.07 33.69
CA ILE B 248 -31.24 57.07 34.31
C ILE B 248 -30.55 57.70 35.51
N GLU B 249 -30.67 57.07 36.68
CA GLU B 249 -30.08 57.57 37.91
C GLU B 249 -29.09 56.55 38.43
N TYR B 250 -27.83 56.98 38.58
CA TYR B 250 -26.78 56.13 39.10
C TYR B 250 -26.62 56.33 40.60
N PHE B 251 -26.25 55.27 41.30
CA PHE B 251 -26.00 55.31 42.73
C PHE B 251 -24.64 54.70 43.01
N GLY B 252 -23.62 55.55 43.17
CA GLY B 252 -22.29 55.09 43.46
C GLY B 252 -21.79 55.65 44.78
N MET B 253 -20.55 55.31 45.11
CA MET B 253 -19.96 55.77 46.36
C MET B 253 -19.68 57.26 46.31
N GLY B 254 -20.07 57.97 47.36
CA GLY B 254 -19.79 59.39 47.45
C GLY B 254 -20.46 60.24 46.40
N GLY B 255 -21.53 59.75 45.78
CA GLY B 255 -22.19 60.50 44.74
C GLY B 255 -21.47 60.52 43.41
N PHE B 256 -20.47 59.67 43.21
CA PHE B 256 -19.70 59.61 41.99
C PHE B 256 -20.09 58.37 41.20
N TYR B 257 -20.44 58.57 39.93
CA TYR B 257 -20.96 57.49 39.09
C TYR B 257 -19.78 56.74 38.48
N GLY B 258 -19.24 55.82 39.26
CA GLY B 258 -18.12 55.01 38.78
C GLY B 258 -17.54 54.19 39.92
N PHE B 259 -16.52 53.40 39.56
CA PHE B 259 -15.85 52.55 40.52
C PHE B 259 -14.68 53.31 41.13
N PRO B 260 -14.67 53.55 42.44
CA PRO B 260 -13.53 54.21 43.06
C PRO B 260 -12.27 53.37 42.92
N LEU B 261 -11.13 54.04 42.80
CA LEU B 261 -9.87 53.38 42.52
C LEU B 261 -9.17 52.86 43.76
N GLN B 262 -9.72 53.11 44.95
CA GLN B 262 -9.08 52.72 46.20
C GLN B 262 -9.32 51.27 46.56
N TYR B 263 -10.13 50.54 45.79
CA TYR B 263 -10.34 49.11 45.98
C TYR B 263 -9.44 48.27 45.11
N TYR B 264 -8.46 48.88 44.44
CA TYR B 264 -7.58 48.20 43.53
C TYR B 264 -6.13 48.41 43.95
N PRO B 265 -5.24 47.45 43.67
CA PRO B 265 -5.48 46.20 42.94
C PRO B 265 -6.04 45.06 43.79
N TYR B 266 -6.72 44.13 43.14
CA TYR B 266 -7.13 42.89 43.77
C TYR B 266 -5.92 41.99 43.97
N TYR B 267 -5.90 41.22 45.06
CA TYR B 267 -4.73 40.42 45.40
C TYR B 267 -4.96 38.92 45.33
N GLY B 268 -6.17 38.46 45.03
CA GLY B 268 -6.33 37.12 44.47
C GLY B 268 -6.68 35.93 45.34
N LYS B 269 -7.75 36.05 46.15
CA LYS B 269 -8.45 34.90 46.71
C LYS B 269 -7.64 34.16 47.76
N LEU B 270 -6.37 34.48 47.88
CA LEU B 270 -5.50 33.89 48.89
C LEU B 270 -4.91 34.94 49.81
N LEU B 271 -4.38 36.02 49.25
CA LEU B 271 -3.98 37.16 50.06
C LEU B 271 -5.20 37.96 50.50
N GLN B 272 -6.22 38.04 49.64
CA GLN B 272 -7.45 38.79 49.91
C GLN B 272 -8.68 37.94 49.69
N PRO B 273 -8.99 37.01 50.59
CA PRO B 273 -10.35 36.48 50.66
C PRO B 273 -11.26 37.51 51.32
N LYS B 274 -12.56 37.29 51.19
CA LYS B 274 -13.57 38.22 51.70
C LYS B 274 -13.40 39.60 51.08
N TYR B 275 -13.07 39.64 49.79
CA TYR B 275 -12.84 40.87 49.07
C TYR B 275 -14.15 41.36 48.46
N LEU B 276 -14.48 42.62 48.71
CA LEU B 276 -15.73 43.22 48.24
C LEU B 276 -15.45 44.18 47.10
N GLN B 277 -16.06 43.91 45.95
CA GLN B 277 -15.91 44.76 44.79
C GLN B 277 -16.60 46.10 45.00
N PRO B 278 -16.16 47.14 44.31
CA PRO B 278 -16.99 48.35 44.22
C PRO B 278 -18.14 48.12 43.26
N LEU B 279 -19.32 48.59 43.65
CA LEU B 279 -20.52 48.41 42.85
C LEU B 279 -21.11 49.76 42.48
N LEU B 280 -21.67 49.84 41.28
CA LEU B 280 -22.44 50.98 40.82
C LEU B 280 -23.85 50.52 40.51
N ALA B 281 -24.84 51.13 41.14
CA ALA B 281 -26.23 50.77 40.94
C ALA B 281 -26.87 51.77 39.99
N VAL B 282 -27.55 51.27 38.97
CA VAL B 282 -28.20 52.08 37.95
C VAL B 282 -29.70 51.84 38.02
N GLN B 283 -30.46 52.91 38.18
CA GLN B 283 -31.92 52.83 38.23
C GLN B 283 -32.51 53.61 37.06
N PHE B 284 -33.43 52.99 36.34
CA PHE B 284 -34.14 53.63 35.23
C PHE B 284 -35.48 54.06 35.78
N THR B 285 -35.53 55.29 36.32
CA THR B 285 -36.68 55.74 37.09
C THR B 285 -37.89 56.06 36.22
N ASN B 286 -37.70 56.20 34.90
CA ASN B 286 -38.81 56.56 34.01
C ASN B 286 -38.41 56.04 32.63
N LEU B 287 -39.08 54.98 32.18
CA LEU B 287 -38.85 54.43 30.85
C LEU B 287 -40.18 54.03 30.24
N THR B 288 -40.17 53.86 28.92
CA THR B 288 -41.39 53.57 28.18
C THR B 288 -41.99 52.23 28.62
N LEU B 289 -43.30 52.21 28.79
CA LEU B 289 -44.00 51.00 29.22
C LEU B 289 -44.28 50.09 28.04
N ASP B 290 -44.25 48.78 28.29
CA ASP B 290 -44.56 47.76 27.30
C ASP B 290 -43.71 47.91 26.03
N THR B 291 -42.39 47.99 26.23
CA THR B 291 -41.46 48.14 25.12
C THR B 291 -40.14 47.49 25.51
N GLU B 292 -39.47 46.88 24.53
CA GLU B 292 -38.14 46.31 24.72
C GLU B 292 -37.11 47.38 24.38
N ILE B 293 -36.34 47.81 25.38
CA ILE B 293 -35.38 48.91 25.24
C ILE B 293 -33.98 48.34 25.43
N ARG B 294 -33.09 48.63 24.49
CA ARG B 294 -31.71 48.19 24.57
C ARG B 294 -30.85 49.27 25.19
N ILE B 295 -30.00 48.88 26.13
CA ILE B 295 -29.18 49.82 26.90
C ILE B 295 -27.76 49.27 26.96
N GLU B 296 -26.79 50.13 26.69
CA GLU B 296 -25.38 49.76 26.70
C GLU B 296 -24.64 50.57 27.75
N CYS B 297 -23.94 49.88 28.64
CA CYS B 297 -23.15 50.51 29.69
C CYS B 297 -21.67 50.29 29.42
N LYS B 298 -20.88 51.35 29.54
CA LYS B 298 -19.46 51.31 29.21
C LYS B 298 -18.65 51.91 30.35
N ALA B 299 -17.48 51.33 30.59
CA ALA B 299 -16.51 51.88 31.53
C ALA B 299 -15.37 52.51 30.72
N TYR B 300 -15.04 53.75 31.04
CA TYR B 300 -14.08 54.52 30.26
C TYR B 300 -12.76 54.60 30.99
N GLY B 301 -11.67 54.40 30.24
CA GLY B 301 -10.33 54.49 30.79
C GLY B 301 -9.33 54.20 29.70
N GLU B 302 -8.06 54.19 30.10
CA GLU B 302 -7.00 53.81 29.18
C GLU B 302 -6.50 52.39 29.40
N ASN B 303 -6.74 51.81 30.58
CA ASN B 303 -6.61 50.36 30.74
C ASN B 303 -7.76 49.63 30.07
N ILE B 304 -8.95 50.21 30.10
CA ILE B 304 -10.16 49.51 29.67
C ILE B 304 -10.17 49.40 28.15
N GLY B 305 -10.42 48.20 27.66
CA GLY B 305 -10.45 47.93 26.24
C GLY B 305 -11.82 47.43 25.81
N TYR B 306 -12.14 47.65 24.54
CA TYR B 306 -13.40 47.22 23.96
C TYR B 306 -13.10 46.31 22.77
N SER B 307 -13.95 45.30 22.58
CA SER B 307 -13.75 44.33 21.52
C SER B 307 -15.03 44.17 20.72
N GLU B 308 -14.87 43.96 19.42
CA GLU B 308 -16.02 43.76 18.53
C GLU B 308 -16.56 42.35 18.58
N LYS B 309 -15.81 41.39 19.12
CA LYS B 309 -16.25 40.02 19.25
C LYS B 309 -16.67 39.64 20.66
N ASP B 310 -16.03 40.21 21.68
CA ASP B 310 -16.43 40.02 23.06
C ASP B 310 -17.41 41.12 23.42
N ARG B 311 -18.69 40.78 23.53
CA ARG B 311 -19.74 41.74 23.81
C ARG B 311 -19.77 42.18 25.27
N PHE B 312 -18.95 41.57 26.13
CA PHE B 312 -18.95 41.88 27.56
C PHE B 312 -17.59 42.34 28.05
N GLN B 313 -16.71 42.80 27.15
CA GLN B 313 -15.38 43.27 27.53
C GLN B 313 -15.41 44.79 27.61
N GLY B 314 -15.41 45.32 28.83
CA GLY B 314 -15.53 46.74 29.04
C GLY B 314 -16.92 47.29 28.81
N ARG B 315 -17.88 46.44 28.45
CA ARG B 315 -19.24 46.85 28.15
C ARG B 315 -20.19 45.73 28.54
N PHE B 316 -21.48 46.03 28.50
CA PHE B 316 -22.50 44.99 28.44
C PHE B 316 -23.76 45.59 27.86
N ASP B 317 -24.63 44.71 27.35
CA ASP B 317 -25.88 45.12 26.75
C ASP B 317 -27.02 44.39 27.47
N VAL B 318 -28.00 45.14 27.93
CA VAL B 318 -29.15 44.59 28.63
C VAL B 318 -30.41 45.20 28.02
N LYS B 319 -31.40 44.34 27.74
CA LYS B 319 -32.67 44.76 27.16
C LYS B 319 -33.70 44.77 28.28
N ILE B 320 -34.17 45.96 28.65
CA ILE B 320 -35.10 46.12 29.74
C ILE B 320 -36.50 46.30 29.16
N GLU B 321 -37.43 45.43 29.56
CA GLU B 321 -38.83 45.54 29.19
C GLU B 321 -39.67 45.56 30.45
N VAL B 322 -40.58 46.52 30.54
CA VAL B 322 -41.51 46.63 31.66
C VAL B 322 -42.91 46.56 31.08
N LYS B 323 -43.67 45.55 31.51
CA LYS B 323 -45.01 45.30 30.99
C LYS B 323 -46.06 45.80 31.98
N SER B 324 -47.22 46.17 31.46
CA SER B 324 -48.30 46.68 32.30
C SER B 324 -49.58 45.88 32.10
PG ACP C . 14.77 -27.21 -21.32
O1G ACP C . 14.21 -26.50 -22.48
O2G ACP C . 13.58 -28.02 -20.59
O3G ACP C . 15.42 -26.16 -20.29
PB ACP C . 17.12 -27.53 -23.05
O1B ACP C . 17.49 -26.21 -22.50
O2B ACP C . 16.33 -27.32 -24.44
C3B ACP C . 16.04 -28.38 -21.88
PA ACP C . 19.55 -27.92 -24.37
O1A ACP C . 20.40 -26.86 -23.73
O2A ACP C . 18.86 -27.65 -25.68
O3A ACP C . 18.44 -28.40 -23.31
O5' ACP C . 20.44 -29.25 -24.56
C5' ACP C . 21.55 -29.30 -25.45
C4' ACP C . 21.49 -30.63 -26.19
O4' ACP C . 20.68 -30.48 -27.37
C3' ACP C . 22.87 -31.09 -26.64
O3' ACP C . 23.19 -32.31 -25.96
C2' ACP C . 22.77 -31.32 -28.13
O2' ACP C . 23.14 -32.67 -28.45
C1' ACP C . 21.32 -31.07 -28.50
N9 ACP C . 21.27 -30.10 -29.63
C8 ACP C . 21.17 -28.75 -29.51
N7 ACP C . 21.15 -28.15 -30.72
C5 ACP C . 21.23 -29.12 -31.65
C6 ACP C . 21.25 -29.17 -33.14
N6 ACP C . 21.18 -28.03 -33.87
N1 ACP C . 21.34 -30.38 -33.71
C2 ACP C . 21.41 -31.51 -32.99
N3 ACP C . 21.39 -31.54 -31.65
C4 ACP C . 21.30 -30.40 -30.93
C1 PCW D . 7.89 29.13 31.77
C2 PCW D . 8.16 28.29 30.53
C3 PCW D . 9.49 28.71 29.91
C4 PCW D . 7.21 34.03 32.98
C5 PCW D . 6.49 35.18 32.26
C6 PCW D . 7.50 36.78 33.75
C7 PCW D . 5.53 37.36 32.51
C8 PCW D . 5.40 35.79 34.32
C11 PCW D . 10.36 30.06 28.00
C12 PCW D . 10.13 30.69 26.65
C13 PCW D . 10.82 29.86 25.58
C14 PCW D . 10.64 28.36 25.83
C15 PCW D . 11.23 27.54 24.69
C16 PCW D . 11.70 26.19 25.19
C17 PCW D . 10.58 25.42 25.90
C18 PCW D . 11.15 24.21 26.61
C19 PCW D . 10.05 23.34 27.15
C20 PCW D . 10.06 22.04 26.90
C21 PCW D . 11.17 21.44 26.06
C22 PCW D . 12.07 20.59 26.93
C23 PCW D . 12.78 19.51 26.12
C24 PCW D . 13.65 20.09 25.01
C25 PCW D . 14.42 18.98 24.33
C26 PCW D . 15.40 19.52 23.29
C27 PCW D . 16.30 18.41 22.76
C28 PCW D . 17.12 17.80 23.88
C31 PCW D . 6.96 26.23 30.64
C32 PCW D . 6.65 24.92 31.33
C33 PCW D . 7.29 23.78 30.54
C34 PCW D . 6.94 22.44 31.16
C35 PCW D . 7.56 21.30 30.36
C36 PCW D . 7.44 19.97 31.09
C37 PCW D . 8.35 18.94 30.46
C38 PCW D . 8.59 17.77 31.40
C39 PCW D . 9.74 16.94 30.89
C40 PCW D . 10.81 16.76 31.65
N PCW D . 6.24 36.28 33.21
O2 PCW D . 8.22 26.92 30.89
O3 PCW D . 9.24 29.52 28.76
O11 PCW D . 11.49 29.99 28.47
O31 PCW D . 6.16 26.73 29.88
O1P PCW D . 9.59 31.84 32.71
O2P PCW D . 7.34 31.16 33.85
O3P PCW D . 7.84 30.52 31.46
O4P PCW D . 7.42 32.95 32.08
P PCW D . 8.10 31.59 32.63
C1 PCW E . -3.41 19.25 43.30
C2 PCW E . -3.81 17.83 42.91
C3 PCW E . -2.69 17.16 42.11
C4 PCW E . -2.15 23.69 41.26
C5 PCW E . -0.74 24.27 41.20
C6 PCW E . 0.58 23.17 42.88
C7 PCW E . 0.85 25.50 42.46
C8 PCW E . -1.11 24.72 43.55
C11 PCW E . -2.41 16.42 39.75
C12 PCW E . -2.82 16.53 38.29
C13 PCW E . -4.34 16.52 38.19
C14 PCW E . -4.80 16.01 36.84
C15 PCW E . -6.32 16.04 36.74
C16 PCW E . -6.81 15.12 35.64
C17 PCW E . -8.33 15.21 35.49
C18 PCW E . -8.89 14.04 34.69
C19 PCW E . -8.19 13.97 33.35
C20 PCW E . -7.64 12.83 32.96
C21 PCW E . -6.94 12.72 31.63
C22 PCW E . -5.58 12.10 31.81
C23 PCW E . -5.03 11.58 30.48
C24 PCW E . -5.81 10.34 30.04
C25 PCW E . -5.36 9.90 28.65
C26 PCW E . -5.69 8.42 28.41
C27 PCW E . -7.18 8.16 28.61
C28 PCW E . -7.50 6.69 28.42
C31 PCW E . -5.51 17.06 44.42
C32 PCW E . -6.11 15.87 45.14
C33 PCW E . -7.62 15.86 44.95
C34 PCW E . -8.01 15.51 43.51
C35 PCW E . -7.38 14.19 43.06
C36 PCW E . -7.71 13.90 41.61
C37 PCW E . -6.87 12.75 41.07
C38 PCW E . -6.99 12.68 39.55
C39 PCW E . -5.78 11.99 38.97
C40 PCW E . -5.84 11.48 37.74
C41 PCW E . -4.65 10.79 37.14
C42 PCW E . -5.12 9.74 36.14
C43 PCW E . -3.97 9.24 35.29
C44 PCW E . -4.47 8.40 34.12
C45 PCW E . -3.32 7.78 33.34
C46 PCW E . -3.84 6.79 32.31
C47 PCW E . -2.71 6.01 31.66
C48 PCW E . -3.24 4.93 30.75
N PCW E . -0.11 24.41 42.51
O2 PCW E . -4.09 17.06 44.08
O3 PCW E . -2.92 17.37 40.72
O11 PCW E . -1.65 15.54 40.12
O31 PCW E . -6.20 18.03 44.14
O1P PCW E . -3.63 22.06 43.56
O2P PCW E . -4.62 21.81 41.17
O3P PCW E . -3.11 20.03 42.15
O4P PCW E . -2.15 22.30 41.54
P PCW E . -3.48 21.60 42.13
C1 CLR F . -2.50 -12.30 22.15
C2 CLR F . -1.96 -12.97 20.89
C3 CLR F . -3.09 -13.31 19.93
C4 CLR F . -3.92 -12.06 19.63
C5 CLR F . -4.37 -11.34 20.88
C6 CLR F . -5.65 -11.27 21.19
C7 CLR F . -6.21 -10.53 22.36
C8 CLR F . -5.14 -9.65 23.03
C9 CLR F . -3.84 -10.45 23.20
C10 CLR F . -3.26 -10.99 21.86
C11 CLR F . -2.83 -9.63 24.01
C12 CLR F . -3.39 -9.11 25.34
C13 CLR F . -4.65 -8.27 25.15
C14 CLR F . -5.63 -9.17 24.38
C15 CLR F . -6.96 -8.44 24.47
C16 CLR F . -6.94 -7.86 25.90
C17 CLR F . -5.48 -7.96 26.42
C18 CLR F . -4.34 -6.97 24.40
C19 CLR F . -2.30 -9.99 21.20
C20 CLR F . -5.10 -6.75 27.31
C21 CLR F . -3.81 -6.93 28.09
C22 CLR F . -6.24 -6.45 28.29
C23 CLR F . -6.03 -5.21 29.15
C24 CLR F . -6.04 -3.94 28.31
C25 CLR F . -6.02 -2.63 29.12
C26 CLR F . -6.54 -1.49 28.26
C27 CLR F . -6.84 -2.74 30.41
O1 CLR F . -2.52 -13.84 18.74
NA NA G . -6.12 8.24 11.45
NA NA H . -2.61 9.51 12.18
C1 NAG I . -35.36 57.42 45.28
C2 NAG I . -36.54 57.32 46.25
C3 NAG I . -37.19 58.67 46.42
C4 NAG I . -36.15 59.71 46.84
C5 NAG I . -34.97 59.70 45.89
C6 NAG I . -33.87 60.62 46.38
C7 NAG I . -37.61 55.13 46.32
C8 NAG I . -38.54 54.18 45.62
N2 NAG I . -37.51 56.35 45.78
O3 NAG I . -38.21 58.59 47.43
O4 NAG I . -36.74 61.00 46.84
O5 NAG I . -34.42 58.38 45.77
O6 NAG I . -32.71 60.47 45.54
O7 NAG I . -36.97 54.82 47.31
#